data_8UF8
#
_entry.id   8UF8
#
_cell.length_a   1.00
_cell.length_b   1.00
_cell.length_c   1.00
_cell.angle_alpha   90.00
_cell.angle_beta   90.00
_cell.angle_gamma   90.00
#
_symmetry.space_group_name_H-M   'P 1'
#
_entity_poly.entity_id   1
_entity_poly.type   'polypeptide(L)'
_entity_poly.pdbx_seq_one_letter_code
;MPASAPPRRPRPPPPSLSLLLVLLGLGGRRLRAEPGDGAQTWARFSRPPAPEAAGLFQGTFPDGFLWAVGSAAYQTEGGW
QQHGKGASIWDTFTHHPLAPPGDSRNASLPLGAPSPLQPATGDVASDSYNNVFRDTEALRELGVTHYRFSISWARVLPNG
SAGVPNREGLRYYRRLLERLRELGVQPVVTLYHWDLPQRLQDAYGGWANRALADHFRDYAELCFRHFGGQVKYWITIDNP
YVVAWHGYATGRLAPGIRGSPRLGYLVAHNLLLAHAKVWHLYNTSFRPTQGGQVSIALSSHWINPRRMTDHSIKECQKSL
DFVLGWFAKPVFIDGDYPESMKNNLSSILPDFTESEKKFIKGTADFFALCFGPTLSFQLLDPHMKFRQLESPNLRQLLSW
IDLEFNHPQIFIVENGWFVSGTTKRDDAKYMYYLKKFIMETLKAIKLDGVDVIGYTAWSLMDGFEWHRGYSIRRGLFYVD
FLSQDKMLLPKSSALFYQKLIEKNGFPPLPENQPLEGTFPCDFAWGVVDNYIQVDTTLSQFTDLNVYLWDVHHSKRLIKV
DGVVTKKRKSYCVDFAAIQPQIALLQEMHVTHFRFSLDWALILPLGNQSQVNHTILQYYRCMASELVRVNITPVVALWQP
MAPNQGLPRLLARQGAWENPYTALAFAEYARLCFQELGHHVKLWITMNEPYTRNMTYSAGHNLLKAHALAWHVYNEKFRH
AQNGKISIALQADWIEPACPFSQKDKEVAERVLEFDIGWLAEPIFGSGDYPWVMRDWLNQRNNFLLPYFTEDEKKLIQGT
FDFLALSHYTTILVDSEKEDPIKYNDYLEVQEMTDITWLNSPSQVAVVPWGLRKVLNWLKFKYGDLPMYIISNGIDDGLH
AEDDQLRVYYMQNYINEALKAHILDGINLCGYFAYSFNDRTAPRFGLYRYAADQFEPKASMKHYRKIIDSNGFPGPETLE
RFCPEEFTVCTECSFFHTRKSLLAFIAFLFFASIISLSLIFYYSKKGRRSYK
;
_entity_poly.pdbx_strand_id   A,B
#
# COMPACT_ATOMS: atom_id res chain seq x y z
N GLU A 34 -44.22 28.30 31.14
CA GLU A 34 -43.59 29.58 30.85
C GLU A 34 -42.14 29.41 30.41
N PRO A 35 -41.70 30.24 29.47
CA PRO A 35 -40.32 30.12 28.96
C PRO A 35 -39.30 30.33 30.07
N GLY A 36 -38.09 29.81 29.82
CA GLY A 36 -36.99 29.94 30.73
C GLY A 36 -36.71 28.69 31.55
N ASP A 37 -37.75 27.94 31.92
CA ASP A 37 -37.54 26.71 32.68
C ASP A 37 -36.82 25.64 31.88
N GLY A 38 -36.64 25.81 30.58
CA GLY A 38 -35.93 24.83 29.77
C GLY A 38 -34.46 24.71 30.13
N ALA A 39 -33.91 25.71 30.83
CA ALA A 39 -32.53 25.65 31.28
C ALA A 39 -32.27 24.45 32.19
N GLN A 40 -33.32 23.93 32.84
CA GLN A 40 -33.16 22.77 33.72
C GLN A 40 -33.10 21.46 32.96
N THR A 41 -33.33 21.47 31.63
CA THR A 41 -33.33 20.22 30.89
C THR A 41 -31.93 19.67 30.73
N TRP A 42 -30.96 20.53 30.40
CA TRP A 42 -29.60 20.06 30.22
C TRP A 42 -29.01 19.59 31.54
N ALA A 43 -29.37 20.25 32.64
CA ALA A 43 -29.01 19.76 33.97
C ALA A 43 -29.68 18.41 34.23
N ARG A 44 -31.00 18.35 34.06
CA ARG A 44 -31.76 17.16 34.42
C ARG A 44 -31.37 15.94 33.59
N PHE A 45 -30.74 16.13 32.43
CA PHE A 45 -30.30 15.01 31.62
C PHE A 45 -28.78 14.97 31.41
N SER A 46 -28.02 15.79 32.14
CA SER A 46 -26.57 15.63 32.20
C SER A 46 -26.15 14.69 33.31
N ARG A 47 -27.08 14.24 34.15
CA ARG A 47 -26.80 13.33 35.25
C ARG A 47 -27.83 12.21 35.21
N PRO A 48 -27.49 11.05 34.67
CA PRO A 48 -28.44 9.94 34.60
C PRO A 48 -28.68 9.36 35.99
N PRO A 49 -29.93 9.32 36.45
CA PRO A 49 -30.20 8.79 37.80
C PRO A 49 -29.81 7.33 37.94
N ALA A 50 -29.98 6.53 36.89
CA ALA A 50 -29.62 5.12 36.92
C ALA A 50 -29.58 4.62 35.49
N PRO A 51 -28.80 3.57 35.20
CA PRO A 51 -28.91 2.92 33.89
C PRO A 51 -30.18 2.11 33.72
N GLU A 52 -30.74 1.59 34.82
CA GLU A 52 -32.06 0.98 34.79
C GLU A 52 -33.07 1.82 34.01
N ALA A 53 -33.18 3.10 34.35
CA ALA A 53 -34.11 3.98 33.64
C ALA A 53 -33.53 4.53 32.35
N ALA A 54 -32.19 4.58 32.23
CA ALA A 54 -31.58 5.04 30.99
C ALA A 54 -31.86 4.08 29.84
N GLY A 55 -31.90 2.78 30.13
CA GLY A 55 -32.24 1.78 29.13
C GLY A 55 -33.73 1.51 29.07
N LEU A 56 -34.33 1.23 30.23
CA LEU A 56 -35.75 0.88 30.33
C LEU A 56 -36.08 -0.32 29.44
N PHE A 57 -35.54 -1.46 29.87
CA PHE A 57 -35.74 -2.76 29.22
C PHE A 57 -37.16 -3.30 29.35
N GLN A 58 -38.08 -2.55 29.97
CA GLN A 58 -39.43 -3.16 30.15
C GLN A 58 -40.49 -2.10 29.85
N GLY A 59 -41.64 -2.21 30.51
CA GLY A 59 -42.68 -1.20 30.35
C GLY A 59 -43.44 -1.32 29.04
N THR A 60 -44.68 -0.85 29.03
CA THR A 60 -45.55 -0.88 27.86
C THR A 60 -46.21 0.47 27.66
N PHE A 61 -46.64 0.72 26.44
CA PHE A 61 -47.34 1.96 26.13
C PHE A 61 -48.78 1.89 26.62
N PRO A 62 -49.26 2.92 27.33
CA PRO A 62 -50.58 2.84 27.96
C PRO A 62 -51.70 2.71 26.93
N ASP A 63 -52.90 2.45 27.45
CA ASP A 63 -54.08 2.29 26.60
C ASP A 63 -54.31 3.56 25.79
N GLY A 64 -54.47 3.39 24.48
CA GLY A 64 -54.72 4.51 23.60
C GLY A 64 -53.48 5.29 23.23
N PHE A 65 -52.37 4.60 22.93
CA PHE A 65 -51.17 5.23 22.38
C PHE A 65 -51.14 4.92 20.89
N LEU A 66 -51.26 5.96 20.07
CA LEU A 66 -51.41 5.77 18.63
C LEU A 66 -50.10 5.29 18.01
N TRP A 67 -50.24 4.62 16.86
CA TRP A 67 -49.10 4.27 16.02
C TRP A 67 -49.45 4.59 14.58
N ALA A 68 -48.51 5.21 13.87
CA ALA A 68 -48.70 5.54 12.46
C ALA A 68 -47.40 5.34 11.70
N VAL A 69 -47.50 5.44 10.38
CA VAL A 69 -46.35 5.33 9.49
C VAL A 69 -46.40 6.50 8.52
N GLY A 70 -45.23 6.93 8.06
CA GLY A 70 -45.14 8.18 7.32
C GLY A 70 -44.95 8.04 5.82
N SER A 71 -45.24 9.13 5.10
CA SER A 71 -45.08 9.22 3.66
C SER A 71 -45.16 10.69 3.26
N ALA A 72 -44.34 11.08 2.30
CA ALA A 72 -44.29 12.47 1.83
C ALA A 72 -44.97 12.61 0.49
N ALA A 73 -45.23 13.86 0.12
CA ALA A 73 -46.05 14.18 -1.05
C ALA A 73 -45.27 14.11 -2.36
N TYR A 74 -43.94 13.98 -2.29
CA TYR A 74 -43.11 13.86 -3.47
C TYR A 74 -42.08 12.75 -3.36
N GLN A 75 -41.86 12.20 -2.17
CA GLN A 75 -41.01 11.04 -2.01
C GLN A 75 -41.53 9.82 -2.77
N THR A 76 -42.85 9.61 -2.77
CA THR A 76 -43.40 8.31 -3.12
C THR A 76 -44.55 8.33 -4.12
N GLU A 77 -45.02 9.51 -4.54
CA GLU A 77 -46.25 9.54 -5.32
C GLU A 77 -45.96 9.39 -6.81
N GLY A 78 -45.08 10.21 -7.36
CA GLY A 78 -44.75 10.13 -8.76
C GLY A 78 -45.78 10.69 -9.71
N GLY A 79 -45.31 11.21 -10.84
CA GLY A 79 -46.20 11.75 -11.85
C GLY A 79 -46.40 13.24 -11.74
N TRP A 80 -46.51 13.90 -12.89
CA TRP A 80 -46.54 15.36 -12.96
C TRP A 80 -47.68 15.90 -13.82
N GLN A 81 -48.26 15.08 -14.70
CA GLN A 81 -49.38 15.49 -15.53
C GLN A 81 -50.49 14.47 -15.56
N GLN A 82 -50.36 13.37 -14.82
CA GLN A 82 -51.37 12.31 -14.84
C GLN A 82 -52.71 12.86 -14.36
N HIS A 83 -53.74 12.68 -15.19
CA HIS A 83 -55.13 12.96 -14.84
C HIS A 83 -55.38 14.43 -14.48
N GLY A 84 -54.40 15.29 -14.70
CA GLY A 84 -54.55 16.71 -14.42
C GLY A 84 -53.79 17.23 -13.22
N LYS A 85 -52.62 16.66 -12.95
CA LYS A 85 -51.81 17.11 -11.83
C LYS A 85 -51.08 18.40 -12.20
N GLY A 86 -51.00 19.32 -11.24
CA GLY A 86 -50.22 20.53 -11.43
C GLY A 86 -48.74 20.32 -11.18
N ALA A 87 -47.93 21.15 -11.84
CA ALA A 87 -46.49 21.02 -11.74
C ALA A 87 -46.01 21.46 -10.36
N SER A 88 -45.03 20.73 -9.83
CA SER A 88 -44.44 21.09 -8.54
C SER A 88 -43.25 22.02 -8.75
N ILE A 89 -42.90 22.76 -7.69
CA ILE A 89 -41.65 23.49 -7.69
C ILE A 89 -40.46 22.54 -7.72
N TRP A 90 -40.66 21.28 -7.34
CA TRP A 90 -39.56 20.33 -7.41
C TRP A 90 -39.43 19.72 -8.81
N ASP A 91 -40.56 19.55 -9.50
CA ASP A 91 -40.52 19.30 -10.94
C ASP A 91 -39.67 20.34 -11.65
N THR A 92 -39.76 21.61 -11.22
CA THR A 92 -38.90 22.65 -11.76
C THR A 92 -37.49 22.57 -11.20
N PHE A 93 -37.34 22.02 -9.99
CA PHE A 93 -36.04 22.01 -9.33
C PHE A 93 -35.17 20.86 -9.81
N THR A 94 -35.74 19.67 -9.99
CA THR A 94 -34.94 18.50 -10.33
C THR A 94 -34.29 18.66 -11.71
N HIS A 95 -34.91 19.45 -12.59
CA HIS A 95 -34.45 19.53 -13.97
C HIS A 95 -33.02 20.05 -14.07
N HIS A 96 -32.62 20.92 -13.14
CA HIS A 96 -31.27 21.49 -13.12
C HIS A 96 -30.90 21.86 -11.68
N PRO A 97 -30.02 21.09 -11.04
CA PRO A 97 -29.59 21.34 -9.66
C PRO A 97 -28.80 22.64 -9.51
N ALA A 120 -33.68 11.68 -8.39
CA ALA A 120 -33.30 12.60 -9.49
C ALA A 120 -34.55 13.25 -10.08
N THR A 121 -35.72 12.63 -9.91
CA THR A 121 -36.97 13.17 -10.43
C THR A 121 -38.13 12.55 -9.65
N GLY A 122 -39.31 13.12 -9.84
CA GLY A 122 -40.51 12.66 -9.18
C GLY A 122 -41.64 12.48 -10.17
N ASP A 123 -41.29 12.50 -11.45
CA ASP A 123 -42.21 12.13 -12.51
C ASP A 123 -42.44 10.63 -12.57
N VAL A 124 -41.56 9.87 -11.91
CA VAL A 124 -41.70 8.39 -11.84
C VAL A 124 -41.32 7.98 -10.42
N ALA A 125 -42.08 8.45 -9.43
CA ALA A 125 -41.68 8.19 -8.03
C ALA A 125 -42.58 7.14 -7.36
N SER A 126 -42.17 5.88 -7.36
CA SER A 126 -42.89 4.81 -6.59
C SER A 126 -44.34 4.51 -6.96
N ASP A 127 -45.00 5.21 -7.90
CA ASP A 127 -46.35 4.78 -8.26
C ASP A 127 -47.29 4.69 -7.05
N SER A 128 -47.61 5.86 -6.49
CA SER A 128 -48.81 5.95 -5.65
C SER A 128 -49.69 7.13 -6.10
N TYR A 129 -50.40 6.92 -7.20
CA TYR A 129 -51.45 7.85 -7.63
C TYR A 129 -52.60 7.13 -8.31
N ASN A 130 -52.55 5.81 -8.44
CA ASN A 130 -53.53 5.05 -9.22
C ASN A 130 -54.01 3.78 -8.54
N ASN A 131 -53.38 3.33 -7.46
CA ASN A 131 -53.61 2.00 -6.91
C ASN A 131 -53.66 2.08 -5.39
N VAL A 132 -54.80 1.67 -4.83
CA VAL A 132 -55.02 1.78 -3.39
C VAL A 132 -54.64 0.48 -2.68
N PHE A 133 -54.67 -0.65 -3.38
CA PHE A 133 -54.49 -1.95 -2.74
C PHE A 133 -53.02 -2.26 -2.51
N ARG A 134 -52.15 -1.88 -3.45
CA ARG A 134 -50.74 -2.23 -3.34
C ARG A 134 -50.10 -1.55 -2.14
N ASP A 135 -50.31 -0.23 -2.00
CA ASP A 135 -49.73 0.50 -0.88
C ASP A 135 -50.25 -0.05 0.45
N THR A 136 -51.57 -0.23 0.56
CA THR A 136 -52.18 -0.64 1.82
C THR A 136 -51.96 -2.11 2.13
N GLU A 137 -51.47 -2.90 1.17
CA GLU A 137 -51.01 -4.24 1.48
C GLU A 137 -49.86 -4.19 2.49
N ALA A 138 -48.92 -3.28 2.26
CA ALA A 138 -47.87 -3.02 3.25
C ALA A 138 -48.47 -2.67 4.59
N LEU A 139 -49.55 -1.89 4.60
CA LEU A 139 -50.13 -1.46 5.87
C LEU A 139 -50.75 -2.64 6.61
N ARG A 140 -51.52 -3.47 5.89
CA ARG A 140 -52.08 -4.67 6.48
C ARG A 140 -50.99 -5.57 7.02
N GLU A 141 -49.90 -5.74 6.29
CA GLU A 141 -48.74 -6.45 6.82
C GLU A 141 -48.22 -5.79 8.08
N LEU A 142 -48.30 -4.46 8.15
CA LEU A 142 -47.87 -3.73 9.35
C LEU A 142 -48.92 -3.77 10.45
N GLY A 143 -50.20 -3.92 10.10
CA GLY A 143 -51.25 -3.87 11.10
C GLY A 143 -51.29 -2.61 11.92
N VAL A 144 -50.68 -1.53 11.44
CA VAL A 144 -50.60 -0.30 12.21
C VAL A 144 -51.98 0.37 12.27
N THR A 145 -52.30 0.93 13.43
CA THR A 145 -53.61 1.56 13.64
C THR A 145 -53.80 2.80 12.77
N HIS A 146 -52.73 3.53 12.45
CA HIS A 146 -52.84 4.79 11.74
C HIS A 146 -51.82 4.85 10.61
N TYR A 147 -52.01 5.84 9.74
CA TYR A 147 -51.14 6.02 8.57
C TYR A 147 -51.05 7.50 8.26
N ARG A 148 -49.85 8.06 8.38
CA ARG A 148 -49.59 9.46 8.08
C ARG A 148 -49.10 9.62 6.65
N PHE A 149 -49.69 10.58 5.93
CA PHE A 149 -49.27 10.90 4.58
C PHE A 149 -49.37 12.41 4.41
N SER A 150 -49.39 12.87 3.16
CA SER A 150 -49.59 14.28 2.88
C SER A 150 -50.58 14.44 1.73
N ILE A 151 -50.93 15.70 1.45
CA ILE A 151 -51.56 16.08 0.19
C ILE A 151 -50.78 17.25 -0.40
N SER A 152 -50.22 17.03 -1.58
CA SER A 152 -49.61 18.13 -2.33
C SER A 152 -50.66 19.20 -2.63
N TRP A 153 -50.19 20.45 -2.71
CA TRP A 153 -51.08 21.57 -3.00
C TRP A 153 -51.42 21.65 -4.48
N ALA A 154 -50.45 21.39 -5.36
CA ALA A 154 -50.66 21.52 -6.79
C ALA A 154 -51.63 20.48 -7.35
N ARG A 155 -51.83 19.38 -6.64
CA ARG A 155 -52.62 18.27 -7.16
C ARG A 155 -54.06 18.68 -7.43
N VAL A 156 -54.76 19.13 -6.37
CA VAL A 156 -56.13 19.59 -6.53
C VAL A 156 -56.19 21.00 -7.13
N LEU A 157 -55.34 21.92 -6.66
CA LEU A 157 -55.35 23.29 -7.16
C LEU A 157 -54.00 23.68 -7.73
N PRO A 158 -53.84 23.69 -9.06
CA PRO A 158 -52.52 23.99 -9.62
C PRO A 158 -52.37 25.45 -10.03
N ASN A 159 -53.48 26.19 -10.06
CA ASN A 159 -53.46 27.53 -10.65
C ASN A 159 -52.84 28.53 -9.69
N GLY A 160 -52.65 29.75 -10.20
CA GLY A 160 -52.14 30.84 -9.39
C GLY A 160 -53.22 31.64 -8.72
N SER A 161 -54.46 31.13 -8.70
CA SER A 161 -55.58 31.75 -8.03
C SER A 161 -56.45 30.72 -7.33
N ALA A 162 -55.93 29.51 -7.09
CA ALA A 162 -56.69 28.37 -6.60
C ALA A 162 -57.85 28.06 -7.56
N GLY A 163 -57.48 27.70 -8.77
CA GLY A 163 -58.43 27.44 -9.84
C GLY A 163 -59.26 26.18 -9.70
N VAL A 164 -59.62 25.59 -10.84
CA VAL A 164 -60.57 24.48 -10.87
C VAL A 164 -59.99 23.29 -10.13
N PRO A 165 -60.74 22.68 -9.19
CA PRO A 165 -60.27 21.45 -8.56
C PRO A 165 -60.41 20.26 -9.50
N ASN A 166 -59.46 19.34 -9.43
CA ASN A 166 -59.44 18.15 -10.27
C ASN A 166 -59.93 16.94 -9.47
N ARG A 167 -61.00 16.31 -9.95
CA ARG A 167 -61.70 15.27 -9.19
C ARG A 167 -60.94 13.95 -9.16
N GLU A 168 -59.85 13.81 -9.90
CA GLU A 168 -59.19 12.51 -10.00
C GLU A 168 -58.40 12.19 -8.74
N GLY A 169 -57.54 13.11 -8.31
CA GLY A 169 -56.91 12.96 -7.01
C GLY A 169 -57.92 12.86 -5.89
N LEU A 170 -59.10 13.47 -6.07
CA LEU A 170 -60.13 13.37 -5.06
C LEU A 170 -60.68 11.95 -4.96
N ARG A 171 -60.98 11.33 -6.10
CA ARG A 171 -61.40 9.93 -6.06
C ARG A 171 -60.30 9.03 -5.52
N TYR A 172 -59.05 9.30 -5.91
CA TYR A 172 -57.91 8.57 -5.34
C TYR A 172 -57.95 8.61 -3.82
N TYR A 173 -58.05 9.81 -3.25
CA TYR A 173 -57.92 9.96 -1.80
C TYR A 173 -59.16 9.45 -1.08
N ARG A 174 -60.33 9.56 -1.71
CA ARG A 174 -61.53 8.96 -1.13
C ARG A 174 -61.43 7.44 -1.09
N ARG A 175 -60.93 6.83 -2.17
CA ARG A 175 -60.71 5.39 -2.17
C ARG A 175 -59.72 5.00 -1.07
N LEU A 176 -58.63 5.76 -0.94
CA LEU A 176 -57.63 5.44 0.07
C LEU A 176 -58.22 5.55 1.47
N LEU A 177 -59.00 6.59 1.74
CA LEU A 177 -59.58 6.77 3.06
C LEU A 177 -60.61 5.69 3.36
N GLU A 178 -61.40 5.29 2.35
CA GLU A 178 -62.37 4.23 2.55
C GLU A 178 -61.67 2.90 2.85
N ARG A 179 -60.58 2.60 2.12
CA ARG A 179 -59.82 1.40 2.41
C ARG A 179 -59.26 1.44 3.83
N LEU A 180 -58.71 2.59 4.24
CA LEU A 180 -58.18 2.71 5.60
C LEU A 180 -59.29 2.53 6.64
N ARG A 181 -60.51 2.96 6.31
CA ARG A 181 -61.65 2.73 7.20
C ARG A 181 -61.95 1.24 7.30
N GLU A 182 -61.97 0.54 6.16
CA GLU A 182 -62.28 -0.88 6.19
C GLU A 182 -61.25 -1.66 7.00
N LEU A 183 -59.97 -1.49 6.67
CA LEU A 183 -58.93 -2.22 7.38
C LEU A 183 -58.77 -1.75 8.83
N GLY A 184 -59.37 -0.62 9.19
CA GLY A 184 -59.25 -0.08 10.53
C GLY A 184 -58.04 0.81 10.71
N VAL A 185 -57.80 1.69 9.75
CA VAL A 185 -56.66 2.60 9.76
C VAL A 185 -57.19 4.03 9.75
N GLN A 186 -56.67 4.86 10.64
CA GLN A 186 -57.07 6.25 10.68
C GLN A 186 -55.93 7.14 10.16
N PRO A 187 -56.23 8.27 9.54
CA PRO A 187 -55.19 9.03 8.85
C PRO A 187 -54.54 10.09 9.75
N VAL A 188 -53.39 10.57 9.27
CA VAL A 188 -52.77 11.78 9.77
C VAL A 188 -52.36 12.58 8.54
N VAL A 189 -53.19 13.52 8.14
CA VAL A 189 -53.03 14.21 6.87
C VAL A 189 -52.15 15.43 7.10
N THR A 190 -51.39 15.82 6.08
CA THR A 190 -50.54 16.99 6.16
C THR A 190 -50.70 17.81 4.88
N LEU A 191 -51.29 18.99 5.01
CA LEU A 191 -51.75 19.78 3.86
C LEU A 191 -50.62 20.43 3.09
N TYR A 192 -49.37 20.08 3.42
CA TYR A 192 -48.20 20.68 2.80
C TYR A 192 -46.96 19.92 3.26
N HIS A 193 -46.14 19.53 2.28
CA HIS A 193 -44.84 18.87 2.59
C HIS A 193 -43.79 19.40 1.61
N TRP A 194 -43.27 20.60 1.87
CA TRP A 194 -42.21 21.18 1.05
C TRP A 194 -42.64 21.42 -0.39
N ASP A 195 -43.94 21.43 -0.67
CA ASP A 195 -44.40 21.72 -2.02
C ASP A 195 -44.60 23.22 -2.23
N LEU A 196 -45.08 23.58 -3.43
CA LEU A 196 -45.70 24.85 -3.81
C LEU A 196 -46.28 24.72 -5.22
N PRO A 197 -47.50 25.17 -5.46
CA PRO A 197 -48.00 25.27 -6.83
C PRO A 197 -47.19 26.30 -7.61
N GLN A 198 -46.70 25.89 -8.78
CA GLN A 198 -45.79 26.76 -9.54
C GLN A 198 -46.47 28.06 -9.96
N ARG A 199 -47.72 27.98 -10.41
CA ARG A 199 -48.43 29.18 -10.83
C ARG A 199 -48.65 30.14 -9.67
N LEU A 200 -48.66 29.65 -8.44
CA LEU A 200 -48.63 30.50 -7.25
C LEU A 200 -47.22 30.91 -6.85
N GLN A 201 -46.20 30.50 -7.59
CA GLN A 201 -44.82 30.90 -7.31
C GLN A 201 -44.32 31.97 -8.28
N ASP A 202 -44.53 31.77 -9.58
CA ASP A 202 -44.02 32.71 -10.57
C ASP A 202 -44.80 34.01 -10.60
N ALA A 203 -45.95 34.07 -9.94
CA ALA A 203 -46.76 35.28 -9.85
C ALA A 203 -46.69 35.96 -8.49
N TYR A 204 -46.70 35.19 -7.40
CA TYR A 204 -46.69 35.74 -6.06
C TYR A 204 -45.30 35.73 -5.42
N GLY A 205 -44.27 35.42 -6.19
CA GLY A 205 -42.91 35.43 -5.64
C GLY A 205 -42.68 34.41 -4.56
N GLY A 206 -43.32 33.25 -4.64
CA GLY A 206 -43.10 32.25 -3.61
C GLY A 206 -43.65 32.71 -2.27
N TRP A 207 -43.15 32.08 -1.20
CA TRP A 207 -43.65 32.31 0.15
C TRP A 207 -43.08 33.58 0.79
N ALA A 208 -42.60 34.51 -0.03
CA ALA A 208 -42.21 35.83 0.48
C ALA A 208 -43.44 36.71 0.71
N ASN A 209 -44.42 36.63 -0.17
CA ASN A 209 -45.59 37.51 -0.16
C ASN A 209 -46.67 36.97 0.77
N ARG A 210 -47.59 37.86 1.16
CA ARG A 210 -48.58 37.51 2.18
C ARG A 210 -49.76 36.75 1.59
N ALA A 211 -50.20 37.10 0.38
CA ALA A 211 -51.45 36.57 -0.17
C ALA A 211 -51.46 35.04 -0.19
N LEU A 212 -50.28 34.43 -0.28
CA LEU A 212 -50.27 32.97 -0.33
C LEU A 212 -50.81 32.39 0.96
N ALA A 213 -50.69 33.10 2.09
CA ALA A 213 -51.33 32.62 3.31
C ALA A 213 -52.85 32.63 3.19
N ASP A 214 -53.42 33.60 2.46
CA ASP A 214 -54.83 33.51 2.08
C ASP A 214 -55.09 32.25 1.28
N HIS A 215 -54.21 31.94 0.35
CA HIS A 215 -54.44 30.73 -0.49
C HIS A 215 -54.41 29.51 0.46
N PHE A 216 -53.33 29.37 1.23
CA PHE A 216 -53.23 28.29 2.21
C PHE A 216 -54.39 28.31 3.20
N ARG A 217 -55.19 29.36 3.21
CA ARG A 217 -56.42 29.40 3.99
C ARG A 217 -57.50 28.65 3.22
N ASP A 218 -57.82 29.14 2.02
CA ASP A 218 -58.96 28.62 1.27
C ASP A 218 -58.73 27.16 0.88
N TYR A 219 -57.54 26.86 0.34
CA TYR A 219 -57.19 25.49 -0.01
C TYR A 219 -57.18 24.57 1.21
N ALA A 220 -56.93 25.12 2.40
CA ALA A 220 -57.00 24.28 3.58
C ALA A 220 -58.43 24.10 4.05
N GLU A 221 -59.31 25.06 3.74
CA GLU A 221 -60.71 24.88 4.08
C GLU A 221 -61.28 23.76 3.22
N LEU A 222 -61.03 23.83 1.92
CA LEU A 222 -61.50 22.74 1.06
C LEU A 222 -60.84 21.44 1.49
N CYS A 223 -59.59 21.48 1.98
CA CYS A 223 -58.95 20.28 2.49
C CYS A 223 -59.75 19.63 3.61
N PHE A 224 -60.48 20.43 4.40
CA PHE A 224 -61.41 19.90 5.39
C PHE A 224 -62.68 19.36 4.75
N ARG A 225 -63.24 20.12 3.82
CA ARG A 225 -64.56 19.77 3.27
C ARG A 225 -64.52 18.59 2.31
N HIS A 226 -63.43 18.44 1.55
CA HIS A 226 -63.31 17.37 0.58
C HIS A 226 -63.07 16.01 1.23
N PHE A 227 -62.26 15.96 2.29
CA PHE A 227 -61.96 14.70 2.95
C PHE A 227 -62.88 14.35 4.11
N GLY A 228 -63.78 15.25 4.50
CA GLY A 228 -64.77 14.89 5.50
C GLY A 228 -64.27 14.92 6.93
N GLY A 229 -65.02 14.22 7.79
CA GLY A 229 -64.77 14.24 9.22
C GLY A 229 -64.04 13.05 9.80
N GLN A 230 -63.92 11.96 9.04
CA GLN A 230 -63.13 10.82 9.50
C GLN A 230 -61.65 11.14 9.63
N VAL A 231 -61.20 12.27 9.09
CA VAL A 231 -59.84 12.77 9.26
C VAL A 231 -59.73 13.39 10.64
N LYS A 232 -59.25 12.63 11.62
CA LYS A 232 -59.33 13.03 13.02
C LYS A 232 -58.11 13.81 13.50
N TYR A 233 -56.96 13.68 12.84
CA TYR A 233 -55.76 14.39 13.27
C TYR A 233 -55.20 15.16 12.07
N TRP A 234 -54.70 16.37 12.33
CA TRP A 234 -54.28 17.26 11.26
C TRP A 234 -52.96 17.92 11.61
N ILE A 235 -52.13 18.14 10.58
CA ILE A 235 -50.90 18.91 10.70
C ILE A 235 -50.77 19.76 9.43
N THR A 236 -50.80 21.08 9.60
CA THR A 236 -50.93 21.96 8.43
C THR A 236 -49.59 22.19 7.74
N ILE A 237 -48.65 22.81 8.44
CA ILE A 237 -47.34 23.15 7.87
C ILE A 237 -46.30 22.18 8.41
N ASP A 238 -45.76 21.34 7.53
CA ASP A 238 -44.77 20.36 7.94
C ASP A 238 -43.38 20.96 7.77
N ASN A 239 -42.67 21.12 8.89
CA ASN A 239 -41.30 21.64 8.94
C ASN A 239 -41.21 23.01 8.30
N PRO A 240 -41.73 24.07 8.95
CA PRO A 240 -41.61 25.41 8.36
C PRO A 240 -40.18 25.92 8.25
N TYR A 241 -39.28 25.46 9.13
CA TYR A 241 -37.93 26.02 9.18
C TYR A 241 -37.16 25.74 7.90
N VAL A 242 -37.12 24.48 7.46
CA VAL A 242 -36.35 24.17 6.27
C VAL A 242 -36.98 24.83 5.05
N VAL A 243 -38.31 24.78 4.94
CA VAL A 243 -39.02 25.36 3.80
C VAL A 243 -38.74 26.86 3.71
N ALA A 244 -38.53 27.51 4.86
CA ALA A 244 -38.19 28.93 4.83
C ALA A 244 -36.73 29.12 4.47
N TRP A 245 -35.83 28.66 5.35
CA TRP A 245 -34.41 28.97 5.19
C TRP A 245 -33.82 28.26 3.99
N HIS A 246 -33.79 26.93 4.01
CA HIS A 246 -33.13 26.23 2.91
C HIS A 246 -33.99 26.22 1.66
N GLY A 247 -35.28 26.54 1.79
CA GLY A 247 -36.10 26.77 0.61
C GLY A 247 -35.76 28.05 -0.11
N TYR A 248 -35.39 29.10 0.64
CA TYR A 248 -35.20 30.40 0.02
C TYR A 248 -33.79 30.94 0.20
N ALA A 249 -33.26 30.94 1.43
CA ALA A 249 -32.00 31.61 1.71
C ALA A 249 -30.86 30.96 0.93
N THR A 250 -30.54 29.71 1.26
CA THR A 250 -29.44 29.01 0.59
C THR A 250 -29.84 28.51 -0.79
N GLY A 251 -31.10 28.10 -0.96
CA GLY A 251 -31.54 27.50 -2.20
C GLY A 251 -31.28 26.02 -2.32
N ARG A 252 -30.94 25.34 -1.22
CA ARG A 252 -30.75 23.90 -1.29
C ARG A 252 -32.06 23.17 -1.51
N LEU A 253 -33.18 23.77 -1.12
CA LEU A 253 -34.51 23.21 -1.34
C LEU A 253 -35.21 24.01 -2.43
N ALA A 254 -36.21 23.37 -3.06
CA ALA A 254 -36.64 23.59 -4.44
C ALA A 254 -36.62 25.06 -4.86
N PRO A 255 -37.39 25.96 -4.19
CA PRO A 255 -37.55 27.30 -4.77
C PRO A 255 -36.29 28.15 -4.64
N GLY A 256 -36.30 29.34 -5.23
CA GLY A 256 -35.18 30.26 -5.12
C GLY A 256 -33.90 29.75 -5.73
N ILE A 257 -32.88 30.61 -5.82
CA ILE A 257 -31.55 30.16 -6.22
C ILE A 257 -30.53 30.62 -5.17
N ARG A 258 -30.81 31.75 -4.52
CA ARG A 258 -29.90 32.34 -3.55
C ARG A 258 -30.61 33.53 -2.92
N GLY A 259 -30.30 33.80 -1.65
CA GLY A 259 -30.81 34.99 -0.99
C GLY A 259 -30.10 35.22 0.32
N SER A 260 -30.55 36.26 1.02
CA SER A 260 -30.04 36.60 2.34
C SER A 260 -30.99 36.12 3.42
N PRO A 261 -30.51 35.96 4.67
CA PRO A 261 -31.39 35.56 5.77
C PRO A 261 -32.67 36.38 5.90
N ARG A 262 -32.69 37.58 5.29
CA ARG A 262 -33.89 38.40 5.28
C ARG A 262 -35.06 37.63 4.68
N LEU A 263 -34.82 37.04 3.49
CA LEU A 263 -35.87 36.27 2.83
C LEU A 263 -36.31 35.10 3.71
N GLY A 264 -35.35 34.44 4.36
CA GLY A 264 -35.69 33.30 5.21
C GLY A 264 -36.62 33.70 6.34
N TYR A 265 -36.28 34.80 7.02
CA TYR A 265 -37.11 35.26 8.13
C TYR A 265 -38.48 35.69 7.63
N LEU A 266 -38.54 36.33 6.46
CA LEU A 266 -39.83 36.76 5.93
C LEU A 266 -40.70 35.56 5.55
N VAL A 267 -40.12 34.56 4.90
CA VAL A 267 -40.86 33.35 4.54
C VAL A 267 -41.37 32.64 5.80
N ALA A 268 -40.55 32.61 6.85
CA ALA A 268 -40.99 31.96 8.08
C ALA A 268 -42.12 32.73 8.74
N HIS A 269 -42.02 34.06 8.79
CA HIS A 269 -43.10 34.89 9.29
C HIS A 269 -44.39 34.59 8.53
N ASN A 270 -44.30 34.51 7.20
CA ASN A 270 -45.50 34.32 6.39
C ASN A 270 -46.09 32.93 6.61
N LEU A 271 -45.24 31.91 6.72
CA LEU A 271 -45.76 30.56 6.96
C LEU A 271 -46.43 30.47 8.32
N LEU A 272 -45.84 31.09 9.35
CA LEU A 272 -46.43 31.07 10.68
C LEU A 272 -47.75 31.85 10.71
N LEU A 273 -47.84 32.91 9.91
CA LEU A 273 -49.13 33.59 9.77
C LEU A 273 -50.13 32.69 9.06
N ALA A 274 -49.69 31.93 8.06
CA ALA A 274 -50.61 31.06 7.34
C ALA A 274 -51.13 29.96 8.26
N HIS A 275 -50.29 29.50 9.18
CA HIS A 275 -50.72 28.55 10.19
C HIS A 275 -51.78 29.16 11.10
N ALA A 276 -51.58 30.42 11.52
CA ALA A 276 -52.61 31.06 12.31
C ALA A 276 -53.91 31.18 11.53
N LYS A 277 -53.83 31.50 10.24
CA LYS A 277 -55.02 31.59 9.40
C LYS A 277 -55.78 30.27 9.36
N VAL A 278 -55.06 29.16 9.10
CA VAL A 278 -55.74 27.88 8.94
C VAL A 278 -56.28 27.40 10.28
N TRP A 279 -55.56 27.66 11.37
CA TRP A 279 -56.07 27.25 12.69
C TRP A 279 -57.37 27.98 13.00
N HIS A 280 -57.34 29.33 12.98
CA HIS A 280 -58.56 30.08 13.26
C HIS A 280 -59.64 29.86 12.20
N LEU A 281 -59.29 29.30 11.03
CA LEU A 281 -60.31 28.78 10.13
C LEU A 281 -60.99 27.57 10.72
N TYR A 282 -60.21 26.54 11.06
CA TYR A 282 -60.78 25.29 11.56
C TYR A 282 -61.61 25.54 12.82
N ASN A 283 -61.09 26.35 13.74
CA ASN A 283 -61.74 26.48 15.04
C ASN A 283 -63.02 27.30 14.99
N THR A 284 -63.34 27.92 13.84
CA THR A 284 -64.52 28.76 13.71
C THR A 284 -65.55 28.24 12.72
N SER A 285 -65.24 27.22 11.93
CA SER A 285 -66.09 26.83 10.81
C SER A 285 -66.36 25.34 10.71
N PHE A 286 -65.51 24.50 11.26
CA PHE A 286 -65.59 23.06 11.00
C PHE A 286 -65.67 22.23 12.27
N ARG A 287 -64.98 22.65 13.34
CA ARG A 287 -64.97 21.86 14.57
C ARG A 287 -66.36 21.61 15.16
N PRO A 288 -67.34 22.52 15.09
CA PRO A 288 -68.67 22.20 15.67
C PRO A 288 -69.25 20.89 15.18
N THR A 289 -68.97 20.49 13.93
CA THR A 289 -69.35 19.17 13.42
C THR A 289 -68.24 18.14 13.58
N GLN A 290 -67.24 18.43 14.42
CA GLN A 290 -66.01 17.64 14.52
C GLN A 290 -65.59 17.57 15.99
N GLY A 291 -64.29 17.45 16.23
CA GLY A 291 -63.80 17.10 17.55
C GLY A 291 -62.42 16.49 17.53
N GLY A 292 -61.89 16.26 16.33
CA GLY A 292 -60.47 16.03 16.18
C GLY A 292 -59.68 17.29 16.48
N GLN A 293 -58.35 17.14 16.48
CA GLN A 293 -57.47 18.25 16.79
C GLN A 293 -56.79 18.75 15.52
N VAL A 294 -56.08 19.87 15.65
CA VAL A 294 -55.22 20.40 14.61
C VAL A 294 -53.96 20.97 15.26
N SER A 295 -52.83 20.85 14.57
CA SER A 295 -51.56 21.33 15.08
C SER A 295 -50.66 21.68 13.91
N ILE A 296 -49.38 21.87 14.20
CA ILE A 296 -48.35 22.13 13.20
C ILE A 296 -47.08 21.41 13.64
N ALA A 297 -46.43 20.74 12.70
CA ALA A 297 -45.21 20.00 13.00
C ALA A 297 -43.99 20.91 12.86
N LEU A 298 -43.25 21.08 13.95
CA LEU A 298 -42.04 21.90 13.97
C LEU A 298 -40.84 20.97 14.10
N SER A 299 -39.99 20.95 13.09
CA SER A 299 -38.84 20.07 13.12
C SER A 299 -37.78 20.67 14.04
N SER A 300 -37.13 19.82 14.83
CA SER A 300 -36.22 20.33 15.85
C SER A 300 -35.20 19.26 16.22
N HIS A 301 -33.93 19.54 15.93
CA HIS A 301 -32.83 18.71 16.39
C HIS A 301 -32.60 19.00 17.87
N TRP A 302 -31.52 18.47 18.43
CA TRP A 302 -31.15 18.73 19.81
C TRP A 302 -29.64 18.86 19.91
N ILE A 303 -29.20 19.79 20.77
CA ILE A 303 -27.79 20.06 20.98
C ILE A 303 -27.46 19.91 22.45
N ASN A 304 -26.24 19.47 22.73
CA ASN A 304 -25.56 19.49 24.01
C ASN A 304 -24.52 20.59 24.03
N PRO A 305 -24.26 21.19 25.19
CA PRO A 305 -23.27 22.27 25.26
C PRO A 305 -21.86 21.77 25.03
N ARG A 306 -20.94 22.71 24.89
CA ARG A 306 -19.54 22.38 24.65
C ARG A 306 -18.77 22.21 25.96
N ARG A 307 -18.81 23.24 26.81
CA ARG A 307 -18.03 23.24 28.05
C ARG A 307 -18.92 23.25 29.29
N MET A 308 -20.23 23.10 29.14
CA MET A 308 -21.17 23.03 30.26
C MET A 308 -21.02 24.26 31.16
N THR A 309 -21.32 25.42 30.58
CA THR A 309 -21.22 26.70 31.28
C THR A 309 -22.47 27.52 31.01
N ASP A 310 -22.76 28.44 31.94
CA ASP A 310 -24.00 29.20 31.89
C ASP A 310 -24.18 29.93 30.57
N HIS A 311 -23.10 30.55 30.08
CA HIS A 311 -23.17 31.24 28.77
C HIS A 311 -23.42 30.19 27.68
N SER A 312 -22.81 29.02 27.83
CA SER A 312 -22.98 27.98 26.81
C SER A 312 -24.40 27.45 26.80
N ILE A 313 -24.97 27.19 27.98
CA ILE A 313 -26.38 26.79 28.04
C ILE A 313 -27.27 27.89 27.49
N LYS A 314 -26.88 29.16 27.66
CA LYS A 314 -27.62 30.26 27.08
C LYS A 314 -27.58 30.19 25.55
N GLU A 315 -26.40 29.93 25.00
CA GLU A 315 -26.27 29.75 23.55
C GLU A 315 -27.12 28.58 23.05
N CYS A 316 -27.19 27.50 23.83
CA CYS A 316 -27.99 26.36 23.38
C CYS A 316 -29.48 26.68 23.42
N GLN A 317 -29.95 27.31 24.51
CA GLN A 317 -31.32 27.80 24.54
C GLN A 317 -31.61 28.73 23.37
N LYS A 318 -30.66 29.60 23.05
CA LYS A 318 -30.81 30.51 21.91
C LYS A 318 -30.98 29.74 20.62
N SER A 319 -30.15 28.71 20.41
CA SER A 319 -30.23 27.95 19.16
C SER A 319 -31.55 27.20 19.08
N LEU A 320 -31.98 26.58 20.18
CA LEU A 320 -33.28 25.91 20.22
C LEU A 320 -34.42 26.88 19.89
N ASP A 321 -34.37 28.10 20.45
CA ASP A 321 -35.42 29.07 20.12
C ASP A 321 -35.32 29.51 18.66
N PHE A 322 -34.12 29.52 18.10
CA PHE A 322 -33.94 29.99 16.72
C PHE A 322 -34.34 28.94 15.70
N VAL A 323 -34.38 27.66 16.09
CA VAL A 323 -34.78 26.58 15.20
C VAL A 323 -36.18 26.05 15.56
N LEU A 324 -36.43 25.79 16.84
CA LEU A 324 -37.72 25.29 17.28
C LEU A 324 -38.61 26.41 17.83
N GLY A 325 -38.13 27.14 18.83
CA GLY A 325 -38.88 28.23 19.41
C GLY A 325 -39.34 29.28 18.40
N TRP A 326 -38.64 29.40 17.28
CA TRP A 326 -38.93 30.32 16.18
C TRP A 326 -40.42 30.37 15.85
N PHE A 327 -41.08 29.22 15.79
CA PHE A 327 -42.52 29.18 15.58
C PHE A 327 -43.28 28.71 16.81
N ALA A 328 -42.62 28.00 17.73
CA ALA A 328 -43.31 27.42 18.88
C ALA A 328 -43.68 28.48 19.91
N LYS A 329 -42.84 29.51 20.08
CA LYS A 329 -43.11 30.51 21.10
C LYS A 329 -44.39 31.30 20.85
N PRO A 330 -44.68 31.80 19.64
CA PRO A 330 -45.90 32.60 19.47
C PRO A 330 -47.15 31.78 19.17
N VAL A 331 -47.10 30.47 19.39
CA VAL A 331 -48.24 29.59 19.18
C VAL A 331 -48.86 29.12 20.49
N PHE A 332 -48.02 28.84 21.50
CA PHE A 332 -48.52 28.27 22.75
C PHE A 332 -48.34 29.19 23.95
N ILE A 333 -47.44 30.16 23.90
CA ILE A 333 -46.99 30.83 25.13
C ILE A 333 -47.61 32.22 25.22
N ASP A 334 -47.25 33.10 24.28
CA ASP A 334 -47.65 34.51 24.39
C ASP A 334 -48.08 35.15 23.07
N GLY A 335 -47.68 34.63 21.92
CA GLY A 335 -47.98 35.28 20.65
C GLY A 335 -46.91 36.25 20.20
N ASP A 336 -45.67 36.08 20.64
CA ASP A 336 -44.57 36.95 20.27
C ASP A 336 -43.37 36.11 19.86
N TYR A 337 -42.53 36.67 18.99
CA TYR A 337 -41.26 36.06 18.67
C TYR A 337 -40.34 36.12 19.89
N PRO A 338 -39.33 35.26 19.96
CA PRO A 338 -38.50 35.17 21.16
C PRO A 338 -37.69 36.45 21.39
N GLU A 339 -37.26 36.61 22.63
CA GLU A 339 -36.49 37.80 23.02
C GLU A 339 -35.13 37.82 22.32
N SER A 340 -34.51 36.66 22.15
CA SER A 340 -33.17 36.61 21.57
C SER A 340 -33.18 37.02 20.10
N MET A 341 -34.20 36.59 19.36
CA MET A 341 -34.33 37.04 17.97
C MET A 341 -34.64 38.53 17.91
N LYS A 342 -35.31 39.07 18.92
CA LYS A 342 -35.49 40.52 18.96
C LYS A 342 -34.17 41.23 19.19
N ASN A 343 -33.31 40.67 20.04
CA ASN A 343 -32.07 41.36 20.41
C ASN A 343 -31.02 41.23 19.31
N ASN A 344 -30.60 40.00 19.02
CA ASN A 344 -29.45 39.79 18.14
C ASN A 344 -29.77 40.03 16.68
N LEU A 345 -31.02 39.85 16.27
CA LEU A 345 -31.49 40.24 14.94
C LEU A 345 -32.08 41.64 15.04
N SER A 346 -31.39 42.63 14.47
CA SER A 346 -31.71 44.02 14.73
C SER A 346 -33.03 44.42 14.06
N SER A 347 -33.07 44.41 12.72
CA SER A 347 -34.27 44.86 12.02
C SER A 347 -34.60 44.01 10.80
N ILE A 348 -34.05 42.80 10.70
CA ILE A 348 -34.37 41.89 9.60
C ILE A 348 -35.37 40.82 10.04
N LEU A 349 -36.10 41.06 11.11
CA LEU A 349 -37.07 40.10 11.64
C LEU A 349 -38.43 40.77 11.77
N PRO A 350 -39.35 40.52 10.84
CA PRO A 350 -40.66 41.19 10.89
C PRO A 350 -41.37 40.95 12.21
N ASP A 351 -41.79 42.03 12.86
CA ASP A 351 -42.48 41.96 14.14
C ASP A 351 -43.99 41.98 13.94
N PHE A 352 -44.70 41.45 14.93
CA PHE A 352 -46.15 41.43 14.90
C PHE A 352 -46.74 42.77 15.33
N THR A 353 -48.02 42.95 15.06
CA THR A 353 -48.84 43.98 15.66
C THR A 353 -49.68 43.38 16.78
N GLU A 354 -50.27 44.25 17.60
CA GLU A 354 -51.05 43.77 18.73
C GLU A 354 -52.29 42.98 18.31
N SER A 355 -52.78 43.20 17.09
CA SER A 355 -53.95 42.46 16.64
C SER A 355 -53.58 41.02 16.27
N GLU A 356 -52.46 40.84 15.59
CA GLU A 356 -52.05 39.50 15.23
C GLU A 356 -51.25 38.83 16.34
N LYS A 357 -50.59 39.62 17.20
CA LYS A 357 -50.01 39.06 18.42
C LYS A 357 -51.04 38.19 19.13
N LYS A 358 -52.27 38.69 19.26
CA LYS A 358 -53.36 37.92 19.85
C LYS A 358 -53.93 36.90 18.85
N PHE A 359 -53.92 37.23 17.56
CA PHE A 359 -54.50 36.33 16.57
C PHE A 359 -53.74 35.01 16.49
N ILE A 360 -52.46 35.01 16.87
CA ILE A 360 -51.60 33.85 16.67
C ILE A 360 -51.48 33.01 17.94
N LYS A 361 -51.79 33.56 19.10
CA LYS A 361 -51.61 32.84 20.35
C LYS A 361 -52.66 31.75 20.51
N GLY A 362 -52.25 30.63 21.09
CA GLY A 362 -53.19 29.58 21.44
C GLY A 362 -53.73 28.80 20.26
N THR A 363 -53.11 28.90 19.09
CA THR A 363 -53.63 28.28 17.88
C THR A 363 -52.98 26.92 17.64
N ALA A 364 -53.24 26.01 18.58
CA ALA A 364 -52.85 24.61 18.50
C ALA A 364 -53.45 23.87 19.68
N ASP A 365 -53.57 22.56 19.55
CA ASP A 365 -54.09 21.72 20.61
C ASP A 365 -53.04 20.77 21.17
N PHE A 366 -52.40 19.98 20.32
CA PHE A 366 -51.26 19.16 20.70
C PHE A 366 -50.02 19.68 19.98
N PHE A 367 -48.85 19.24 20.44
CA PHE A 367 -47.59 19.64 19.83
C PHE A 367 -47.11 18.50 18.93
N ALA A 368 -47.07 18.76 17.62
CA ALA A 368 -46.52 17.81 16.67
C ALA A 368 -45.05 18.11 16.45
N LEU A 369 -44.21 17.09 16.63
CA LEU A 369 -42.77 17.24 16.56
C LEU A 369 -42.18 16.41 15.43
N CYS A 370 -41.21 17.00 14.73
CA CYS A 370 -40.55 16.35 13.60
C CYS A 370 -39.07 16.19 13.95
N PHE A 371 -38.54 14.99 13.74
CA PHE A 371 -37.18 14.67 14.17
C PHE A 371 -36.55 13.71 13.17
N GLY A 372 -35.23 13.67 13.16
CA GLY A 372 -34.52 12.74 12.31
C GLY A 372 -33.44 13.37 11.46
N PRO A 373 -33.18 12.76 10.30
CA PRO A 373 -32.10 13.21 9.42
C PRO A 373 -32.44 14.40 8.56
N THR A 374 -33.59 15.04 8.77
CA THR A 374 -33.97 16.18 7.96
C THR A 374 -33.10 17.40 8.27
N LEU A 375 -32.87 17.68 9.55
CA LEU A 375 -31.96 18.76 9.90
C LEU A 375 -31.03 18.42 11.05
N SER A 376 -30.76 17.14 11.29
CA SER A 376 -29.73 16.70 12.22
C SER A 376 -28.64 16.03 11.40
N PHE A 377 -27.41 16.53 11.50
CA PHE A 377 -26.27 16.03 10.73
C PHE A 377 -26.50 16.13 9.23
N GLN A 378 -27.37 17.05 8.82
CA GLN A 378 -27.77 17.20 7.43
C GLN A 378 -28.11 18.67 7.21
N LEU A 379 -28.87 18.96 6.15
CA LEU A 379 -29.20 20.33 5.76
C LEU A 379 -29.68 21.14 6.95
N LEU A 380 -28.89 22.14 7.33
CA LEU A 380 -29.16 22.97 8.51
C LEU A 380 -28.23 24.18 8.49
N ASP A 381 -28.78 25.37 8.70
CA ASP A 381 -28.01 26.61 8.67
C ASP A 381 -26.85 26.55 9.67
N PRO A 382 -25.61 26.49 9.19
CA PRO A 382 -24.48 26.41 10.13
C PRO A 382 -24.38 27.58 11.10
N HIS A 383 -25.01 28.71 10.78
CA HIS A 383 -24.98 29.84 11.70
C HIS A 383 -25.96 29.69 12.86
N MET A 384 -26.87 28.71 12.80
CA MET A 384 -27.89 28.58 13.84
C MET A 384 -27.46 27.70 15.00
N LYS A 385 -26.50 26.79 14.80
CA LYS A 385 -26.00 25.98 15.90
C LYS A 385 -25.18 26.79 16.90
N PHE A 386 -24.82 28.03 16.57
CA PHE A 386 -24.04 28.91 17.42
C PHE A 386 -22.86 28.20 18.08
N ARG A 387 -22.19 27.32 17.33
CA ARG A 387 -21.05 26.54 17.80
C ARG A 387 -21.45 25.66 19.00
N GLN A 388 -22.39 24.76 18.76
CA GLN A 388 -22.76 23.74 19.72
C GLN A 388 -22.87 22.39 19.00
N LEU A 389 -22.82 21.32 19.79
CA LEU A 389 -22.75 19.97 19.24
C LEU A 389 -24.15 19.46 18.96
N GLU A 390 -24.40 19.09 17.70
CA GLU A 390 -25.65 18.44 17.34
C GLU A 390 -25.62 16.96 17.71
N SER A 391 -26.69 16.49 18.37
CA SER A 391 -26.75 15.11 18.82
C SER A 391 -28.18 14.62 18.76
N PRO A 392 -28.41 13.40 18.28
CA PRO A 392 -29.77 12.85 18.12
C PRO A 392 -30.35 12.17 19.36
N ASN A 393 -30.90 12.97 20.27
CA ASN A 393 -31.65 12.45 21.41
C ASN A 393 -33.05 13.05 21.39
N LEU A 394 -34.05 12.21 21.69
CA LEU A 394 -35.44 12.62 21.66
C LEU A 394 -36.11 12.64 23.02
N ARG A 395 -35.53 12.00 24.03
CA ARG A 395 -36.14 11.97 25.35
C ARG A 395 -36.03 13.33 26.04
N GLN A 396 -34.80 13.83 26.21
CA GLN A 396 -34.63 15.16 26.79
C GLN A 396 -35.28 16.23 25.92
N LEU A 397 -35.32 16.02 24.60
CA LEU A 397 -36.00 16.96 23.71
C LEU A 397 -37.49 17.00 24.02
N LEU A 398 -38.10 15.83 24.19
CA LEU A 398 -39.53 15.79 24.52
C LEU A 398 -39.78 16.41 25.88
N SER A 399 -38.88 16.17 26.84
CA SER A 399 -39.01 16.79 28.15
C SER A 399 -38.96 18.31 28.05
N TRP A 400 -38.05 18.83 27.23
CA TRP A 400 -37.96 20.27 27.06
C TRP A 400 -39.25 20.83 26.45
N ILE A 401 -39.78 20.15 25.42
CA ILE A 401 -41.00 20.62 24.78
C ILE A 401 -42.17 20.57 25.76
N ASP A 402 -42.17 19.61 26.67
CA ASP A 402 -43.27 19.52 27.62
C ASP A 402 -43.14 20.56 28.72
N LEU A 403 -41.91 20.85 29.16
CA LEU A 403 -41.71 21.82 30.23
C LEU A 403 -41.95 23.25 29.74
N GLU A 404 -41.50 23.59 28.54
CA GLU A 404 -41.55 24.96 28.06
C GLU A 404 -42.91 25.39 27.52
N PHE A 405 -43.97 24.59 27.64
CA PHE A 405 -45.21 24.96 26.99
C PHE A 405 -46.44 24.63 27.82
N ASN A 406 -46.33 24.69 29.15
CA ASN A 406 -47.46 24.49 30.05
C ASN A 406 -48.16 23.15 29.79
N HIS A 407 -47.36 22.13 29.46
CA HIS A 407 -47.78 20.73 29.41
C HIS A 407 -48.91 20.49 28.41
N PRO A 408 -48.64 20.58 27.11
CA PRO A 408 -49.53 19.98 26.12
C PRO A 408 -49.15 18.53 25.84
N GLN A 409 -50.01 17.84 25.10
CA GLN A 409 -49.71 16.48 24.69
C GLN A 409 -48.90 16.51 23.41
N ILE A 410 -48.04 15.50 23.24
CA ILE A 410 -47.07 15.49 22.16
C ILE A 410 -47.40 14.37 21.18
N PHE A 411 -47.13 14.62 19.91
CA PHE A 411 -47.29 13.63 18.85
C PHE A 411 -46.10 13.77 17.92
N ILE A 412 -45.32 12.69 17.76
CA ILE A 412 -44.14 12.70 16.91
C ILE A 412 -44.55 12.26 15.52
N VAL A 413 -44.54 13.19 14.57
CA VAL A 413 -45.14 12.96 13.25
C VAL A 413 -44.11 12.63 12.19
N GLU A 414 -42.83 12.52 12.55
CA GLU A 414 -41.80 12.11 11.59
C GLU A 414 -40.56 11.72 12.36
N ASN A 415 -40.10 10.48 12.16
CA ASN A 415 -38.94 10.00 12.90
C ASN A 415 -38.40 8.76 12.19
N GLY A 416 -37.09 8.60 12.22
CA GLY A 416 -36.42 7.49 11.56
C GLY A 416 -35.12 7.95 10.93
N TRP A 417 -34.23 7.00 10.71
CA TRP A 417 -32.95 7.26 10.08
C TRP A 417 -32.95 6.77 8.63
N PHE A 418 -31.78 6.77 8.02
CA PHE A 418 -31.65 6.46 6.60
C PHE A 418 -30.56 5.40 6.39
N VAL A 419 -30.74 4.60 5.36
CA VAL A 419 -29.74 3.65 4.89
C VAL A 419 -29.40 4.00 3.44
N SER A 420 -28.17 3.69 3.04
CA SER A 420 -27.64 4.19 1.78
C SER A 420 -28.39 3.57 0.60
N GLY A 421 -28.02 4.00 -0.60
CA GLY A 421 -28.70 3.60 -1.82
C GLY A 421 -28.39 2.20 -2.31
N THR A 422 -27.35 1.58 -1.77
CA THR A 422 -26.92 0.27 -2.25
C THR A 422 -27.63 -0.88 -1.55
N THR A 423 -28.12 -0.67 -0.33
CA THR A 423 -28.77 -1.74 0.41
C THR A 423 -30.23 -1.84 0.00
N LYS A 424 -30.69 -3.08 -0.19
CA LYS A 424 -32.02 -3.34 -0.73
C LYS A 424 -33.00 -3.90 0.30
N ARG A 425 -32.64 -4.99 0.97
CA ARG A 425 -33.59 -5.73 1.80
C ARG A 425 -33.23 -5.75 3.28
N ASP A 426 -31.95 -5.90 3.62
CA ASP A 426 -31.51 -5.96 5.01
C ASP A 426 -30.89 -4.63 5.41
N ASP A 427 -31.63 -3.83 6.18
CA ASP A 427 -31.19 -2.52 6.64
C ASP A 427 -31.35 -2.45 8.16
N ALA A 428 -30.35 -2.93 8.90
CA ALA A 428 -30.44 -2.96 10.35
C ALA A 428 -30.25 -1.59 10.98
N LYS A 429 -29.57 -0.68 10.28
CA LYS A 429 -29.47 0.71 10.72
C LYS A 429 -30.84 1.26 11.09
N TYR A 430 -31.80 1.10 10.18
CA TYR A 430 -33.11 1.70 10.40
C TYR A 430 -33.85 1.00 11.53
N MET A 431 -33.73 -0.33 11.63
CA MET A 431 -34.37 -1.04 12.73
C MET A 431 -33.87 -0.53 14.07
N TYR A 432 -32.55 -0.40 14.22
CA TYR A 432 -32.01 -0.05 15.52
C TYR A 432 -32.23 1.43 15.83
N TYR A 433 -32.20 2.30 14.82
CA TYR A 433 -32.56 3.69 15.06
C TYR A 433 -34.03 3.81 15.49
N LEU A 434 -34.92 3.05 14.84
CA LEU A 434 -36.32 3.10 15.22
C LEU A 434 -36.52 2.56 16.62
N LYS A 435 -35.80 1.49 16.97
CA LYS A 435 -35.91 0.92 18.32
C LYS A 435 -35.44 1.94 19.35
N LYS A 436 -34.33 2.63 19.07
CA LYS A 436 -33.85 3.65 19.99
C LYS A 436 -34.87 4.77 20.14
N PHE A 437 -35.49 5.18 19.04
CA PHE A 437 -36.46 6.28 19.08
C PHE A 437 -37.68 5.89 19.92
N ILE A 438 -38.20 4.69 19.72
CA ILE A 438 -39.34 4.24 20.50
C ILE A 438 -38.95 4.06 21.96
N MET A 439 -37.72 3.59 22.22
CA MET A 439 -37.24 3.52 23.60
C MET A 439 -37.24 4.90 24.25
N GLU A 440 -36.76 5.92 23.54
CA GLU A 440 -36.73 7.26 24.10
C GLU A 440 -38.14 7.79 24.32
N THR A 441 -39.06 7.50 23.40
CA THR A 441 -40.45 7.93 23.58
C THR A 441 -41.06 7.28 24.82
N LEU A 442 -40.81 5.99 25.02
CA LEU A 442 -41.32 5.31 26.21
C LEU A 442 -40.69 5.89 27.48
N LYS A 443 -39.38 6.13 27.45
CA LYS A 443 -38.71 6.68 28.62
C LYS A 443 -39.22 8.08 28.96
N ALA A 444 -39.62 8.84 27.93
CA ALA A 444 -40.25 10.14 28.17
C ALA A 444 -41.64 9.99 28.75
N ILE A 445 -42.39 8.97 28.29
CA ILE A 445 -43.71 8.72 28.86
C ILE A 445 -43.61 8.32 30.32
N LYS A 446 -42.62 7.50 30.67
CA LYS A 446 -42.59 6.89 31.99
C LYS A 446 -41.76 7.67 32.99
N LEU A 447 -40.59 8.18 32.57
CA LEU A 447 -39.64 8.79 33.50
C LEU A 447 -39.61 10.31 33.44
N ASP A 448 -40.28 10.93 32.47
CA ASP A 448 -40.22 12.37 32.30
C ASP A 448 -41.59 13.04 32.37
N GLY A 449 -42.67 12.26 32.46
CA GLY A 449 -44.00 12.86 32.50
C GLY A 449 -44.38 13.57 31.21
N VAL A 450 -43.80 13.17 30.09
CA VAL A 450 -44.16 13.72 28.79
C VAL A 450 -45.30 12.87 28.23
N ASP A 451 -46.53 13.36 28.38
CA ASP A 451 -47.70 12.61 27.96
C ASP A 451 -47.75 12.57 26.44
N VAL A 452 -47.22 11.51 25.86
CA VAL A 452 -47.27 11.31 24.42
C VAL A 452 -48.61 10.71 24.04
N ILE A 453 -49.10 11.07 22.86
CA ILE A 453 -50.35 10.53 22.34
C ILE A 453 -50.13 9.48 21.26
N GLY A 454 -48.95 9.41 20.66
CA GLY A 454 -48.69 8.43 19.63
C GLY A 454 -47.33 8.64 19.02
N TYR A 455 -46.94 7.67 18.19
CA TYR A 455 -45.66 7.69 17.50
C TYR A 455 -45.86 7.35 16.02
N THR A 456 -44.94 7.84 15.19
CA THR A 456 -44.99 7.60 13.76
C THR A 456 -43.59 7.28 13.25
N ALA A 457 -43.52 6.30 12.35
CA ALA A 457 -42.26 5.94 11.70
C ALA A 457 -42.30 6.44 10.27
N TRP A 458 -41.17 6.99 9.81
CA TRP A 458 -41.17 7.72 8.55
C TRP A 458 -40.85 6.80 7.37
N SER A 459 -41.29 7.22 6.19
CA SER A 459 -40.93 6.60 4.91
C SER A 459 -41.40 5.14 4.87
N LEU A 460 -42.72 4.98 4.84
CA LEU A 460 -43.31 3.70 4.50
C LEU A 460 -42.84 3.19 3.15
N MET A 461 -42.55 4.09 2.21
CA MET A 461 -42.16 3.75 0.85
C MET A 461 -40.92 4.55 0.45
N ASP A 462 -39.96 3.89 -0.17
CA ASP A 462 -38.68 4.52 -0.51
C ASP A 462 -38.91 5.64 -1.52
N GLY A 463 -37.87 6.45 -1.71
CA GLY A 463 -38.00 7.58 -2.60
C GLY A 463 -36.77 8.45 -2.79
N PHE A 464 -36.95 9.76 -2.68
CA PHE A 464 -36.04 10.75 -3.23
C PHE A 464 -35.77 11.81 -2.16
N GLU A 465 -34.62 11.71 -1.48
CA GLU A 465 -34.38 12.54 -0.30
C GLU A 465 -33.85 13.92 -0.67
N TRP A 466 -34.42 14.48 -1.73
CA TRP A 466 -34.29 15.86 -2.21
C TRP A 466 -32.87 16.26 -2.58
N HIS A 467 -31.98 16.23 -1.59
CA HIS A 467 -30.61 16.72 -1.86
C HIS A 467 -29.78 15.46 -2.09
N ARG A 468 -30.00 14.48 -1.21
CA ARG A 468 -29.34 13.17 -1.39
C ARG A 468 -30.06 12.48 -2.54
N GLY A 469 -30.88 13.25 -3.27
CA GLY A 469 -31.60 12.71 -4.44
C GLY A 469 -32.02 11.26 -4.23
N TYR A 470 -31.61 10.38 -5.13
CA TYR A 470 -31.95 8.97 -5.00
C TYR A 470 -30.90 8.14 -4.28
N SER A 471 -29.77 8.72 -3.90
CA SER A 471 -28.69 7.96 -3.29
C SER A 471 -29.03 7.47 -1.88
N ILE A 472 -30.25 7.70 -1.38
CA ILE A 472 -30.66 7.30 -0.05
C ILE A 472 -31.94 6.49 -0.16
N ARG A 473 -32.02 5.40 0.60
CA ARG A 473 -33.21 4.56 0.70
C ARG A 473 -33.70 4.56 2.13
N ARG A 474 -34.95 4.98 2.33
CA ARG A 474 -35.51 5.10 3.67
C ARG A 474 -36.76 4.25 3.89
N GLY A 475 -37.29 3.63 2.84
CA GLY A 475 -38.58 2.97 2.95
C GLY A 475 -38.56 1.81 3.91
N LEU A 476 -39.73 1.53 4.49
CA LEU A 476 -39.96 0.27 5.18
C LEU A 476 -40.12 -0.89 4.20
N PHE A 477 -40.42 -0.60 2.93
CA PHE A 477 -40.66 -1.60 1.92
C PHE A 477 -39.81 -1.27 0.70
N TYR A 478 -38.96 -2.20 0.29
CA TYR A 478 -38.03 -1.95 -0.82
C TYR A 478 -38.76 -1.99 -2.15
N VAL A 479 -38.52 -0.96 -2.96
CA VAL A 479 -39.00 -0.89 -4.33
C VAL A 479 -37.79 -0.69 -5.24
N ASP A 480 -37.65 -1.55 -6.23
CA ASP A 480 -36.51 -1.48 -7.15
C ASP A 480 -36.82 -0.52 -8.29
N PHE A 481 -35.79 0.18 -8.75
CA PHE A 481 -35.92 1.13 -9.85
C PHE A 481 -35.67 0.48 -11.21
N LEU A 482 -35.91 -0.82 -11.33
CA LEU A 482 -35.89 -1.51 -12.61
C LEU A 482 -37.23 -2.15 -12.97
N SER A 483 -38.19 -2.16 -12.05
CA SER A 483 -39.48 -2.80 -12.26
C SER A 483 -40.50 -1.76 -12.73
N GLN A 484 -41.34 -2.15 -13.69
CA GLN A 484 -42.36 -1.25 -14.19
C GLN A 484 -43.60 -1.23 -13.31
N ASP A 485 -43.80 -2.25 -12.47
CA ASP A 485 -44.91 -2.24 -11.52
C ASP A 485 -44.56 -1.49 -10.24
N LYS A 486 -43.28 -1.20 -10.01
CA LYS A 486 -42.79 -0.64 -8.74
C LYS A 486 -43.20 -1.52 -7.57
N MET A 487 -43.00 -2.83 -7.71
CA MET A 487 -43.53 -3.78 -6.75
C MET A 487 -42.81 -3.67 -5.42
N LEU A 488 -43.57 -3.55 -4.34
CA LEU A 488 -43.01 -3.43 -3.00
C LEU A 488 -42.69 -4.81 -2.43
N LEU A 489 -41.65 -4.86 -1.61
CA LEU A 489 -41.30 -6.06 -0.87
C LEU A 489 -41.00 -5.73 0.58
N PRO A 490 -41.42 -6.58 1.52
CA PRO A 490 -41.19 -6.30 2.93
C PRO A 490 -39.70 -6.24 3.26
N LYS A 491 -39.37 -5.52 4.32
CA LYS A 491 -38.00 -5.40 4.78
C LYS A 491 -37.90 -5.89 6.22
N SER A 492 -36.73 -5.70 6.82
CA SER A 492 -36.54 -6.02 8.22
C SER A 492 -37.30 -5.05 9.13
N SER A 493 -37.21 -3.74 8.84
CA SER A 493 -37.91 -2.74 9.63
C SER A 493 -39.40 -3.02 9.71
N ALA A 494 -40.02 -3.43 8.59
CA ALA A 494 -41.44 -3.71 8.61
C ALA A 494 -41.78 -4.82 9.59
N LEU A 495 -41.00 -5.91 9.56
CA LEU A 495 -41.24 -7.03 10.46
C LEU A 495 -41.05 -6.61 11.92
N PHE A 496 -39.99 -5.83 12.19
CA PHE A 496 -39.73 -5.39 13.56
C PHE A 496 -40.86 -4.52 14.07
N TYR A 497 -41.28 -3.54 13.26
CA TYR A 497 -42.40 -2.69 13.65
C TYR A 497 -43.66 -3.51 13.89
N GLN A 498 -43.87 -4.51 13.04
CA GLN A 498 -45.06 -5.39 13.21
C GLN A 498 -44.97 -6.05 14.59
N LYS A 499 -43.82 -6.63 14.95
CA LYS A 499 -43.77 -7.36 16.21
C LYS A 499 -43.64 -6.43 17.40
N LEU A 500 -43.43 -5.14 17.18
CA LEU A 500 -43.44 -4.17 18.27
C LEU A 500 -44.84 -3.61 18.52
N ILE A 501 -45.64 -3.44 17.46
CA ILE A 501 -47.00 -2.93 17.64
C ILE A 501 -47.83 -3.92 18.44
N GLU A 502 -47.96 -5.15 17.94
CA GLU A 502 -48.93 -6.10 18.47
C GLU A 502 -48.67 -6.44 19.92
N LYS A 503 -47.44 -6.30 20.39
CA LYS A 503 -47.08 -6.54 21.78
C LYS A 503 -47.11 -5.28 22.63
N ASN A 504 -47.58 -4.16 22.07
CA ASN A 504 -47.76 -2.90 22.80
C ASN A 504 -46.46 -2.47 23.48
N GLY A 505 -45.44 -2.28 22.66
CA GLY A 505 -44.17 -1.74 23.12
C GLY A 505 -43.16 -2.86 23.38
N PHE A 506 -42.59 -2.87 24.60
CA PHE A 506 -41.64 -3.89 25.02
C PHE A 506 -42.18 -4.57 26.27
N PRO A 507 -43.13 -5.50 26.12
CA PRO A 507 -43.69 -6.16 27.29
C PRO A 507 -42.73 -7.18 27.85
N PRO A 508 -42.78 -7.44 29.16
CA PRO A 508 -41.85 -8.41 29.75
C PRO A 508 -42.04 -9.79 29.14
N LEU A 509 -40.92 -10.44 28.83
CA LEU A 509 -40.89 -11.75 28.19
C LEU A 509 -40.27 -12.76 29.14
N PRO A 510 -40.55 -14.05 28.95
CA PRO A 510 -39.90 -15.08 29.80
C PRO A 510 -38.39 -14.94 29.87
N GLU A 511 -37.74 -14.62 28.75
CA GLU A 511 -36.31 -14.37 28.78
C GLU A 511 -35.98 -13.03 29.40
N ASN A 512 -36.84 -12.03 29.21
CA ASN A 512 -36.64 -10.68 29.73
C ASN A 512 -37.24 -10.48 31.12
N GLN A 513 -37.43 -11.56 31.87
CA GLN A 513 -38.01 -11.48 33.21
C GLN A 513 -37.23 -12.44 34.10
N PRO A 514 -36.70 -11.97 35.22
CA PRO A 514 -35.83 -12.82 36.05
C PRO A 514 -36.59 -13.98 36.66
N LEU A 515 -36.06 -15.18 36.50
CA LEU A 515 -36.65 -16.41 37.03
C LEU A 515 -35.74 -16.96 38.11
N GLU A 516 -36.27 -17.05 39.33
CA GLU A 516 -35.48 -17.43 40.50
C GLU A 516 -34.92 -18.84 40.34
N GLY A 517 -33.85 -19.12 41.09
CA GLY A 517 -33.26 -20.44 41.09
C GLY A 517 -31.89 -20.51 41.75
N THR A 518 -31.53 -21.69 42.25
CA THR A 518 -30.24 -21.88 42.92
C THR A 518 -29.26 -22.56 41.99
N PHE A 519 -27.97 -22.33 42.25
CA PHE A 519 -26.91 -22.92 41.46
C PHE A 519 -26.56 -24.32 41.95
N PRO A 520 -26.18 -25.22 41.04
CA PRO A 520 -25.75 -26.56 41.47
C PRO A 520 -24.46 -26.49 42.26
N CYS A 521 -24.39 -27.28 43.33
CA CYS A 521 -23.23 -27.25 44.21
C CYS A 521 -21.95 -27.54 43.43
N ASP A 522 -20.81 -27.24 44.07
CA ASP A 522 -19.48 -27.32 43.49
C ASP A 522 -19.33 -26.44 42.25
N PHE A 523 -20.28 -25.54 42.01
CA PHE A 523 -20.13 -24.53 40.97
C PHE A 523 -18.86 -23.71 41.18
N ALA A 524 -18.18 -23.42 40.08
CA ALA A 524 -16.88 -22.76 40.13
C ALA A 524 -17.04 -21.25 40.23
N TRP A 525 -16.14 -20.61 40.96
CA TRP A 525 -16.13 -19.16 41.08
C TRP A 525 -14.70 -18.66 40.92
N GLY A 526 -14.59 -17.39 40.56
CA GLY A 526 -13.29 -16.78 40.40
C GLY A 526 -13.37 -15.55 39.53
N VAL A 527 -12.23 -14.85 39.44
CA VAL A 527 -12.07 -13.68 38.60
C VAL A 527 -10.70 -13.73 37.92
N VAL A 528 -10.45 -12.75 37.05
CA VAL A 528 -9.42 -12.83 36.02
C VAL A 528 -8.43 -11.69 36.23
N ASP A 529 -7.14 -12.01 36.14
CA ASP A 529 -6.12 -10.99 35.87
C ASP A 529 -5.03 -11.64 35.03
N ASN A 530 -5.18 -11.54 33.71
CA ASN A 530 -4.25 -12.14 32.76
C ASN A 530 -2.94 -11.37 32.63
N TYR A 531 -2.68 -10.35 33.46
CA TYR A 531 -1.45 -9.58 33.37
C TYR A 531 -0.78 -9.40 34.72
N ILE A 532 -0.98 -10.33 35.65
CA ILE A 532 -0.44 -10.18 37.00
C ILE A 532 1.05 -9.91 36.94
N GLN A 533 1.50 -8.89 37.67
CA GLN A 533 2.91 -8.62 37.83
C GLN A 533 3.52 -9.62 38.81
N VAL A 534 4.63 -10.24 38.41
CA VAL A 534 5.27 -11.28 39.27
C VAL A 534 6.08 -10.60 40.38
N ALA A 576 5.71 -10.74 49.88
CA ALA A 576 6.00 -9.57 49.02
C ALA A 576 4.70 -9.03 48.43
N ALA A 577 4.44 -9.31 47.14
CA ALA A 577 3.23 -8.84 46.50
C ALA A 577 2.08 -9.84 46.59
N ILE A 578 2.32 -11.02 47.15
CA ILE A 578 1.33 -12.09 47.13
C ILE A 578 0.24 -11.86 48.17
N GLN A 579 0.60 -11.31 49.33
CA GLN A 579 -0.36 -11.22 50.43
C GLN A 579 -1.54 -10.31 50.11
N PRO A 580 -1.35 -9.08 49.59
CA PRO A 580 -2.53 -8.30 49.20
C PRO A 580 -3.36 -8.96 48.11
N GLN A 581 -2.71 -9.69 47.19
CA GLN A 581 -3.45 -10.45 46.19
C GLN A 581 -4.39 -11.44 46.84
N ILE A 582 -3.85 -12.36 47.66
CA ILE A 582 -4.70 -13.39 48.24
C ILE A 582 -5.72 -12.77 49.19
N ALA A 583 -5.38 -11.65 49.83
CA ALA A 583 -6.34 -10.98 50.71
C ALA A 583 -7.51 -10.43 49.91
N LEU A 584 -7.24 -9.92 48.71
CA LEU A 584 -8.31 -9.37 47.88
C LEU A 584 -9.11 -10.47 47.20
N LEU A 585 -8.50 -11.64 46.96
CA LEU A 585 -9.25 -12.74 46.37
C LEU A 585 -10.15 -13.38 47.41
N GLN A 586 -9.56 -13.83 48.52
CA GLN A 586 -10.36 -14.41 49.61
C GLN A 586 -11.43 -13.43 50.08
N GLU A 587 -11.10 -12.13 50.12
CA GLU A 587 -12.11 -11.13 50.46
C GLU A 587 -13.25 -11.12 49.45
N MET A 588 -12.97 -11.45 48.19
CA MET A 588 -14.00 -11.43 47.15
C MET A 588 -14.79 -12.74 47.07
N HIS A 589 -14.46 -13.73 47.89
CA HIS A 589 -15.02 -15.08 47.79
C HIS A 589 -14.73 -15.70 46.42
N VAL A 590 -13.44 -15.87 46.15
CA VAL A 590 -12.95 -16.42 44.89
C VAL A 590 -12.36 -17.79 45.16
N THR A 591 -12.83 -18.81 44.43
CA THR A 591 -12.24 -20.14 44.53
C THR A 591 -11.33 -20.51 43.38
N HIS A 592 -11.52 -19.90 42.20
CA HIS A 592 -10.67 -20.25 41.03
C HIS A 592 -10.14 -18.98 40.37
N PHE A 593 -9.20 -18.29 41.04
CA PHE A 593 -8.62 -17.08 40.49
C PHE A 593 -7.94 -17.38 39.16
N ARG A 594 -8.39 -16.71 38.10
CA ARG A 594 -7.84 -16.91 36.76
C ARG A 594 -6.65 -15.99 36.51
N PHE A 595 -5.56 -16.55 36.00
CA PHE A 595 -4.40 -15.75 35.62
C PHE A 595 -3.61 -16.51 34.57
N SER A 596 -2.44 -16.00 34.22
CA SER A 596 -1.57 -16.60 33.21
C SER A 596 -0.14 -16.42 33.66
N LEU A 597 0.80 -16.64 32.74
CA LEU A 597 2.23 -16.58 33.08
C LEU A 597 3.05 -15.64 32.21
N ASP A 598 2.56 -15.25 31.03
CA ASP A 598 3.34 -14.50 30.05
C ASP A 598 4.62 -15.26 29.69
N TRP A 599 4.41 -16.39 29.03
CA TRP A 599 5.46 -17.37 28.72
C TRP A 599 6.77 -16.69 28.32
N ALA A 600 6.69 -15.66 27.48
CA ALA A 600 7.89 -14.93 27.06
C ALA A 600 8.79 -14.58 28.24
N LEU A 601 8.21 -14.31 29.42
CA LEU A 601 9.01 -14.04 30.60
C LEU A 601 9.50 -15.32 31.30
N ILE A 602 8.85 -16.46 31.05
CA ILE A 602 9.31 -17.71 31.66
C ILE A 602 10.68 -18.09 31.11
N LEU A 603 10.84 -18.07 29.79
CA LEU A 603 12.09 -18.42 29.14
C LEU A 603 12.63 -17.18 28.43
N PRO A 604 13.83 -16.73 28.78
CA PRO A 604 14.38 -15.55 28.07
C PRO A 604 14.69 -15.84 26.61
N LEU A 605 15.26 -17.02 26.31
CA LEU A 605 15.64 -17.36 24.95
C LEU A 605 14.71 -18.36 24.29
N GLY A 606 13.73 -18.90 25.03
CA GLY A 606 12.87 -19.93 24.49
C GLY A 606 13.41 -21.34 24.60
N ASN A 607 14.57 -21.46 25.27
CA ASN A 607 15.17 -22.79 25.50
C ASN A 607 15.11 -23.08 26.99
N GLN A 608 15.04 -24.36 27.37
CA GLN A 608 14.99 -24.75 28.76
C GLN A 608 16.34 -25.17 29.30
N SER A 609 17.42 -24.87 28.58
CA SER A 609 18.75 -24.91 29.16
C SER A 609 19.04 -23.71 30.06
N GLN A 610 18.12 -22.75 30.10
CA GLN A 610 18.23 -21.57 30.95
C GLN A 610 16.81 -21.11 31.29
N VAL A 611 16.60 -20.71 32.54
CA VAL A 611 15.30 -20.21 32.97
C VAL A 611 15.52 -19.30 34.17
N ASN A 612 14.74 -18.22 34.24
CA ASN A 612 14.77 -17.33 35.40
C ASN A 612 13.75 -17.87 36.41
N HIS A 613 14.22 -18.77 37.28
CA HIS A 613 13.37 -19.49 38.20
C HIS A 613 12.72 -18.60 39.26
N THR A 614 12.97 -17.28 39.25
CA THR A 614 12.35 -16.40 40.23
C THR A 614 10.84 -16.37 40.07
N ILE A 615 10.37 -15.98 38.88
CA ILE A 615 8.93 -15.92 38.64
C ILE A 615 8.32 -17.31 38.72
N LEU A 616 9.10 -18.35 38.42
CA LEU A 616 8.57 -19.71 38.51
C LEU A 616 8.29 -20.10 39.95
N GLN A 617 9.26 -19.89 40.85
CA GLN A 617 9.01 -20.18 42.25
C GLN A 617 7.97 -19.24 42.83
N TYR A 618 7.86 -18.02 42.27
CA TYR A 618 6.80 -17.12 42.70
C TYR A 618 5.43 -17.68 42.37
N TYR A 619 5.27 -18.22 41.17
CA TYR A 619 4.01 -18.85 40.80
C TYR A 619 3.76 -20.09 41.66
N ARG A 620 4.81 -20.86 41.95
CA ARG A 620 4.67 -22.03 42.81
C ARG A 620 4.12 -21.64 44.18
N CYS A 621 4.80 -20.71 44.87
CA CYS A 621 4.29 -20.21 46.14
C CYS A 621 2.88 -19.66 46.01
N MET A 622 2.59 -18.98 44.89
CA MET A 622 1.30 -18.34 44.72
C MET A 622 0.18 -19.39 44.70
N ALA A 623 0.29 -20.37 43.79
CA ALA A 623 -0.67 -21.45 43.72
C ALA A 623 -0.77 -22.19 45.05
N SER A 624 0.37 -22.52 45.67
CA SER A 624 0.33 -23.30 46.91
C SER A 624 -0.44 -22.55 47.99
N GLU A 625 -0.04 -21.31 48.28
CA GLU A 625 -0.75 -20.51 49.27
C GLU A 625 -2.23 -20.39 48.92
N LEU A 626 -2.54 -20.13 47.64
CA LEU A 626 -3.93 -20.04 47.22
C LEU A 626 -4.72 -21.29 47.59
N VAL A 627 -4.07 -22.46 47.50
CA VAL A 627 -4.71 -23.70 47.95
C VAL A 627 -4.84 -23.72 49.48
N ARG A 628 -3.82 -23.25 50.19
CA ARG A 628 -3.95 -23.14 51.64
C ARG A 628 -5.10 -22.22 52.04
N VAL A 629 -5.30 -21.12 51.31
CA VAL A 629 -6.48 -20.28 51.47
C VAL A 629 -7.65 -20.82 50.65
N ASN A 630 -7.49 -22.05 50.14
CA ASN A 630 -8.53 -22.75 49.39
C ASN A 630 -8.94 -21.97 48.13
N ILE A 631 -7.97 -21.88 47.22
CA ILE A 631 -8.20 -21.38 45.87
C ILE A 631 -7.49 -22.34 44.91
N THR A 632 -8.24 -22.90 43.97
CA THR A 632 -7.67 -23.74 42.93
C THR A 632 -7.54 -22.91 41.66
N PRO A 633 -6.33 -22.64 41.17
CA PRO A 633 -6.15 -21.59 40.16
C PRO A 633 -6.46 -22.10 38.76
N VAL A 634 -7.40 -21.42 38.08
CA VAL A 634 -7.54 -21.50 36.64
C VAL A 634 -6.31 -20.83 36.02
N VAL A 635 -5.46 -21.62 35.37
CA VAL A 635 -4.17 -21.14 34.87
C VAL A 635 -4.21 -21.11 33.35
N ALA A 636 -3.55 -20.10 32.78
CA ALA A 636 -3.38 -19.95 31.34
C ALA A 636 -1.91 -20.06 31.00
N LEU A 637 -1.62 -20.29 29.71
CA LEU A 637 -0.25 -20.50 29.27
C LEU A 637 0.24 -19.54 28.20
N TRP A 638 -0.63 -19.06 27.32
CA TRP A 638 -0.22 -18.17 26.24
C TRP A 638 -1.24 -17.06 26.05
N GLN A 639 -0.74 -15.84 25.91
CA GLN A 639 -1.65 -14.66 25.78
C GLN A 639 -1.56 -14.09 24.36
N PRO A 640 -2.64 -13.47 23.85
CA PRO A 640 -2.68 -12.95 22.47
C PRO A 640 -2.16 -11.53 22.32
N MET A 641 -2.12 -10.77 23.42
CA MET A 641 -1.82 -9.35 23.35
C MET A 641 -0.33 -9.14 23.58
N ALA A 642 0.40 -8.87 22.49
CA ALA A 642 1.83 -8.61 22.51
C ALA A 642 2.26 -8.16 21.11
N PRO A 643 3.30 -7.32 21.00
CA PRO A 643 3.79 -6.97 19.66
C PRO A 643 4.51 -8.10 18.95
N ASN A 644 4.90 -9.15 19.69
CA ASN A 644 5.51 -10.34 19.11
C ASN A 644 4.67 -11.59 19.33
N GLN A 645 3.37 -11.43 19.60
CA GLN A 645 2.44 -12.52 19.89
C GLN A 645 2.81 -13.26 21.18
N GLY A 646 3.74 -12.71 21.97
CA GLY A 646 4.01 -13.19 23.30
C GLY A 646 5.06 -14.26 23.40
N LEU A 647 5.90 -14.42 22.39
CA LEU A 647 6.99 -15.37 22.43
C LEU A 647 8.28 -14.68 22.84
N PRO A 648 9.25 -15.43 23.36
CA PRO A 648 10.58 -14.85 23.59
C PRO A 648 11.20 -14.38 22.28
N ARG A 649 12.16 -13.45 22.39
CA ARG A 649 12.70 -12.78 21.22
C ARG A 649 13.21 -13.80 20.20
N LEU A 650 14.01 -14.76 20.67
CA LEU A 650 14.54 -15.78 19.79
C LEU A 650 13.44 -16.65 19.20
N LEU A 651 12.45 -17.01 20.01
CA LEU A 651 11.35 -17.83 19.48
C LEU A 651 10.37 -17.01 18.64
N ALA A 652 10.50 -15.69 18.66
CA ALA A 652 9.64 -14.83 17.85
C ALA A 652 10.30 -14.46 16.53
N ARG A 653 11.63 -14.42 16.50
CA ARG A 653 12.34 -13.92 15.34
C ARG A 653 12.29 -14.92 14.19
N GLN A 654 11.94 -16.17 14.48
CA GLN A 654 12.04 -17.29 13.54
C GLN A 654 10.67 -17.81 13.10
N GLY A 655 9.72 -16.90 12.87
CA GLY A 655 8.37 -17.32 12.55
C GLY A 655 7.56 -17.79 13.73
N ALA A 656 7.20 -16.87 14.64
CA ALA A 656 6.75 -17.22 15.98
C ALA A 656 5.91 -18.49 15.96
N TRP A 657 4.83 -18.51 15.17
CA TRP A 657 3.96 -19.67 15.14
C TRP A 657 3.88 -20.32 13.77
N GLU A 658 4.43 -19.68 12.72
CA GLU A 658 4.39 -20.27 11.38
C GLU A 658 5.37 -21.43 11.26
N ASN A 659 6.52 -21.30 11.91
CA ASN A 659 7.51 -22.36 12.02
C ASN A 659 6.85 -23.66 12.49
N PRO A 660 7.32 -24.82 12.00
CA PRO A 660 6.85 -26.10 12.58
C PRO A 660 7.39 -26.33 13.99
N TYR A 661 8.69 -26.11 14.18
CA TYR A 661 9.35 -26.51 15.42
C TYR A 661 8.78 -25.79 16.64
N THR A 662 8.25 -24.58 16.46
CA THR A 662 7.68 -23.84 17.59
C THR A 662 6.60 -24.65 18.29
N ALA A 663 5.90 -25.52 17.56
CA ALA A 663 4.90 -26.39 18.20
C ALA A 663 5.54 -27.23 19.31
N LEU A 664 6.63 -27.94 18.99
CA LEU A 664 7.40 -28.63 20.02
C LEU A 664 7.97 -27.67 21.06
N ALA A 665 8.41 -26.48 20.65
CA ALA A 665 8.84 -25.47 21.61
C ALA A 665 7.75 -25.15 22.62
N PHE A 666 6.50 -25.14 22.19
CA PHE A 666 5.38 -25.08 23.13
C PHE A 666 5.28 -26.36 23.94
N ALA A 667 5.32 -27.51 23.26
CA ALA A 667 5.10 -28.81 23.89
C ALA A 667 5.97 -28.97 25.12
N GLU A 668 7.29 -28.95 24.93
CA GLU A 668 8.22 -29.12 26.05
C GLU A 668 8.00 -28.09 27.14
N TYR A 669 7.74 -26.84 26.77
CA TYR A 669 7.49 -25.82 27.78
C TYR A 669 6.25 -26.18 28.62
N ALA A 670 5.22 -26.70 27.96
CA ALA A 670 4.06 -27.24 28.67
C ALA A 670 4.49 -28.34 29.65
N ARG A 671 5.30 -29.29 29.16
CA ARG A 671 5.81 -30.34 30.04
C ARG A 671 6.44 -29.73 31.29
N LEU A 672 7.30 -28.72 31.08
CA LEU A 672 7.88 -27.95 32.18
C LEU A 672 6.80 -27.53 33.17
N CYS A 673 5.85 -26.73 32.68
CA CYS A 673 4.81 -26.18 33.55
C CYS A 673 4.05 -27.29 34.26
N PHE A 674 3.99 -28.48 33.67
CA PHE A 674 3.18 -29.53 34.25
C PHE A 674 4.00 -30.39 35.19
N GLN A 675 5.32 -30.28 35.10
CA GLN A 675 6.18 -31.15 35.94
C GLN A 675 6.56 -30.41 37.23
N GLU A 676 6.63 -29.08 37.18
CA GLU A 676 6.91 -28.35 38.42
C GLU A 676 5.61 -28.00 39.16
N LEU A 677 4.74 -27.21 38.52
CA LEU A 677 3.50 -26.80 39.17
C LEU A 677 2.45 -27.91 39.22
N GLY A 678 2.72 -29.05 38.60
CA GLY A 678 1.71 -30.05 38.30
C GLY A 678 0.84 -30.55 39.43
N HIS A 679 1.17 -30.19 40.67
CA HIS A 679 0.36 -30.66 41.79
C HIS A 679 -0.81 -29.72 42.08
N HIS A 680 -0.59 -28.42 42.03
CA HIS A 680 -1.51 -27.45 42.59
C HIS A 680 -2.53 -26.95 41.58
N VAL A 681 -2.68 -27.64 40.45
CA VAL A 681 -3.60 -27.23 39.39
C VAL A 681 -4.69 -28.28 39.23
N LYS A 682 -5.91 -27.81 38.97
CA LYS A 682 -7.02 -28.68 38.60
C LYS A 682 -7.72 -28.23 37.33
N LEU A 683 -7.23 -27.15 36.69
CA LEU A 683 -7.78 -26.69 35.43
C LEU A 683 -6.69 -25.91 34.69
N TRP A 684 -6.49 -26.22 33.42
CA TRP A 684 -5.46 -25.57 32.62
C TRP A 684 -6.08 -24.93 31.37
N ILE A 685 -5.35 -23.96 30.82
CA ILE A 685 -5.70 -23.33 29.55
C ILE A 685 -4.40 -23.09 28.79
N THR A 686 -4.26 -23.73 27.62
CA THR A 686 -3.01 -23.63 26.87
C THR A 686 -2.95 -22.37 26.01
N MET A 687 -3.87 -22.25 25.05
CA MET A 687 -3.93 -21.10 24.14
C MET A 687 -5.06 -20.18 24.58
N ASN A 688 -4.75 -19.28 25.53
CA ASN A 688 -5.76 -18.45 26.17
C ASN A 688 -6.28 -17.39 25.20
N GLU A 689 -7.33 -17.73 24.45
CA GLU A 689 -8.12 -16.78 23.67
C GLU A 689 -7.27 -16.05 22.63
N PRO A 690 -6.84 -16.73 21.57
CA PRO A 690 -6.19 -16.04 20.46
C PRO A 690 -7.19 -15.28 19.61
N TYR A 691 -6.81 -14.08 19.20
CA TYR A 691 -7.65 -13.30 18.29
C TYR A 691 -7.79 -14.01 16.95
N THR A 692 -8.92 -13.77 16.27
CA THR A 692 -9.34 -14.63 15.18
C THR A 692 -9.73 -13.84 13.93
N ARG A 693 -9.14 -12.67 13.74
CA ARG A 693 -9.32 -11.99 12.46
C ARG A 693 -8.04 -11.29 12.01
N ASN A 694 -6.91 -11.60 12.64
CA ASN A 694 -5.61 -11.05 12.27
C ASN A 694 -4.53 -12.11 12.29
N MET A 695 -4.78 -13.26 12.90
CA MET A 695 -3.83 -14.35 13.03
C MET A 695 -3.88 -15.23 11.80
N THR A 696 -2.72 -15.59 11.26
CA THR A 696 -2.67 -16.25 9.97
C THR A 696 -3.05 -17.73 10.09
N TYR A 697 -3.71 -18.22 9.04
CA TYR A 697 -4.20 -19.60 9.04
C TYR A 697 -3.08 -20.60 9.25
N SER A 698 -2.02 -20.50 8.45
CA SER A 698 -0.91 -21.45 8.53
C SER A 698 -0.37 -21.54 9.95
N ALA A 699 -0.30 -20.40 10.65
CA ALA A 699 0.07 -20.43 12.06
C ALA A 699 -1.02 -21.11 12.90
N GLY A 700 -2.29 -21.02 12.47
CA GLY A 700 -3.35 -21.68 13.21
C GLY A 700 -3.20 -23.18 13.17
N HIS A 701 -2.74 -23.71 12.03
CA HIS A 701 -2.43 -25.14 11.93
C HIS A 701 -1.43 -25.53 13.02
N ASN A 702 -0.36 -24.76 13.17
CA ASN A 702 0.65 -25.09 14.16
C ASN A 702 0.13 -24.88 15.57
N LEU A 703 -0.79 -23.93 15.78
CA LEU A 703 -1.39 -23.77 17.10
C LEU A 703 -2.18 -25.01 17.49
N LEU A 704 -3.00 -25.51 16.56
CA LEU A 704 -3.77 -26.72 16.83
C LEU A 704 -2.84 -27.91 17.05
N LYS A 705 -1.76 -27.99 16.28
CA LYS A 705 -0.78 -29.05 16.50
C LYS A 705 -0.15 -28.94 17.89
N ALA A 706 0.16 -27.72 18.31
CA ALA A 706 0.75 -27.50 19.63
C ALA A 706 -0.20 -27.96 20.72
N HIS A 707 -1.48 -27.58 20.60
CA HIS A 707 -2.49 -28.05 21.56
C HIS A 707 -2.54 -29.58 21.58
N ALA A 708 -2.47 -30.20 20.41
CA ALA A 708 -2.56 -31.66 20.34
C ALA A 708 -1.39 -32.32 21.05
N LEU A 709 -0.16 -31.86 20.73
CA LEU A 709 1.03 -32.40 21.38
C LEU A 709 0.96 -32.20 22.89
N ALA A 710 0.59 -31.00 23.34
CA ALA A 710 0.54 -30.73 24.77
C ALA A 710 -0.46 -31.62 25.46
N TRP A 711 -1.62 -31.82 24.84
CA TRP A 711 -2.66 -32.65 25.47
C TRP A 711 -2.21 -34.11 25.53
N HIS A 712 -1.65 -34.62 24.43
CA HIS A 712 -1.17 -36.00 24.44
C HIS A 712 -0.06 -36.19 25.45
N VAL A 713 0.78 -35.18 25.63
CA VAL A 713 1.85 -35.26 26.62
C VAL A 713 1.27 -35.36 28.03
N TYR A 714 0.50 -34.34 28.43
CA TYR A 714 -0.03 -34.33 29.78
C TYR A 714 -1.00 -35.48 30.02
N ASN A 715 -1.47 -36.14 28.97
CA ASN A 715 -2.34 -37.29 29.16
C ASN A 715 -1.52 -38.55 29.36
N GLU A 716 -0.55 -38.80 28.48
CA GLU A 716 0.18 -40.06 28.50
C GLU A 716 1.32 -40.06 29.50
N LYS A 717 1.55 -38.97 30.24
CA LYS A 717 2.67 -39.01 31.19
C LYS A 717 2.37 -38.43 32.57
N PHE A 718 1.30 -37.67 32.76
CA PHE A 718 1.07 -36.98 34.02
C PHE A 718 -0.33 -37.13 34.59
N ARG A 719 -1.34 -37.47 33.77
CA ARG A 719 -2.71 -37.47 34.26
C ARG A 719 -2.93 -38.53 35.33
N HIS A 720 -2.28 -39.69 35.17
CA HIS A 720 -2.50 -40.78 36.11
C HIS A 720 -1.92 -40.46 37.49
N ALA A 721 -0.70 -39.92 37.53
CA ALA A 721 -0.10 -39.55 38.81
C ALA A 721 -0.53 -38.17 39.30
N GLN A 722 -1.01 -37.31 38.41
CA GLN A 722 -1.52 -35.99 38.77
C GLN A 722 -2.89 -35.81 38.12
N ASN A 723 -3.94 -35.82 38.93
CA ASN A 723 -5.28 -35.61 38.39
C ASN A 723 -5.38 -34.22 37.78
N GLY A 724 -6.39 -34.03 36.95
CA GLY A 724 -6.68 -32.72 36.41
C GLY A 724 -7.33 -32.82 35.04
N LYS A 725 -7.81 -31.69 34.56
CA LYS A 725 -8.33 -31.55 33.21
C LYS A 725 -7.58 -30.45 32.49
N ILE A 726 -7.42 -30.61 31.17
CA ILE A 726 -6.74 -29.63 30.33
C ILE A 726 -7.52 -29.46 29.03
N SER A 727 -7.92 -28.24 28.74
CA SER A 727 -8.70 -27.96 27.54
C SER A 727 -8.36 -26.54 27.07
N ILE A 728 -9.18 -25.99 26.19
CA ILE A 728 -8.90 -24.70 25.56
C ILE A 728 -9.92 -23.67 26.05
N ALA A 729 -9.51 -22.40 25.96
CA ALA A 729 -10.40 -21.26 26.21
C ALA A 729 -10.48 -20.45 24.91
N LEU A 730 -11.59 -20.58 24.20
CA LEU A 730 -11.71 -20.06 22.85
C LEU A 730 -12.64 -18.86 22.82
N GLN A 731 -12.32 -17.90 21.95
CA GLN A 731 -13.07 -16.65 21.88
C GLN A 731 -14.41 -16.91 21.21
N ALA A 732 -15.50 -16.69 21.93
CA ALA A 732 -16.84 -16.99 21.42
C ALA A 732 -17.79 -15.83 21.68
N ASP A 733 -17.35 -14.63 21.34
CA ASP A 733 -18.23 -13.48 21.29
C ASP A 733 -19.39 -13.74 20.34
N TRP A 734 -20.61 -13.71 20.86
CA TRP A 734 -21.77 -14.11 20.06
C TRP A 734 -21.97 -13.18 18.86
N ILE A 735 -22.28 -13.79 17.73
CA ILE A 735 -22.67 -13.10 16.51
C ILE A 735 -24.17 -13.32 16.29
N GLU A 736 -24.95 -12.26 16.45
CA GLU A 736 -26.38 -12.39 16.22
C GLU A 736 -26.74 -11.91 14.81
N PRO A 737 -27.68 -12.57 14.15
CA PRO A 737 -28.22 -12.04 12.89
C PRO A 737 -28.95 -10.73 13.12
N ALA A 738 -28.65 -9.73 12.30
CA ALA A 738 -29.33 -8.44 12.38
C ALA A 738 -30.83 -8.60 12.16
N CYS A 739 -31.22 -9.37 11.15
CA CYS A 739 -32.62 -9.67 10.92
C CYS A 739 -32.92 -11.06 11.44
N PRO A 740 -33.56 -11.20 12.61
CA PRO A 740 -33.81 -12.54 13.18
C PRO A 740 -34.69 -13.44 12.33
N PHE A 741 -35.19 -12.95 11.19
CA PHE A 741 -36.00 -13.77 10.31
C PHE A 741 -35.46 -13.81 8.89
N SER A 742 -34.19 -13.44 8.68
CA SER A 742 -33.56 -13.47 7.37
C SER A 742 -32.49 -14.56 7.34
N GLN A 743 -32.43 -15.28 6.23
CA GLN A 743 -31.58 -16.47 6.17
C GLN A 743 -30.13 -16.11 5.91
N LYS A 744 -29.87 -15.14 5.03
CA LYS A 744 -28.50 -14.79 4.70
C LYS A 744 -27.75 -14.27 5.91
N ASP A 745 -28.45 -13.57 6.81
CA ASP A 745 -27.85 -13.21 8.10
C ASP A 745 -27.44 -14.45 8.88
N LYS A 746 -28.30 -15.48 8.89
CA LYS A 746 -27.96 -16.72 9.57
C LYS A 746 -26.68 -17.33 8.99
N GLU A 747 -26.60 -17.40 7.65
CA GLU A 747 -25.42 -17.99 7.01
C GLU A 747 -24.16 -17.18 7.29
N VAL A 748 -24.23 -15.85 7.21
CA VAL A 748 -23.01 -15.09 7.48
C VAL A 748 -22.64 -15.19 8.96
N ALA A 749 -23.63 -15.30 9.84
CA ALA A 749 -23.33 -15.54 11.26
C ALA A 749 -22.60 -16.85 11.45
N GLU A 750 -23.10 -17.92 10.82
CA GLU A 750 -22.40 -19.20 10.85
C GLU A 750 -20.96 -19.05 10.37
N ARG A 751 -20.76 -18.32 9.27
CA ARG A 751 -19.41 -18.25 8.69
C ARG A 751 -18.46 -17.50 9.62
N VAL A 752 -18.90 -16.34 10.12
CA VAL A 752 -18.05 -15.54 10.99
C VAL A 752 -17.79 -16.28 12.30
N LEU A 753 -18.74 -17.10 12.76
CA LEU A 753 -18.47 -17.97 13.90
C LEU A 753 -17.42 -19.02 13.56
N GLU A 754 -17.58 -19.72 12.44
CA GLU A 754 -16.66 -20.79 12.10
C GLU A 754 -15.25 -20.25 11.90
N PHE A 755 -15.11 -18.97 11.55
CA PHE A 755 -13.79 -18.39 11.45
C PHE A 755 -13.30 -17.86 12.80
N ASP A 756 -14.20 -17.39 13.66
CA ASP A 756 -13.81 -16.97 15.00
C ASP A 756 -13.73 -18.15 15.96
N ILE A 757 -14.85 -18.84 16.18
CA ILE A 757 -14.92 -19.93 17.13
C ILE A 757 -14.61 -21.28 16.47
N GLY A 758 -15.26 -21.58 15.34
CA GLY A 758 -15.12 -22.88 14.72
C GLY A 758 -13.75 -23.18 14.18
N TRP A 759 -13.02 -22.14 13.75
CA TRP A 759 -11.70 -22.35 13.14
C TRP A 759 -10.76 -23.11 14.08
N LEU A 760 -10.71 -22.72 15.34
CA LEU A 760 -9.91 -23.44 16.33
C LEU A 760 -10.75 -24.37 17.21
N ALA A 761 -11.93 -24.75 16.77
CA ALA A 761 -12.78 -25.64 17.56
C ALA A 761 -13.16 -26.92 16.85
N GLU A 762 -13.42 -26.86 15.54
CA GLU A 762 -13.88 -28.05 14.83
C GLU A 762 -12.86 -29.18 14.82
N PRO A 763 -11.55 -28.95 14.64
CA PRO A 763 -10.60 -30.07 14.77
C PRO A 763 -10.42 -30.54 16.21
N ILE A 764 -10.64 -29.67 17.19
CA ILE A 764 -10.49 -30.07 18.59
C ILE A 764 -11.77 -30.75 19.10
N PHE A 765 -12.93 -30.18 18.79
CA PHE A 765 -14.19 -30.62 19.39
C PHE A 765 -14.92 -31.64 18.54
N GLY A 766 -15.06 -31.38 17.24
CA GLY A 766 -16.00 -32.13 16.42
C GLY A 766 -15.36 -33.15 15.49
N SER A 767 -15.68 -33.07 14.20
CA SER A 767 -15.26 -34.09 13.24
C SER A 767 -13.75 -34.28 13.23
N GLY A 768 -12.98 -33.20 13.41
CA GLY A 768 -11.54 -33.26 13.36
C GLY A 768 -10.91 -32.51 12.22
N ASP A 769 -11.70 -31.86 11.37
CA ASP A 769 -11.20 -31.03 10.29
C ASP A 769 -11.95 -29.70 10.32
N TYR A 770 -11.59 -28.80 9.40
CA TYR A 770 -12.16 -27.47 9.39
C TYR A 770 -13.68 -27.54 9.16
N PRO A 771 -14.41 -26.51 9.57
CA PRO A 771 -15.85 -26.46 9.27
C PRO A 771 -16.10 -26.50 7.77
N TRP A 772 -17.35 -26.86 7.43
CA TRP A 772 -17.70 -27.02 6.02
C TRP A 772 -17.80 -25.67 5.33
N VAL A 773 -18.49 -24.71 5.96
CA VAL A 773 -18.83 -23.47 5.27
C VAL A 773 -17.59 -22.61 5.06
N MET A 774 -16.60 -22.71 5.96
CA MET A 774 -15.40 -21.90 5.79
C MET A 774 -14.60 -22.34 4.58
N ARG A 775 -14.43 -23.66 4.41
CA ARG A 775 -13.73 -24.14 3.22
C ARG A 775 -14.55 -23.93 1.96
N ASP A 776 -15.88 -24.04 2.06
CA ASP A 776 -16.71 -23.75 0.90
C ASP A 776 -16.55 -22.29 0.45
N TRP A 777 -16.42 -21.38 1.41
CA TRP A 777 -16.24 -19.97 1.09
C TRP A 777 -14.82 -19.65 0.65
N LEU A 778 -13.83 -20.38 1.16
CA LEU A 778 -12.45 -20.23 0.67
C LEU A 778 -12.36 -20.68 -0.78
N ASN A 779 -13.08 -21.74 -1.14
CA ASN A 779 -12.93 -22.31 -2.48
C ASN A 779 -13.77 -21.55 -3.49
N GLN A 780 -15.00 -21.19 -3.12
CA GLN A 780 -15.87 -20.50 -4.07
C GLN A 780 -15.36 -19.09 -4.40
N ARG A 781 -14.73 -18.42 -3.44
CA ARG A 781 -14.19 -17.08 -3.64
C ARG A 781 -12.79 -17.05 -4.23
N ASN A 782 -12.26 -18.20 -4.67
CA ASN A 782 -10.92 -18.30 -5.27
C ASN A 782 -9.85 -17.54 -4.46
N ASN A 783 -10.03 -17.47 -3.13
CA ASN A 783 -9.02 -16.94 -2.22
C ASN A 783 -8.83 -17.97 -1.11
N PHE A 784 -7.59 -18.45 -0.97
CA PHE A 784 -7.30 -19.57 -0.09
C PHE A 784 -5.80 -19.68 0.23
N LEU A 785 -5.46 -19.71 1.51
CA LEU A 785 -4.14 -20.14 1.92
C LEU A 785 -4.16 -21.26 2.96
N LEU A 786 -5.34 -21.68 3.42
CA LEU A 786 -5.47 -22.70 4.46
C LEU A 786 -4.76 -24.02 4.14
N PRO A 787 -4.23 -24.69 5.17
CA PRO A 787 -3.77 -26.07 5.01
C PRO A 787 -4.92 -27.06 5.19
N TYR A 788 -4.71 -28.27 4.70
CA TYR A 788 -5.63 -29.37 4.97
C TYR A 788 -4.99 -30.35 5.95
N PHE A 789 -5.81 -31.27 6.45
CA PHE A 789 -5.39 -32.23 7.47
C PHE A 789 -5.04 -33.57 6.86
N THR A 790 -3.88 -34.10 7.24
CA THR A 790 -3.45 -35.45 6.92
C THR A 790 -3.90 -36.40 8.01
N GLU A 791 -4.14 -37.66 7.65
CA GLU A 791 -4.79 -38.60 8.56
C GLU A 791 -4.09 -38.68 9.90
N ASP A 792 -2.75 -38.70 9.91
CA ASP A 792 -2.01 -38.66 11.16
C ASP A 792 -2.31 -37.38 11.93
N GLU A 793 -2.30 -36.24 11.24
CA GLU A 793 -2.65 -34.98 11.90
C GLU A 793 -4.08 -35.03 12.43
N LYS A 794 -5.00 -35.60 11.65
CA LYS A 794 -6.40 -35.65 12.08
C LYS A 794 -6.56 -36.47 13.35
N LYS A 795 -5.91 -37.65 13.40
CA LYS A 795 -5.95 -38.43 14.64
C LYS A 795 -5.20 -37.73 15.78
N LEU A 796 -4.25 -36.84 15.46
CA LEU A 796 -3.56 -36.11 16.52
C LEU A 796 -4.47 -35.07 17.16
N ILE A 797 -5.15 -34.28 16.33
CA ILE A 797 -5.87 -33.12 16.87
C ILE A 797 -7.13 -33.55 17.60
N GLN A 798 -7.89 -34.48 17.01
CA GLN A 798 -9.27 -34.67 17.42
C GLN A 798 -9.35 -35.32 18.80
N GLY A 799 -10.34 -34.92 19.58
CA GLY A 799 -10.74 -35.64 20.76
C GLY A 799 -10.06 -35.22 22.03
N THR A 800 -9.29 -34.13 22.00
CA THR A 800 -8.65 -33.59 23.20
C THR A 800 -9.42 -32.34 23.65
N PHE A 801 -10.52 -32.58 24.35
CA PHE A 801 -11.18 -31.49 25.07
C PHE A 801 -11.94 -32.04 26.27
N ASP A 802 -11.57 -31.60 27.47
CA ASP A 802 -12.17 -32.14 28.68
C ASP A 802 -13.18 -31.18 29.29
N PHE A 803 -13.08 -29.90 28.96
CA PHE A 803 -14.08 -28.88 29.29
C PHE A 803 -14.09 -27.88 28.15
N LEU A 804 -14.89 -26.83 28.29
CA LEU A 804 -15.04 -25.83 27.24
C LEU A 804 -15.22 -24.48 27.92
N ALA A 805 -14.19 -23.64 27.82
CA ALA A 805 -14.19 -22.32 28.45
C ALA A 805 -14.67 -21.30 27.41
N LEU A 806 -15.98 -21.15 27.31
CA LEU A 806 -16.55 -20.10 26.47
C LEU A 806 -16.18 -18.73 27.01
N SER A 807 -15.61 -17.89 26.14
CA SER A 807 -15.21 -16.53 26.48
C SER A 807 -16.15 -15.57 25.78
N HIS A 808 -16.96 -14.85 26.56
CA HIS A 808 -17.98 -13.97 26.01
C HIS A 808 -17.93 -12.61 26.71
N TYR A 809 -17.45 -11.61 25.98
CA TYR A 809 -17.37 -10.25 26.53
C TYR A 809 -18.62 -9.45 26.20
N THR A 810 -18.99 -9.39 24.93
CA THR A 810 -20.11 -8.60 24.46
C THR A 810 -20.84 -9.41 23.39
N THR A 811 -21.69 -8.74 22.61
CA THR A 811 -22.33 -9.35 21.45
C THR A 811 -22.26 -8.36 20.29
N ILE A 812 -21.80 -8.86 19.14
CA ILE A 812 -21.72 -8.04 17.94
C ILE A 812 -22.78 -8.50 16.95
N LEU A 813 -23.11 -7.62 16.01
CA LEU A 813 -24.10 -7.90 14.99
C LEU A 813 -23.45 -7.91 13.61
N VAL A 814 -23.93 -8.79 12.75
CA VAL A 814 -23.45 -8.90 11.37
C VAL A 814 -24.55 -8.45 10.42
N ASP A 815 -24.14 -7.92 9.27
CA ASP A 815 -25.05 -7.61 8.18
C ASP A 815 -24.38 -8.00 6.87
N SER A 816 -25.19 -8.44 5.91
CA SER A 816 -24.67 -9.12 4.73
C SER A 816 -24.47 -8.18 3.54
N GLU A 817 -25.15 -7.06 3.49
CA GLU A 817 -25.08 -6.15 2.35
C GLU A 817 -24.15 -5.00 2.69
N LYS A 818 -23.33 -4.59 1.71
CA LYS A 818 -22.48 -3.43 1.89
C LYS A 818 -23.30 -2.17 2.15
N GLU A 819 -22.87 -1.41 3.15
CA GLU A 819 -23.47 -0.12 3.47
C GLU A 819 -22.44 0.97 3.69
N ASP A 820 -21.19 0.62 3.99
CA ASP A 820 -20.10 1.53 4.24
C ASP A 820 -18.87 1.04 3.47
N PRO A 821 -18.08 1.95 2.89
CA PRO A 821 -16.91 1.48 2.12
C PRO A 821 -15.77 1.01 3.02
N ILE A 822 -15.61 1.60 4.20
CA ILE A 822 -14.42 1.32 5.01
C ILE A 822 -14.65 0.19 6.00
N LYS A 823 -15.89 -0.03 6.43
CA LYS A 823 -16.18 -0.94 7.54
C LYS A 823 -17.06 -2.11 7.13
N TYR A 824 -17.06 -2.48 5.85
CA TYR A 824 -17.75 -3.68 5.37
C TYR A 824 -16.67 -4.67 4.90
N ASN A 825 -16.32 -5.61 5.75
CA ASN A 825 -15.18 -6.50 5.50
C ASN A 825 -15.51 -7.36 4.28
N ASP A 826 -14.86 -7.07 3.15
CA ASP A 826 -15.19 -7.75 1.90
C ASP A 826 -14.84 -9.24 1.96
N TYR A 827 -13.67 -9.57 2.51
CA TYR A 827 -13.19 -10.95 2.49
C TYR A 827 -14.23 -11.93 3.01
N LEU A 828 -14.84 -11.62 4.17
CA LEU A 828 -15.97 -12.41 4.67
C LEU A 828 -17.32 -11.89 4.22
N GLU A 829 -17.35 -10.85 3.38
CA GLU A 829 -18.59 -10.14 3.04
C GLU A 829 -19.43 -9.87 4.27
N VAL A 830 -18.79 -9.33 5.30
CA VAL A 830 -19.41 -9.11 6.61
C VAL A 830 -19.38 -7.62 6.94
N GLN A 831 -20.50 -7.12 7.44
CA GLN A 831 -20.63 -5.75 7.93
C GLN A 831 -20.84 -5.83 9.44
N GLU A 832 -19.86 -5.35 10.20
CA GLU A 832 -19.96 -5.41 11.66
C GLU A 832 -20.77 -4.23 12.17
N MET A 833 -21.65 -4.50 13.13
CA MET A 833 -22.54 -3.50 13.67
C MET A 833 -22.73 -3.75 15.16
N THR A 834 -23.02 -2.68 15.90
CA THR A 834 -23.36 -2.76 17.30
C THR A 834 -24.68 -2.01 17.50
N ASP A 835 -25.63 -2.68 18.15
CA ASP A 835 -26.93 -2.05 18.39
C ASP A 835 -26.77 -0.80 19.25
N ILE A 836 -27.68 0.16 19.04
CA ILE A 836 -27.52 1.48 19.63
C ILE A 836 -28.36 1.64 20.89
N THR A 837 -29.37 0.80 21.10
CA THR A 837 -30.28 1.00 22.22
C THR A 837 -29.77 0.37 23.51
N TRP A 838 -28.85 -0.58 23.40
CA TRP A 838 -28.28 -1.22 24.57
C TRP A 838 -27.53 -0.19 25.43
N LEU A 839 -27.35 -0.52 26.70
CA LEU A 839 -26.42 0.25 27.51
C LEU A 839 -25.01 0.06 26.96
N ASN A 840 -24.37 1.17 26.68
CA ASN A 840 -23.02 1.07 26.10
C ASN A 840 -22.00 1.52 27.13
N SER A 841 -20.74 1.25 26.84
CA SER A 841 -19.62 1.60 27.69
C SER A 841 -18.96 2.90 27.24
N PRO A 842 -18.30 3.61 28.15
CA PRO A 842 -17.45 4.73 27.73
C PRO A 842 -16.34 4.34 26.78
N SER A 843 -16.09 3.05 26.58
CA SER A 843 -15.22 2.56 25.52
C SER A 843 -15.99 1.83 24.43
N GLN A 844 -17.32 1.93 24.44
CA GLN A 844 -18.19 1.41 23.38
C GLN A 844 -18.01 -0.11 23.24
N VAL A 845 -18.43 -0.80 24.29
CA VAL A 845 -18.55 -2.26 24.26
C VAL A 845 -19.86 -2.64 24.93
N ALA A 846 -20.73 -3.33 24.19
CA ALA A 846 -22.13 -3.49 24.57
C ALA A 846 -22.28 -4.50 25.71
N VAL A 847 -23.35 -4.32 26.49
CA VAL A 847 -23.78 -5.31 27.48
C VAL A 847 -25.10 -5.90 27.02
N VAL A 848 -25.15 -7.22 26.91
CA VAL A 848 -26.37 -7.92 26.48
C VAL A 848 -26.56 -9.17 27.34
N PRO A 849 -27.54 -9.18 28.25
CA PRO A 849 -27.68 -10.33 29.15
C PRO A 849 -27.96 -11.64 28.43
N TRP A 850 -28.86 -11.63 27.43
CA TRP A 850 -29.30 -12.86 26.80
C TRP A 850 -28.26 -13.47 25.85
N GLY A 851 -27.13 -12.79 25.62
CA GLY A 851 -26.14 -13.25 24.67
C GLY A 851 -25.61 -14.62 25.08
N LEU A 852 -25.12 -14.69 26.33
CA LEU A 852 -24.45 -15.90 26.78
C LEU A 852 -25.33 -17.11 26.56
N ARG A 853 -26.63 -17.00 26.90
CA ARG A 853 -27.50 -18.15 26.84
C ARG A 853 -27.58 -18.69 25.42
N LYS A 854 -27.50 -17.79 24.43
CA LYS A 854 -27.48 -18.18 23.03
C LYS A 854 -26.19 -18.90 22.70
N VAL A 855 -25.04 -18.27 23.00
CA VAL A 855 -23.79 -18.88 22.58
C VAL A 855 -23.54 -20.19 23.33
N LEU A 856 -24.17 -20.34 24.49
CA LEU A 856 -24.23 -21.61 25.22
C LEU A 856 -25.01 -22.65 24.43
N ASN A 857 -26.29 -22.34 24.14
CA ASN A 857 -27.11 -23.30 23.42
C ASN A 857 -26.43 -23.70 22.12
N TRP A 858 -25.95 -22.73 21.34
CA TRP A 858 -25.21 -23.03 20.12
C TRP A 858 -24.06 -24.00 20.38
N LEU A 859 -23.24 -23.72 21.40
CA LEU A 859 -22.06 -24.56 21.60
C LEU A 859 -22.42 -25.91 22.19
N LYS A 860 -23.68 -26.12 22.56
CA LYS A 860 -24.12 -27.48 22.84
C LYS A 860 -24.70 -28.14 21.60
N PHE A 861 -25.40 -27.35 20.78
CA PHE A 861 -26.00 -27.84 19.55
C PHE A 861 -24.93 -28.32 18.57
N LYS A 862 -23.71 -27.83 18.71
CA LYS A 862 -22.65 -28.11 17.75
C LYS A 862 -21.69 -29.19 18.23
N TYR A 863 -21.33 -29.21 19.52
CA TYR A 863 -20.28 -30.07 20.02
C TYR A 863 -20.78 -31.00 21.11
N GLY A 864 -22.08 -31.24 21.18
CA GLY A 864 -22.63 -32.20 22.13
C GLY A 864 -22.58 -31.71 23.57
N ASP A 865 -23.39 -32.32 24.43
CA ASP A 865 -23.44 -31.91 25.82
C ASP A 865 -22.12 -32.22 26.51
N LEU A 866 -21.63 -31.26 27.29
CA LEU A 866 -20.31 -31.35 27.91
C LEU A 866 -20.16 -30.26 28.97
N PRO A 867 -19.33 -30.48 29.99
CA PRO A 867 -19.16 -29.46 31.04
C PRO A 867 -18.60 -28.16 30.48
N MET A 868 -19.38 -27.09 30.62
CA MET A 868 -19.08 -25.79 30.02
C MET A 868 -18.76 -24.77 31.11
N TYR A 869 -17.63 -24.09 30.96
CA TYR A 869 -17.30 -22.93 31.79
C TYR A 869 -17.50 -21.65 30.98
N ILE A 870 -17.86 -20.57 31.68
CA ILE A 870 -17.81 -19.23 31.12
C ILE A 870 -16.59 -18.55 31.75
N ILE A 871 -15.51 -18.46 30.98
CA ILE A 871 -14.21 -18.15 31.58
C ILE A 871 -13.89 -16.66 31.63
N SER A 872 -14.40 -15.90 30.64
CA SER A 872 -14.11 -14.45 30.56
C SER A 872 -15.40 -13.65 30.33
N ASN A 873 -15.73 -12.72 31.24
CA ASN A 873 -16.96 -11.88 31.13
C ASN A 873 -16.88 -10.69 32.08
N GLY A 874 -16.67 -9.48 31.56
CA GLY A 874 -16.55 -8.28 32.41
C GLY A 874 -16.48 -6.99 31.61
N ILE A 875 -17.36 -6.02 31.89
CA ILE A 875 -17.37 -4.73 31.22
C ILE A 875 -16.49 -3.77 32.02
N ASP A 876 -16.23 -2.61 31.42
CA ASP A 876 -15.39 -1.59 32.04
C ASP A 876 -16.25 -0.65 32.89
N ASP A 877 -15.69 0.49 33.29
CA ASP A 877 -16.43 1.49 34.03
C ASP A 877 -17.59 2.02 33.19
N GLY A 878 -18.48 2.78 33.83
CA GLY A 878 -19.60 3.37 33.12
C GLY A 878 -20.32 4.44 33.92
N LEU A 879 -20.90 5.42 33.22
CA LEU A 879 -21.76 6.43 33.84
C LEU A 879 -21.01 7.18 34.95
N HIS A 880 -20.06 8.02 34.53
CA HIS A 880 -19.11 8.58 35.46
C HIS A 880 -19.77 9.55 36.43
N ALA A 881 -20.67 9.02 37.26
CA ALA A 881 -21.14 9.66 38.48
C ALA A 881 -21.06 8.61 39.58
N GLU A 882 -21.15 7.36 39.16
CA GLU A 882 -20.89 6.21 40.03
C GLU A 882 -20.50 5.05 39.11
N ASP A 883 -19.22 4.67 39.14
CA ASP A 883 -18.64 3.77 38.16
C ASP A 883 -19.16 2.35 38.25
N ASP A 884 -20.03 2.04 39.21
CA ASP A 884 -20.50 0.68 39.41
C ASP A 884 -21.92 0.45 38.91
N GLN A 885 -22.68 1.50 38.61
CA GLN A 885 -24.09 1.35 38.27
C GLN A 885 -24.31 0.47 37.05
N LEU A 886 -23.29 0.28 36.21
CA LEU A 886 -23.42 -0.57 35.03
C LEU A 886 -22.89 -1.98 35.23
N ARG A 887 -21.81 -2.14 36.01
CA ARG A 887 -21.31 -3.48 36.30
C ARG A 887 -22.25 -4.25 37.22
N VAL A 888 -23.02 -3.56 38.07
CA VAL A 888 -24.02 -4.25 38.88
C VAL A 888 -25.11 -4.84 37.98
N TYR A 889 -25.61 -4.04 37.03
CA TYR A 889 -26.52 -4.58 36.02
C TYR A 889 -25.85 -5.70 35.24
N TYR A 890 -24.60 -5.50 34.85
CA TYR A 890 -23.87 -6.48 34.04
C TYR A 890 -23.89 -7.85 34.71
N MET A 891 -23.31 -7.94 35.90
CA MET A 891 -23.28 -9.21 36.62
C MET A 891 -24.70 -9.70 36.93
N GLN A 892 -25.51 -8.85 37.57
CA GLN A 892 -26.86 -9.23 37.99
C GLN A 892 -27.65 -9.88 36.87
N ASN A 893 -27.43 -9.47 35.62
CA ASN A 893 -28.21 -10.02 34.53
C ASN A 893 -27.48 -11.13 33.77
N TYR A 894 -26.16 -11.05 33.64
CA TYR A 894 -25.44 -12.10 32.93
C TYR A 894 -25.51 -13.41 33.71
N ILE A 895 -25.28 -13.34 35.04
CA ILE A 895 -25.31 -14.58 35.81
C ILE A 895 -26.73 -15.12 35.86
N ASN A 896 -27.72 -14.22 35.81
CA ASN A 896 -29.13 -14.65 35.80
C ASN A 896 -29.39 -15.44 34.51
N GLU A 897 -29.02 -14.84 33.38
CA GLU A 897 -29.23 -15.53 32.10
C GLU A 897 -28.48 -16.85 32.05
N ALA A 898 -27.32 -16.93 32.70
CA ALA A 898 -26.62 -18.21 32.77
C ALA A 898 -27.42 -19.23 33.58
N LEU A 899 -27.91 -18.83 34.75
CA LEU A 899 -28.86 -19.65 35.49
C LEU A 899 -30.04 -20.08 34.61
N LYS A 900 -30.54 -19.15 33.80
CA LYS A 900 -31.67 -19.43 32.91
C LYS A 900 -31.33 -20.56 31.95
N ALA A 901 -30.13 -20.48 31.34
CA ALA A 901 -29.66 -21.59 30.52
C ALA A 901 -29.60 -22.87 31.32
N HIS A 902 -29.15 -22.78 32.58
CA HIS A 902 -28.97 -23.99 33.39
C HIS A 902 -30.30 -24.60 33.80
N ILE A 903 -31.39 -23.84 33.73
CA ILE A 903 -32.71 -24.29 34.19
C ILE A 903 -33.60 -24.73 33.03
N LEU A 904 -33.72 -23.88 32.01
CA LEU A 904 -34.73 -24.09 30.97
C LEU A 904 -34.22 -24.87 29.78
N ASP A 905 -32.90 -25.02 29.62
CA ASP A 905 -32.34 -25.62 28.41
C ASP A 905 -31.46 -26.83 28.70
N GLY A 906 -30.93 -26.98 29.91
CA GLY A 906 -30.11 -28.12 30.25
C GLY A 906 -28.64 -27.95 29.95
N ILE A 907 -28.19 -26.73 29.69
CA ILE A 907 -26.79 -26.44 29.44
C ILE A 907 -26.01 -26.54 30.74
N ASN A 908 -25.35 -27.68 30.95
CA ASN A 908 -24.70 -27.99 32.23
C ASN A 908 -23.51 -27.06 32.41
N LEU A 909 -23.68 -26.01 33.21
CA LEU A 909 -22.59 -25.11 33.54
C LEU A 909 -21.68 -25.76 34.58
N CYS A 910 -20.52 -25.13 34.79
CA CYS A 910 -19.62 -25.54 35.86
C CYS A 910 -19.17 -24.36 36.71
N GLY A 911 -19.09 -23.18 36.10
CA GLY A 911 -18.58 -22.01 36.86
C GLY A 911 -18.63 -20.71 36.08
N TYR A 912 -18.35 -19.59 36.75
CA TYR A 912 -18.35 -18.27 36.08
C TYR A 912 -17.20 -17.42 36.63
N PHE A 913 -16.58 -16.60 35.78
CA PHE A 913 -15.41 -15.79 36.21
C PHE A 913 -15.47 -14.40 35.56
N ALA A 914 -15.83 -13.37 36.34
CA ALA A 914 -15.80 -12.02 35.82
C ALA A 914 -14.37 -11.57 35.56
N TYR A 915 -14.24 -10.57 34.69
CA TYR A 915 -12.94 -10.15 34.19
C TYR A 915 -12.40 -8.98 35.02
N SER A 916 -11.07 -8.91 35.12
CA SER A 916 -10.37 -7.72 35.62
C SER A 916 -10.77 -7.41 37.06
N PHE A 917 -10.28 -8.24 37.99
CA PHE A 917 -10.52 -7.99 39.40
C PHE A 917 -9.85 -6.71 39.91
N ASN A 918 -9.13 -6.04 39.00
CA ASN A 918 -8.44 -4.77 39.36
C ASN A 918 -8.24 -3.93 38.09
N ASP A 919 -7.90 -2.65 38.26
CA ASP A 919 -7.67 -1.76 37.13
C ASP A 919 -6.20 -1.60 36.77
N ARG A 920 -5.30 -1.72 37.75
CA ARG A 920 -3.88 -1.45 37.52
C ARG A 920 -3.33 -2.24 36.33
N THR A 921 -3.85 -3.45 36.10
CA THR A 921 -3.47 -4.25 34.94
C THR A 921 -4.60 -4.35 33.92
N ALA A 922 -5.61 -3.49 34.03
CA ALA A 922 -6.77 -3.52 33.13
C ALA A 922 -7.45 -2.17 33.15
N PRO A 923 -7.02 -1.22 32.32
CA PRO A 923 -7.59 0.13 32.35
C PRO A 923 -9.11 0.13 32.21
N ARG A 924 -9.77 0.76 33.19
CA ARG A 924 -11.19 1.07 33.24
C ARG A 924 -12.04 -0.16 33.57
N PHE A 925 -11.47 -1.36 33.59
CA PHE A 925 -12.25 -2.59 33.61
C PHE A 925 -12.41 -3.20 35.00
N GLY A 926 -11.77 -2.64 36.01
CA GLY A 926 -11.61 -3.32 37.28
C GLY A 926 -12.92 -3.51 38.03
N LEU A 927 -12.79 -4.20 39.17
CA LEU A 927 -13.78 -4.14 40.24
C LEU A 927 -13.27 -3.33 41.42
N TYR A 928 -12.11 -3.71 41.98
CA TYR A 928 -11.38 -2.83 42.87
C TYR A 928 -10.64 -1.77 42.05
N ARG A 929 -10.84 -0.51 42.40
CA ARG A 929 -10.12 0.55 41.71
C ARG A 929 -8.72 0.69 42.30
N TYR A 930 -7.83 1.29 41.50
CA TYR A 930 -6.47 1.62 41.94
C TYR A 930 -6.37 3.13 42.02
N ALA A 931 -6.36 3.67 43.23
CA ALA A 931 -6.28 5.11 43.45
C ALA A 931 -5.29 5.40 44.56
N ALA A 932 -4.26 6.18 44.24
CA ALA A 932 -3.23 6.60 45.21
C ALA A 932 -2.53 5.39 45.82
N ASP A 933 -2.11 4.47 44.96
CA ASP A 933 -1.39 3.25 45.35
C ASP A 933 -2.19 2.46 46.39
N GLN A 934 -3.42 2.13 46.02
CA GLN A 934 -4.31 1.43 46.95
C GLN A 934 -5.46 0.80 46.18
N PHE A 935 -5.85 -0.40 46.60
CA PHE A 935 -6.98 -1.12 46.04
C PHE A 935 -8.20 -0.92 46.94
N GLU A 936 -9.31 -0.48 46.34
CA GLU A 936 -10.47 -0.05 47.12
C GLU A 936 -11.72 -0.70 46.54
N PRO A 937 -12.59 -1.26 47.37
CA PRO A 937 -13.77 -1.98 46.87
C PRO A 937 -14.81 -1.02 46.32
N LYS A 938 -15.17 -1.21 45.05
CA LYS A 938 -16.31 -0.53 44.46
C LYS A 938 -17.58 -1.38 44.61
N ALA A 939 -18.73 -0.70 44.51
CA ALA A 939 -19.99 -1.30 44.97
C ALA A 939 -20.34 -2.56 44.19
N SER A 940 -20.05 -2.58 42.89
CA SER A 940 -20.38 -3.75 42.08
C SER A 940 -19.63 -4.97 42.59
N MET A 941 -18.45 -4.79 43.18
CA MET A 941 -17.75 -5.89 43.81
C MET A 941 -18.56 -6.43 44.99
N LYS A 942 -19.15 -5.53 45.78
CA LYS A 942 -20.03 -5.95 46.88
C LYS A 942 -21.24 -6.71 46.36
N HIS A 943 -21.81 -6.27 45.22
CA HIS A 943 -22.92 -7.00 44.61
C HIS A 943 -22.48 -8.40 44.21
N TYR A 944 -21.31 -8.50 43.57
CA TYR A 944 -20.70 -9.80 43.29
C TYR A 944 -20.61 -10.65 44.56
N ARG A 945 -20.15 -10.05 45.66
CA ARG A 945 -20.03 -10.79 46.91
C ARG A 945 -21.37 -11.32 47.37
N LYS A 946 -22.41 -10.48 47.31
CA LYS A 946 -23.75 -10.92 47.70
C LYS A 946 -24.19 -12.11 46.87
N ILE A 947 -23.97 -12.05 45.55
CA ILE A 947 -24.37 -13.18 44.71
C ILE A 947 -23.56 -14.42 45.04
N ILE A 948 -22.26 -14.26 45.29
CA ILE A 948 -21.41 -15.43 45.51
C ILE A 948 -21.77 -16.11 46.83
N ASP A 949 -21.91 -15.34 47.91
CA ASP A 949 -22.31 -15.93 49.18
C ASP A 949 -23.73 -16.50 49.11
N SER A 950 -24.64 -15.83 48.39
CA SER A 950 -25.94 -16.43 48.13
C SER A 950 -25.84 -17.66 47.23
N ASN A 951 -24.71 -17.86 46.55
CA ASN A 951 -24.52 -18.95 45.60
C ASN A 951 -25.72 -19.07 44.66
N GLY A 952 -25.92 -18.02 43.89
CA GLY A 952 -27.09 -17.92 43.04
C GLY A 952 -28.25 -17.25 43.77
N PHE A 953 -29.26 -16.89 42.98
CA PHE A 953 -30.43 -16.21 43.52
C PHE A 953 -31.14 -17.12 44.51
N PRO A 954 -31.31 -16.70 45.77
CA PRO A 954 -31.99 -17.56 46.76
C PRO A 954 -33.39 -17.96 46.33
N GLY A 955 -33.59 -19.26 46.08
CA GLY A 955 -34.85 -19.75 45.58
C GLY A 955 -35.97 -19.60 46.59
N PRO A 956 -37.18 -20.00 46.19
CA PRO A 956 -38.37 -19.94 47.03
C PRO A 956 -38.26 -20.79 48.30
N GLU B 34 40.09 20.91 -42.00
CA GLU B 34 39.19 22.00 -42.37
C GLU B 34 37.76 21.70 -41.94
N PRO B 35 37.04 22.74 -41.50
CA PRO B 35 35.66 22.53 -41.05
C PRO B 35 34.76 21.98 -42.15
N GLY B 36 33.67 21.35 -41.72
CA GLY B 36 32.69 20.79 -42.62
C GLY B 36 32.78 19.29 -42.78
N ASP B 37 33.99 18.72 -42.71
CA ASP B 37 34.13 17.27 -42.82
C ASP B 37 33.53 16.53 -41.64
N GLY B 38 33.15 17.23 -40.56
CA GLY B 38 32.54 16.57 -39.42
C GLY B 38 31.19 15.95 -39.73
N ALA B 39 30.55 16.37 -40.82
CA ALA B 39 29.28 15.79 -41.22
C ALA B 39 29.40 14.29 -41.48
N GLN B 40 30.60 13.80 -41.79
CA GLN B 40 30.80 12.38 -42.02
C GLN B 40 30.89 11.56 -40.73
N THR B 41 30.93 12.22 -39.58
CA THR B 41 31.08 11.48 -38.32
C THR B 41 29.80 10.73 -37.97
N TRP B 42 28.65 11.40 -38.10
CA TRP B 42 27.39 10.75 -37.76
C TRP B 42 27.10 9.61 -38.74
N ALA B 43 27.46 9.78 -40.01
CA ALA B 43 27.39 8.68 -40.95
C ALA B 43 28.34 7.55 -40.55
N ARG B 44 29.61 7.90 -40.32
CA ARG B 44 30.63 6.88 -40.07
C ARG B 44 30.38 6.11 -38.77
N PHE B 45 29.58 6.65 -37.86
CA PHE B 45 29.25 5.94 -36.63
C PHE B 45 27.77 5.64 -36.47
N SER B 46 26.97 5.84 -37.52
CA SER B 46 25.60 5.33 -37.54
C SER B 46 25.53 3.91 -38.09
N ARG B 47 26.64 3.39 -38.60
CA ARG B 47 26.69 2.03 -39.15
C ARG B 47 27.90 1.33 -38.56
N PRO B 48 27.72 0.49 -37.56
CA PRO B 48 28.86 -0.21 -36.97
C PRO B 48 29.39 -1.27 -37.90
N PRO B 49 30.68 -1.21 -38.25
CA PRO B 49 31.23 -2.22 -39.19
C PRO B 49 31.16 -3.63 -38.65
N ALA B 50 31.34 -3.81 -37.34
CA ALA B 50 31.27 -5.12 -36.72
C ALA B 50 31.13 -4.93 -35.21
N PRO B 51 30.55 -5.89 -34.51
CA PRO B 51 30.60 -5.83 -33.03
C PRO B 51 31.97 -6.15 -32.48
N GLU B 52 32.76 -6.96 -33.18
CA GLU B 52 34.17 -7.16 -32.83
C GLU B 52 34.87 -5.85 -32.50
N ALA B 53 34.78 -4.87 -33.40
CA ALA B 53 35.41 -3.58 -33.16
C ALA B 53 34.56 -2.66 -32.29
N ALA B 54 33.24 -2.88 -32.24
CA ALA B 54 32.38 -2.07 -31.39
C ALA B 54 32.69 -2.32 -29.92
N GLY B 55 33.03 -3.56 -29.56
CA GLY B 55 33.41 -3.89 -28.21
C GLY B 55 34.90 -3.74 -27.97
N LEU B 56 35.70 -4.36 -28.85
CA LEU B 56 37.16 -4.38 -28.75
C LEU B 56 37.60 -4.93 -27.39
N PHE B 57 37.37 -6.23 -27.24
CA PHE B 57 37.72 -7.02 -26.06
C PHE B 57 39.22 -7.20 -25.89
N GLN B 58 40.04 -6.61 -26.75
CA GLN B 58 41.49 -6.88 -26.62
C GLN B 58 42.28 -5.59 -26.84
N GLY B 59 43.53 -5.72 -27.30
CA GLY B 59 44.31 -4.53 -27.58
C GLY B 59 44.88 -3.86 -26.35
N THR B 60 46.01 -3.16 -26.53
CA THR B 60 46.69 -2.47 -25.46
C THR B 60 47.04 -1.06 -25.90
N PHE B 61 47.25 -0.19 -24.92
CA PHE B 61 47.64 1.18 -25.20
C PHE B 61 49.11 1.25 -25.57
N PRO B 62 49.48 1.94 -26.65
CA PRO B 62 50.87 1.90 -27.14
C PRO B 62 51.83 2.51 -26.13
N ASP B 63 53.12 2.34 -26.44
CA ASP B 63 54.17 2.86 -25.58
C ASP B 63 54.05 4.37 -25.45
N GLY B 64 54.05 4.85 -24.21
CA GLY B 64 53.95 6.27 -23.94
C GLY B 64 52.54 6.82 -24.02
N PHE B 65 51.57 6.10 -23.46
CA PHE B 65 50.21 6.59 -23.30
C PHE B 65 50.04 7.00 -21.84
N LEU B 66 49.83 8.28 -21.59
CA LEU B 66 49.82 8.79 -20.23
C LEU B 66 48.56 8.35 -19.50
N TRP B 67 48.67 8.32 -18.17
CA TRP B 67 47.52 8.12 -17.30
C TRP B 67 47.60 9.13 -16.16
N ALA B 68 46.48 9.77 -15.85
CA ALA B 68 46.41 10.72 -14.75
C ALA B 68 45.08 10.57 -14.03
N VAL B 69 44.96 11.27 -12.90
CA VAL B 69 43.75 11.30 -12.10
C VAL B 69 43.45 12.76 -11.78
N GLY B 70 42.16 13.06 -11.60
CA GLY B 70 41.73 14.44 -11.53
C GLY B 70 41.38 14.95 -10.15
N SER B 71 41.33 16.28 -10.01
CA SER B 71 40.97 16.96 -8.79
C SER B 71 40.71 18.43 -9.12
N ALA B 72 39.69 18.99 -8.48
CA ALA B 72 39.33 20.39 -8.75
C ALA B 72 40.02 21.30 -7.74
N ALA B 73 39.72 22.59 -7.82
CA ALA B 73 40.29 23.57 -6.91
C ALA B 73 39.38 23.92 -5.75
N TYR B 74 38.10 23.56 -5.86
CA TYR B 74 37.14 23.96 -4.79
C TYR B 74 36.17 22.80 -4.61
N GLN B 75 36.68 21.58 -4.73
CA GLN B 75 35.83 20.40 -4.48
C GLN B 75 36.53 19.59 -3.39
N THR B 76 37.86 19.65 -3.35
CA THR B 76 38.61 18.82 -2.43
C THR B 76 39.57 19.55 -1.52
N GLU B 77 39.73 20.87 -1.68
CA GLU B 77 40.82 21.55 -0.97
C GLU B 77 40.37 22.01 0.42
N GLY B 78 39.28 22.76 0.49
CA GLY B 78 38.78 23.23 1.76
C GLY B 78 39.55 24.38 2.37
N GLY B 79 38.83 25.22 3.11
CA GLY B 79 39.46 26.36 3.78
C GLY B 79 39.37 27.64 2.99
N TRP B 80 39.20 28.75 3.69
CA TRP B 80 38.94 30.05 3.08
C TRP B 80 39.81 31.16 3.62
N GLN B 81 40.42 30.99 4.79
CA GLN B 81 41.31 31.99 5.37
C GLN B 81 42.59 31.38 5.91
N GLN B 82 42.78 30.07 5.76
CA GLN B 82 43.96 29.41 6.29
C GLN B 82 45.22 29.99 5.66
N HIS B 83 46.15 30.44 6.51
CA HIS B 83 47.49 30.86 6.11
C HIS B 83 47.48 32.01 5.11
N GLY B 84 46.33 32.63 4.86
CA GLY B 84 46.25 33.76 3.96
C GLY B 84 45.56 33.49 2.65
N LYS B 85 44.57 32.61 2.64
CA LYS B 85 43.85 32.30 1.42
C LYS B 85 42.84 33.41 1.12
N GLY B 86 42.71 33.74 -0.16
CA GLY B 86 41.69 34.69 -0.57
C GLY B 86 40.33 34.05 -0.75
N ALA B 87 39.29 34.86 -0.57
CA ALA B 87 37.93 34.36 -0.64
C ALA B 87 37.56 34.01 -2.08
N SER B 88 36.83 32.91 -2.25
CA SER B 88 36.36 32.51 -3.56
C SER B 88 35.00 33.12 -3.84
N ILE B 89 34.65 33.20 -5.13
CA ILE B 89 33.28 33.53 -5.52
C ILE B 89 32.31 32.45 -5.07
N TRP B 90 32.82 31.23 -4.89
CA TRP B 90 31.95 30.13 -4.35
C TRP B 90 31.70 30.43 -2.87
N ASP B 91 32.75 30.69 -2.11
CA ASP B 91 32.58 31.11 -0.72
C ASP B 91 31.45 32.13 -0.60
N THR B 92 31.35 33.04 -1.56
CA THR B 92 30.23 33.98 -1.61
C THR B 92 28.96 33.32 -2.10
N PHE B 93 29.08 32.27 -2.91
CA PHE B 93 27.91 31.66 -3.53
C PHE B 93 27.22 30.68 -2.60
N THR B 94 28.01 29.87 -1.87
CA THR B 94 27.40 28.82 -1.04
C THR B 94 26.55 29.42 0.08
N HIS B 95 26.87 30.64 0.51
CA HIS B 95 26.22 31.22 1.69
C HIS B 95 24.72 31.38 1.49
N HIS B 96 24.29 31.62 0.25
CA HIS B 96 22.88 31.78 -0.08
C HIS B 96 22.63 31.36 -1.53
N PRO B 97 21.99 30.21 -1.84
CA PRO B 97 21.84 29.77 -3.23
C PRO B 97 21.41 30.93 -4.16
N ALA B 120 27.71 21.81 0.52
CA ALA B 120 27.05 23.04 1.00
C ALA B 120 28.09 24.14 1.23
N THR B 121 29.37 23.75 1.35
CA THR B 121 30.41 24.75 1.58
C THR B 121 31.76 24.14 1.22
N GLY B 122 32.77 25.00 1.17
CA GLY B 122 34.12 24.59 0.83
C GLY B 122 35.12 25.14 1.82
N ASP B 123 34.59 25.66 2.93
CA ASP B 123 35.42 26.04 4.07
C ASP B 123 35.94 24.82 4.83
N VAL B 124 35.35 23.65 4.59
CA VAL B 124 35.87 22.39 5.21
C VAL B 124 35.77 21.31 4.14
N ALA B 125 36.48 21.47 3.03
CA ALA B 125 36.31 20.53 1.92
C ALA B 125 37.47 19.52 1.80
N SER B 126 37.36 18.36 2.44
CA SER B 126 38.35 17.25 2.25
C SER B 126 39.77 17.48 2.79
N ASP B 127 40.12 18.66 3.30
CA ASP B 127 41.47 18.77 3.86
C ASP B 127 42.55 18.38 2.85
N SER B 128 42.71 19.21 1.82
CA SER B 128 43.97 19.21 1.07
C SER B 128 44.53 20.62 0.94
N TYR B 129 45.12 21.10 2.03
CA TYR B 129 45.89 22.35 2.01
C TYR B 129 47.06 22.31 2.97
N ASN B 130 47.26 21.21 3.71
CA ASN B 130 48.26 21.14 4.77
C ASN B 130 49.07 19.86 4.79
N ASN B 131 48.69 18.83 4.02
CA ASN B 131 49.24 17.50 4.17
C ASN B 131 49.48 16.90 2.79
N VAL B 132 50.74 16.57 2.51
CA VAL B 132 51.15 16.07 1.20
C VAL B 132 51.11 14.53 1.16
N PHE B 133 51.28 13.88 2.31
CA PHE B 133 51.44 12.43 2.34
C PHE B 133 50.10 11.71 2.25
N ARG B 134 49.06 12.26 2.88
CA ARG B 134 47.77 11.56 2.90
C ARG B 134 47.17 11.47 1.50
N ASP B 135 47.14 12.59 0.78
CA ASP B 135 46.59 12.58 -0.58
C ASP B 135 47.39 11.63 -1.48
N THR B 136 48.71 11.75 -1.46
CA THR B 136 49.56 10.98 -2.36
C THR B 136 49.68 9.51 -1.95
N GLU B 137 49.23 9.15 -0.74
CA GLU B 137 49.09 7.74 -0.42
C GLU B 137 48.10 7.06 -1.36
N ALA B 138 46.96 7.73 -1.60
CA ALA B 138 46.03 7.27 -2.63
C ALA B 138 46.73 7.10 -3.97
N LEU B 139 47.63 8.03 -4.32
CA LEU B 139 48.29 7.97 -5.61
C LEU B 139 49.22 6.77 -5.69
N ARG B 140 50.02 6.57 -4.66
CA ARG B 140 50.89 5.40 -4.60
C ARG B 140 50.08 4.11 -4.71
N GLU B 141 48.96 4.04 -3.99
CA GLU B 141 48.04 2.91 -4.16
C GLU B 141 47.58 2.79 -5.61
N LEU B 142 47.40 3.92 -6.29
CA LEU B 142 47.01 3.92 -7.69
C LEU B 142 48.18 3.64 -8.62
N GLY B 143 49.41 3.97 -8.21
CA GLY B 143 50.55 3.81 -9.08
C GLY B 143 50.46 4.55 -10.40
N VAL B 144 49.58 5.55 -10.50
CA VAL B 144 49.37 6.24 -11.76
C VAL B 144 50.58 7.12 -12.07
N THR B 145 50.94 7.16 -13.36
CA THR B 145 52.11 7.92 -13.79
C THR B 145 51.93 9.43 -13.59
N HIS B 146 50.71 9.94 -13.68
CA HIS B 146 50.47 11.37 -13.64
C HIS B 146 49.31 11.69 -12.71
N TYR B 147 49.18 12.98 -12.39
CA TYR B 147 48.15 13.45 -11.46
C TYR B 147 47.73 14.84 -11.88
N ARG B 148 46.47 14.98 -12.28
CA ARG B 148 45.91 16.26 -12.68
C ARG B 148 45.20 16.92 -11.51
N PHE B 149 45.49 18.21 -11.30
CA PHE B 149 44.83 19.00 -10.26
C PHE B 149 44.60 20.40 -10.82
N SER B 150 44.36 21.36 -9.93
CA SER B 150 44.24 22.76 -10.33
C SER B 150 45.02 23.64 -9.36
N ILE B 151 45.08 24.93 -9.69
CA ILE B 151 45.45 25.97 -8.74
C ILE B 151 44.37 27.06 -8.78
N SER B 152 43.71 27.27 -7.65
CA SER B 152 42.80 28.41 -7.53
C SER B 152 43.56 29.72 -7.73
N TRP B 153 42.87 30.72 -8.26
CA TRP B 153 43.48 32.02 -8.49
C TRP B 153 43.58 32.83 -7.21
N ALA B 154 42.56 32.76 -6.34
CA ALA B 154 42.55 33.58 -5.13
C ALA B 154 43.61 33.16 -4.13
N ARG B 155 44.13 31.94 -4.23
CA ARG B 155 45.05 31.40 -3.23
C ARG B 155 46.33 32.22 -3.15
N VAL B 156 47.06 32.30 -4.27
CA VAL B 156 48.28 33.10 -4.31
C VAL B 156 47.97 34.59 -4.43
N LEU B 157 47.03 34.97 -5.30
CA LEU B 157 46.71 36.37 -5.50
C LEU B 157 45.25 36.65 -5.22
N PRO B 158 44.90 37.21 -4.06
CA PRO B 158 43.49 37.42 -3.73
C PRO B 158 43.00 38.81 -4.05
N ASN B 159 43.93 39.74 -4.34
CA ASN B 159 43.57 41.14 -4.44
C ASN B 159 42.89 41.43 -5.78
N GLY B 160 42.39 42.66 -5.90
CA GLY B 160 41.80 43.13 -7.14
C GLY B 160 42.79 43.77 -8.09
N SER B 161 44.09 43.60 -7.81
CA SER B 161 45.15 44.12 -8.67
C SER B 161 46.29 43.12 -8.79
N ALA B 162 46.05 41.85 -8.45
CA ALA B 162 47.09 40.83 -8.32
C ALA B 162 48.14 41.27 -7.31
N GLY B 163 47.69 41.40 -6.06
CA GLY B 163 48.52 41.89 -4.98
C GLY B 163 49.59 40.93 -4.49
N VAL B 164 49.89 41.03 -3.20
CA VAL B 164 51.04 40.31 -2.62
C VAL B 164 50.82 38.80 -2.75
N PRO B 165 51.78 38.05 -3.26
CA PRO B 165 51.65 36.58 -3.26
C PRO B 165 51.91 36.02 -1.87
N ASN B 166 51.16 34.96 -1.53
CA ASN B 166 51.27 34.31 -0.23
C ASN B 166 52.08 33.02 -0.37
N ARG B 167 53.19 32.95 0.38
CA ARG B 167 54.16 31.88 0.21
C ARG B 167 53.71 30.54 0.78
N GLU B 168 52.56 30.50 1.48
CA GLU B 168 52.17 29.26 2.16
C GLU B 168 51.64 28.23 1.17
N GLY B 169 50.68 28.63 0.33
CA GLY B 169 50.27 27.78 -0.76
C GLY B 169 51.43 27.42 -1.68
N LEU B 170 52.42 28.31 -1.77
CA LEU B 170 53.59 28.02 -2.59
C LEU B 170 54.42 26.89 -2.00
N ARG B 171 54.68 26.93 -0.69
CA ARG B 171 55.36 25.81 -0.06
C ARG B 171 54.54 24.53 -0.16
N TYR B 172 53.22 24.63 0.03
CA TYR B 172 52.34 23.48 -0.17
C TYR B 172 52.58 22.84 -1.53
N TYR B 173 52.51 23.65 -2.59
CA TYR B 173 52.56 23.09 -3.94
C TYR B 173 53.96 22.63 -4.30
N ARG B 174 54.99 23.28 -3.77
CA ARG B 174 56.35 22.79 -3.97
C ARG B 174 56.56 21.44 -3.29
N ARG B 175 56.05 21.27 -2.07
CA ARG B 175 56.10 19.97 -1.40
C ARG B 175 55.38 18.92 -2.22
N LEU B 176 54.18 19.26 -2.72
CA LEU B 176 53.41 18.29 -3.50
C LEU B 176 54.16 17.89 -4.77
N LEU B 177 54.74 18.87 -5.47
CA LEU B 177 55.45 18.56 -6.70
C LEU B 177 56.71 17.74 -6.43
N GLU B 178 57.41 18.05 -5.33
CA GLU B 178 58.59 17.26 -4.99
C GLU B 178 58.21 15.83 -4.65
N ARG B 179 57.12 15.63 -3.90
CA ARG B 179 56.65 14.28 -3.62
C ARG B 179 56.30 13.55 -4.91
N LEU B 180 55.60 14.22 -5.82
CA LEU B 180 55.24 13.60 -7.09
C LEU B 180 56.48 13.24 -7.88
N ARG B 181 57.54 14.04 -7.77
CA ARG B 181 58.80 13.72 -8.42
C ARG B 181 59.41 12.46 -7.80
N GLU B 182 59.41 12.37 -6.48
CA GLU B 182 60.00 11.20 -5.82
C GLU B 182 59.26 9.93 -6.20
N LEU B 183 57.94 9.92 -6.03
CA LEU B 183 57.17 8.72 -6.35
C LEU B 183 57.13 8.44 -7.85
N GLY B 184 57.54 9.40 -8.68
CA GLY B 184 57.49 9.23 -10.12
C GLY B 184 56.17 9.64 -10.73
N VAL B 185 55.63 10.77 -10.29
CA VAL B 185 54.34 11.29 -10.76
C VAL B 185 54.58 12.64 -11.41
N GLN B 186 54.03 12.85 -12.60
CA GLN B 186 54.15 14.11 -13.27
C GLN B 186 52.79 14.84 -13.25
N PRO B 187 52.79 16.17 -13.22
CA PRO B 187 51.53 16.88 -13.00
C PRO B 187 50.81 17.23 -14.30
N VAL B 188 49.54 17.58 -14.14
CA VAL B 188 48.76 18.26 -15.17
C VAL B 188 48.03 19.41 -14.47
N VAL B 189 48.61 20.60 -14.53
CA VAL B 189 48.15 21.72 -13.73
C VAL B 189 47.08 22.45 -14.53
N THR B 190 46.13 23.07 -13.82
CA THR B 190 45.08 23.85 -14.47
C THR B 190 44.90 25.15 -13.72
N LEU B 191 45.25 26.26 -14.36
CA LEU B 191 45.40 27.56 -13.71
C LEU B 191 44.06 28.20 -13.35
N TYR B 192 42.97 27.46 -13.51
CA TYR B 192 41.62 27.96 -13.29
C TYR B 192 40.63 26.82 -13.38
N HIS B 193 39.79 26.64 -12.35
CA HIS B 193 38.67 25.71 -12.45
C HIS B 193 37.44 26.33 -11.80
N TRP B 194 36.71 27.15 -12.56
CA TRP B 194 35.43 27.72 -12.06
C TRP B 194 35.63 28.84 -11.05
N ASP B 195 36.87 29.17 -10.69
CA ASP B 195 37.09 30.13 -9.62
C ASP B 195 36.94 31.56 -10.14
N LEU B 196 37.18 32.51 -9.23
CA LEU B 196 37.48 33.93 -9.46
C LEU B 196 37.87 34.58 -8.14
N PRO B 197 38.94 35.37 -8.11
CA PRO B 197 39.22 36.19 -6.93
C PRO B 197 38.12 37.24 -6.74
N GLN B 198 37.57 37.29 -5.52
CA GLN B 198 36.42 38.16 -5.28
C GLN B 198 36.77 39.63 -5.49
N ARG B 199 37.93 40.06 -5.02
CA ARG B 199 38.33 41.46 -5.20
C ARG B 199 38.50 41.82 -6.67
N LEU B 200 38.77 40.84 -7.53
CA LEU B 200 38.74 41.03 -8.97
C LEU B 200 37.35 40.88 -9.57
N GLN B 201 36.34 40.61 -8.74
CA GLN B 201 34.96 40.51 -9.22
C GLN B 201 34.13 41.74 -8.87
N ASP B 202 34.20 42.20 -7.63
CA ASP B 202 33.38 43.34 -7.20
C ASP B 202 33.88 44.66 -7.76
N ALA B 203 35.08 44.68 -8.34
CA ALA B 203 35.64 45.88 -8.96
C ALA B 203 35.62 45.84 -10.48
N TYR B 204 35.92 44.70 -11.09
CA TYR B 204 35.99 44.57 -12.53
C TYR B 204 34.73 43.95 -13.12
N GLY B 205 33.68 43.76 -12.33
CA GLY B 205 32.45 43.22 -12.86
C GLY B 205 32.56 41.79 -13.35
N GLY B 206 33.39 40.98 -12.72
CA GLY B 206 33.53 39.60 -13.17
C GLY B 206 34.14 39.54 -14.55
N TRP B 207 33.93 38.39 -15.21
CA TRP B 207 34.55 38.11 -16.50
C TRP B 207 33.85 38.78 -17.67
N ALA B 208 33.08 39.84 -17.41
CA ALA B 208 32.51 40.65 -18.48
C ALA B 208 33.56 41.60 -19.06
N ASN B 209 34.41 42.16 -18.22
CA ASN B 209 35.37 43.19 -18.60
C ASN B 209 36.66 42.57 -19.14
N ARG B 210 37.42 43.37 -19.87
CA ARG B 210 38.59 42.86 -20.58
C ARG B 210 39.82 42.74 -19.67
N ALA B 211 40.00 43.70 -18.75
CA ALA B 211 41.25 43.78 -17.99
C ALA B 211 41.56 42.46 -17.26
N LEU B 212 40.52 41.70 -16.93
CA LEU B 212 40.78 40.46 -16.20
C LEU B 212 41.61 39.51 -17.05
N ALA B 213 41.50 39.59 -18.38
CA ALA B 213 42.38 38.79 -19.22
C ALA B 213 43.84 39.20 -19.08
N ASP B 214 44.10 40.50 -18.86
CA ASP B 214 45.43 40.94 -18.46
C ASP B 214 45.84 40.27 -17.16
N HIS B 215 44.91 40.19 -16.20
CA HIS B 215 45.26 39.58 -14.90
C HIS B 215 45.60 38.11 -15.17
N PHE B 216 44.69 37.38 -15.81
CA PHE B 216 44.93 35.99 -16.17
C PHE B 216 46.18 35.84 -17.03
N ARG B 217 46.76 36.94 -17.49
CA ARG B 217 48.05 36.90 -18.17
C ARG B 217 49.14 36.86 -17.11
N ASP B 218 49.19 37.90 -16.28
CA ASP B 218 50.30 38.05 -15.34
C ASP B 218 50.31 36.92 -14.32
N TYR B 219 49.14 36.62 -13.73
CA TYR B 219 49.03 35.51 -12.79
C TYR B 219 49.36 34.17 -13.44
N ALA B 220 49.17 34.06 -14.75
CA ALA B 220 49.57 32.81 -15.41
C ALA B 220 51.05 32.79 -15.70
N GLU B 221 51.68 33.96 -15.84
CA GLU B 221 53.13 33.99 -16.02
C GLU B 221 53.78 33.54 -14.72
N LEU B 222 53.34 34.12 -13.61
CA LEU B 222 53.90 33.69 -12.34
C LEU B 222 53.57 32.21 -12.12
N CYS B 223 52.41 31.74 -12.61
CA CYS B 223 52.10 30.32 -12.52
C CYS B 223 53.16 29.44 -13.19
N PHE B 224 53.82 29.96 -14.23
CA PHE B 224 54.95 29.28 -14.84
C PHE B 224 56.21 29.40 -13.98
N ARG B 225 56.48 30.60 -13.49
CA ARG B 225 57.75 30.86 -12.82
C ARG B 225 57.82 30.26 -11.42
N HIS B 226 56.70 30.22 -10.71
CA HIS B 226 56.64 29.69 -9.34
C HIS B 226 56.77 28.18 -9.30
N PHE B 227 56.14 27.48 -10.24
CA PHE B 227 56.17 26.01 -10.23
C PHE B 227 57.29 25.42 -11.08
N GLY B 228 58.05 26.22 -11.82
CA GLY B 228 59.22 25.70 -12.50
C GLY B 228 58.92 24.97 -13.80
N GLY B 229 59.90 24.17 -14.22
CA GLY B 229 59.86 23.48 -15.49
C GLY B 229 59.44 22.02 -15.47
N GLN B 230 59.44 21.40 -14.29
CA GLN B 230 58.97 20.02 -14.19
C GLN B 230 57.48 19.88 -14.48
N VAL B 231 56.76 21.00 -14.55
CA VAL B 231 55.36 21.02 -14.97
C VAL B 231 55.31 20.92 -16.50
N LYS B 232 55.14 19.71 -17.01
CA LYS B 232 55.32 19.44 -18.43
C LYS B 232 54.06 19.60 -19.26
N TYR B 233 52.86 19.53 -18.66
CA TYR B 233 51.62 19.67 -19.38
C TYR B 233 50.76 20.73 -18.70
N TRP B 234 50.08 21.53 -19.52
CA TRP B 234 49.35 22.69 -18.99
C TRP B 234 47.99 22.78 -19.65
N ILE B 235 47.00 23.23 -18.87
CA ILE B 235 45.66 23.56 -19.37
C ILE B 235 45.19 24.82 -18.66
N THR B 236 44.99 25.90 -19.42
CA THR B 236 44.79 27.20 -18.79
C THR B 236 43.35 27.39 -18.32
N ILE B 237 42.40 27.40 -19.25
CA ILE B 237 40.98 27.63 -18.95
C ILE B 237 40.25 26.30 -19.00
N ASP B 238 39.76 25.85 -17.85
CA ASP B 238 39.05 24.58 -17.78
C ASP B 238 37.56 24.85 -17.95
N ASN B 239 37.00 24.31 -19.03
CA ASN B 239 35.57 24.41 -19.35
C ASN B 239 35.12 25.87 -19.44
N PRO B 240 35.50 26.60 -20.48
CA PRO B 240 35.04 27.99 -20.60
C PRO B 240 33.54 28.14 -20.79
N TYR B 241 32.87 27.14 -21.37
CA TYR B 241 31.46 27.28 -21.71
C TYR B 241 30.60 27.43 -20.47
N VAL B 242 30.75 26.53 -19.50
CA VAL B 242 29.89 26.62 -18.31
C VAL B 242 30.22 27.88 -17.53
N VAL B 243 31.51 28.20 -17.38
CA VAL B 243 31.92 29.38 -16.62
C VAL B 243 31.35 30.64 -17.25
N ALA B 244 31.17 30.65 -18.56
CA ALA B 244 30.56 31.80 -19.21
C ALA B 244 29.05 31.78 -19.02
N TRP B 245 28.38 30.78 -19.62
CA TRP B 245 26.92 30.78 -19.67
C TRP B 245 26.33 30.56 -18.28
N HIS B 246 26.56 29.40 -17.68
CA HIS B 246 25.92 29.13 -16.42
C HIS B 246 26.58 29.89 -15.27
N GLY B 247 27.78 30.42 -15.50
CA GLY B 247 28.37 31.32 -14.54
C GLY B 247 27.70 32.68 -14.51
N TYR B 248 27.23 33.16 -15.67
CA TYR B 248 26.71 34.51 -15.74
C TYR B 248 25.25 34.57 -16.19
N ALA B 249 24.91 33.88 -17.29
CA ALA B 249 23.59 34.03 -17.88
C ALA B 249 22.50 33.55 -16.93
N THR B 250 22.49 32.25 -16.64
CA THR B 250 21.47 31.70 -15.76
C THR B 250 21.76 31.97 -14.29
N GLY B 251 23.04 31.99 -13.92
CA GLY B 251 23.43 32.14 -12.53
C GLY B 251 23.44 30.85 -11.73
N ARG B 252 23.40 29.69 -12.40
CA ARG B 252 23.50 28.43 -11.68
C ARG B 252 24.88 28.21 -11.10
N LEU B 253 25.91 28.83 -11.70
CA LEU B 253 27.27 28.77 -11.20
C LEU B 253 27.65 30.11 -10.58
N ALA B 254 28.66 30.06 -9.70
CA ALA B 254 28.85 30.97 -8.58
C ALA B 254 28.48 32.42 -8.89
N PRO B 255 29.14 33.09 -9.87
CA PRO B 255 28.96 34.55 -9.98
C PRO B 255 27.58 34.91 -10.54
N GLY B 256 27.27 36.21 -10.58
CA GLY B 256 26.02 36.69 -11.14
C GLY B 256 24.79 36.21 -10.39
N ILE B 257 23.63 36.75 -10.74
CA ILE B 257 22.36 36.23 -10.22
C ILE B 257 21.43 35.92 -11.38
N ARG B 258 21.57 36.66 -12.48
CA ARG B 258 20.70 36.53 -13.64
C ARG B 258 21.24 37.44 -14.74
N GLY B 259 21.06 37.02 -15.98
CA GLY B 259 21.41 37.87 -17.11
C GLY B 259 20.85 37.32 -18.39
N SER B 260 21.17 38.01 -19.49
CA SER B 260 20.79 37.60 -20.82
C SER B 260 21.97 36.92 -21.53
N PRO B 261 21.68 36.10 -22.57
CA PRO B 261 22.78 35.48 -23.34
C PRO B 261 23.87 36.45 -23.80
N ARG B 262 23.57 37.74 -23.82
CA ARG B 262 24.58 38.74 -24.16
C ARG B 262 25.78 38.62 -23.23
N LEU B 263 25.51 38.60 -21.92
CA LEU B 263 26.58 38.47 -20.94
C LEU B 263 27.35 37.18 -21.15
N GLY B 264 26.65 36.09 -21.46
CA GLY B 264 27.32 34.82 -21.65
C GLY B 264 28.29 34.86 -22.83
N TYR B 265 27.84 35.43 -23.95
CA TYR B 265 28.71 35.52 -25.11
C TYR B 265 29.88 36.45 -24.84
N LEU B 266 29.66 37.54 -24.10
CA LEU B 266 30.75 38.45 -23.80
C LEU B 266 31.79 37.79 -22.88
N VAL B 267 31.33 37.08 -21.85
CA VAL B 267 32.24 36.36 -20.96
C VAL B 267 33.04 35.32 -21.73
N ALA B 268 32.39 34.62 -22.66
CA ALA B 268 33.12 33.62 -23.43
C ALA B 268 34.16 34.26 -24.33
N HIS B 269 33.79 35.35 -25.01
CA HIS B 269 34.75 36.11 -25.80
C HIS B 269 35.96 36.50 -24.95
N ASN B 270 35.70 37.00 -23.74
CA ASN B 270 36.80 37.48 -22.90
C ASN B 270 37.68 36.33 -22.44
N LEU B 271 37.07 35.20 -22.07
CA LEU B 271 37.87 34.05 -21.65
C LEU B 271 38.73 33.53 -22.79
N LEU B 272 38.16 33.46 -24.01
CA LEU B 272 38.93 32.99 -25.14
C LEU B 272 40.05 33.96 -25.50
N LEU B 273 39.84 35.25 -25.30
CA LEU B 273 40.93 36.21 -25.45
C LEU B 273 41.98 35.98 -24.37
N ALA B 274 41.57 35.67 -23.14
CA ALA B 274 42.54 35.46 -22.07
C ALA B 274 43.39 34.23 -22.37
N HIS B 275 42.77 33.22 -22.99
CA HIS B 275 43.53 32.05 -23.42
C HIS B 275 44.54 32.42 -24.48
N ALA B 276 44.16 33.27 -25.44
CA ALA B 276 45.14 33.72 -26.42
C ALA B 276 46.30 34.47 -25.74
N LYS B 277 45.96 35.31 -24.76
CA LYS B 277 47.00 36.05 -24.02
C LYS B 277 47.98 35.10 -23.34
N VAL B 278 47.47 34.10 -22.62
CA VAL B 278 48.36 33.23 -21.87
C VAL B 278 49.16 32.33 -22.81
N TRP B 279 48.56 31.90 -23.91
CA TRP B 279 49.32 31.09 -24.87
C TRP B 279 50.47 31.88 -25.45
N HIS B 280 50.17 33.04 -26.06
CA HIS B 280 51.24 33.85 -26.62
C HIS B 280 52.19 34.39 -25.55
N LEU B 281 51.81 34.35 -24.27
CA LEU B 281 52.78 34.55 -23.20
C LEU B 281 53.77 33.40 -23.14
N TYR B 282 53.24 32.18 -22.98
CA TYR B 282 54.11 31.02 -22.83
C TYR B 282 55.04 30.87 -24.03
N ASN B 283 54.51 31.03 -25.24
CA ASN B 283 55.29 30.71 -26.43
C ASN B 283 56.37 31.74 -26.73
N THR B 284 56.39 32.86 -26.00
CA THR B 284 57.35 33.93 -26.24
C THR B 284 58.32 34.17 -25.10
N SER B 285 58.12 33.57 -23.92
CA SER B 285 58.86 33.94 -22.73
C SER B 285 59.41 32.77 -21.93
N PHE B 286 58.83 31.58 -22.05
CA PHE B 286 59.15 30.48 -21.15
C PHE B 286 59.56 29.21 -21.89
N ARG B 287 58.96 28.94 -23.04
CA ARG B 287 59.27 27.71 -23.77
C ARG B 287 60.75 27.55 -24.14
N PRO B 288 61.51 28.60 -24.47
CA PRO B 288 62.94 28.39 -24.78
C PRO B 288 63.70 27.61 -23.72
N THR B 289 63.14 27.60 -22.51
CA THR B 289 63.71 26.77 -21.41
C THR B 289 62.61 25.82 -20.89
N GLN B 290 61.61 25.47 -21.71
CA GLN B 290 60.53 24.52 -21.30
C GLN B 290 59.87 23.91 -22.54
N GLY B 291 60.12 22.63 -22.83
CA GLY B 291 59.62 22.00 -24.08
C GLY B 291 58.20 21.44 -23.99
N GLY B 292 57.62 21.36 -22.79
CA GLY B 292 56.27 20.89 -22.59
C GLY B 292 55.29 21.65 -23.47
N GLN B 293 54.03 21.21 -23.44
CA GLN B 293 53.00 21.82 -24.25
C GLN B 293 52.07 22.65 -23.39
N VAL B 294 51.18 23.38 -24.05
CA VAL B 294 50.09 24.11 -23.40
C VAL B 294 48.85 24.02 -24.26
N SER B 295 47.68 23.95 -23.63
CA SER B 295 46.42 23.84 -24.35
C SER B 295 45.32 24.45 -23.50
N ILE B 296 44.07 24.18 -23.89
CA ILE B 296 42.89 24.61 -23.16
C ILE B 296 41.86 23.48 -23.24
N ALA B 297 41.23 23.17 -22.11
CA ALA B 297 40.23 22.11 -22.08
C ALA B 297 38.86 22.67 -22.41
N LEU B 298 38.24 22.15 -23.48
CA LEU B 298 36.92 22.56 -23.91
C LEU B 298 35.95 21.42 -23.62
N SER B 299 34.99 21.65 -22.74
CA SER B 299 34.06 20.60 -22.40
C SER B 299 33.03 20.46 -23.52
N SER B 300 32.67 19.22 -23.84
CA SER B 300 31.82 18.98 -25.01
C SER B 300 31.09 17.66 -24.85
N HIS B 301 29.77 17.72 -24.77
CA HIS B 301 28.93 16.54 -24.82
C HIS B 301 28.85 16.07 -26.28
N TRP B 302 27.98 15.11 -26.54
CA TRP B 302 27.76 14.64 -27.90
C TRP B 302 26.28 14.34 -28.10
N ILE B 303 25.79 14.65 -29.29
CA ILE B 303 24.39 14.46 -29.65
C ILE B 303 24.30 13.61 -30.90
N ASN B 304 23.24 12.80 -30.97
CA ASN B 304 22.75 12.08 -32.12
C ASN B 304 21.52 12.78 -32.69
N PRO B 305 21.31 12.71 -34.00
CA PRO B 305 20.15 13.38 -34.60
C PRO B 305 18.84 12.70 -34.20
N ARG B 306 17.74 13.37 -34.54
CA ARG B 306 16.41 12.85 -34.22
C ARG B 306 15.88 11.94 -35.31
N ARG B 307 15.82 12.45 -36.55
CA ARG B 307 15.25 11.72 -37.67
C ARG B 307 16.27 11.38 -38.75
N MET B 308 17.56 11.64 -38.50
CA MET B 308 18.64 11.29 -39.43
C MET B 308 18.37 11.91 -40.80
N THR B 309 18.35 13.24 -40.83
CA THR B 309 18.10 14.01 -42.04
C THR B 309 19.11 15.14 -42.15
N ASP B 310 19.33 15.59 -43.39
CA ASP B 310 20.38 16.56 -43.68
C ASP B 310 20.24 17.82 -42.83
N HIS B 311 19.00 18.32 -42.73
CA HIS B 311 18.76 19.52 -41.87
C HIS B 311 19.08 19.15 -40.43
N SER B 312 18.71 17.93 -40.02
CA SER B 312 18.94 17.53 -38.64
C SER B 312 20.43 17.42 -38.34
N ILE B 313 21.20 16.81 -39.25
CA ILE B 313 22.65 16.77 -39.07
C ILE B 313 23.22 18.18 -39.08
N LYS B 314 22.61 19.09 -39.84
CA LYS B 314 23.04 20.48 -39.81
C LYS B 314 22.80 21.09 -38.43
N GLU B 315 21.63 20.84 -37.85
CA GLU B 315 21.35 21.30 -36.48
C GLU B 315 22.34 20.73 -35.48
N CYS B 316 22.72 19.46 -35.66
CA CYS B 316 23.66 18.86 -34.71
C CYS B 316 25.06 19.47 -34.85
N GLN B 317 25.53 19.64 -36.09
CA GLN B 317 26.78 20.37 -36.31
C GLN B 317 26.71 21.77 -35.70
N LYS B 318 25.57 22.43 -35.85
CA LYS B 318 25.39 23.77 -35.27
C LYS B 318 25.53 23.72 -33.75
N SER B 319 24.90 22.73 -33.11
CA SER B 319 24.97 22.65 -31.66
C SER B 319 26.39 22.36 -31.20
N LEU B 320 27.06 21.44 -31.87
CA LEU B 320 28.46 21.15 -31.55
C LEU B 320 29.33 22.39 -31.68
N ASP B 321 29.13 23.19 -32.74
CA ASP B 321 29.89 24.42 -32.88
C ASP B 321 29.52 25.43 -31.80
N PHE B 322 28.27 25.41 -31.35
CA PHE B 322 27.83 26.39 -30.35
C PHE B 322 28.29 26.02 -28.94
N VAL B 323 28.62 24.77 -28.70
CA VAL B 323 29.11 24.32 -27.39
C VAL B 323 30.62 24.04 -27.41
N LEU B 324 31.09 23.30 -28.41
CA LEU B 324 32.50 22.98 -28.54
C LEU B 324 33.22 23.90 -29.52
N GLY B 325 32.73 23.98 -30.77
CA GLY B 325 33.33 24.85 -31.76
C GLY B 325 33.44 26.30 -31.35
N TRP B 326 32.57 26.74 -30.43
CA TRP B 326 32.54 28.09 -29.88
C TRP B 326 33.93 28.64 -29.57
N PHE B 327 34.79 27.83 -28.95
CA PHE B 327 36.16 28.23 -28.71
C PHE B 327 37.16 27.46 -29.56
N ALA B 328 36.78 26.28 -30.05
CA ALA B 328 37.72 25.44 -30.78
C ALA B 328 38.00 25.96 -32.19
N LYS B 329 37.02 26.58 -32.83
CA LYS B 329 37.22 27.06 -34.21
C LYS B 329 38.28 28.14 -34.31
N PRO B 330 38.30 29.19 -33.47
CA PRO B 330 39.30 30.25 -33.66
C PRO B 330 40.64 29.97 -32.97
N VAL B 331 40.87 28.72 -32.56
CA VAL B 331 42.13 28.34 -31.92
C VAL B 331 43.00 27.49 -32.85
N PHE B 332 42.38 26.60 -33.63
CA PHE B 332 43.13 25.67 -34.46
C PHE B 332 42.95 25.87 -35.96
N ILE B 333 41.88 26.53 -36.39
CA ILE B 333 41.48 26.45 -37.79
C ILE B 333 41.81 27.75 -38.50
N ASP B 334 41.16 28.84 -38.11
CA ASP B 334 41.29 30.11 -38.84
C ASP B 334 41.39 31.34 -37.97
N GLY B 335 40.97 31.32 -36.71
CA GLY B 335 40.95 32.51 -35.89
C GLY B 335 39.66 33.30 -35.96
N ASP B 336 38.56 32.66 -36.32
CA ASP B 336 37.26 33.32 -36.42
C ASP B 336 36.20 32.49 -35.72
N TYR B 337 35.16 33.18 -35.22
CA TYR B 337 34.00 32.48 -34.69
C TYR B 337 33.26 31.77 -35.83
N PRO B 338 32.47 30.75 -35.51
CA PRO B 338 31.84 29.95 -36.57
C PRO B 338 30.83 30.75 -37.37
N GLU B 339 30.55 30.24 -38.57
CA GLU B 339 29.62 30.90 -39.47
C GLU B 339 28.20 30.92 -38.93
N SER B 340 27.81 29.84 -38.23
CA SER B 340 26.43 29.74 -37.75
C SER B 340 26.16 30.75 -36.64
N MET B 341 27.14 30.95 -35.74
CA MET B 341 26.98 31.99 -34.73
C MET B 341 26.98 33.38 -35.36
N LYS B 342 27.66 33.57 -36.49
CA LYS B 342 27.57 34.83 -37.20
C LYS B 342 26.17 35.03 -37.76
N ASN B 343 25.56 33.96 -38.29
CA ASN B 343 24.27 34.10 -38.96
C ASN B 343 23.13 34.22 -37.96
N ASN B 344 22.92 33.19 -37.14
CA ASN B 344 21.72 33.14 -36.30
C ASN B 344 21.79 34.07 -35.11
N LEU B 345 23.00 34.39 -34.64
CA LEU B 345 23.19 35.44 -33.63
C LEU B 345 23.50 36.75 -34.36
N SER B 346 22.56 37.69 -34.32
CA SER B 346 22.63 38.85 -35.20
C SER B 346 23.74 39.80 -34.74
N SER B 347 23.60 40.41 -33.56
CA SER B 347 24.58 41.39 -33.12
C SER B 347 24.90 41.28 -31.63
N ILE B 348 24.59 40.15 -31.00
CA ILE B 348 24.94 39.94 -29.60
C ILE B 348 26.17 39.05 -29.45
N LEU B 349 26.99 38.95 -30.49
CA LEU B 349 28.19 38.11 -30.48
C LEU B 349 29.39 38.96 -30.87
N PRO B 350 30.22 39.38 -29.91
CA PRO B 350 31.35 40.25 -30.23
C PRO B 350 32.27 39.61 -31.26
N ASP B 351 32.55 40.36 -32.33
CA ASP B 351 33.41 39.90 -33.41
C ASP B 351 34.85 40.35 -33.20
N PHE B 352 35.78 39.62 -33.81
CA PHE B 352 37.19 39.96 -33.73
C PHE B 352 37.55 41.07 -34.72
N THR B 353 38.72 41.64 -34.51
CA THR B 353 39.40 42.46 -35.51
C THR B 353 40.49 41.64 -36.20
N GLU B 354 40.99 42.16 -37.32
CA GLU B 354 42.01 41.42 -38.07
C GLU B 354 43.29 41.23 -37.29
N SER B 355 43.57 42.09 -36.29
CA SER B 355 44.79 41.91 -35.52
C SER B 355 44.66 40.75 -34.54
N GLU B 356 43.51 40.64 -33.88
CA GLU B 356 43.34 39.55 -32.95
C GLU B 356 42.84 38.29 -33.64
N LYS B 357 42.16 38.42 -34.78
CA LYS B 357 41.88 37.26 -35.62
C LYS B 357 43.14 36.43 -35.81
N LYS B 358 44.26 37.10 -36.12
CA LYS B 358 45.54 36.43 -36.25
C LYS B 358 46.16 36.13 -34.89
N PHE B 359 45.91 37.00 -33.90
CA PHE B 359 46.53 36.80 -32.58
C PHE B 359 46.03 35.52 -31.92
N ILE B 360 44.83 35.05 -32.29
CA ILE B 360 44.20 33.93 -31.60
C ILE B 360 44.43 32.61 -32.32
N LYS B 361 44.77 32.64 -33.62
CA LYS B 361 44.91 31.41 -34.38
C LYS B 361 46.17 30.65 -33.98
N GLY B 362 46.08 29.33 -33.98
CA GLY B 362 47.24 28.50 -33.77
C GLY B 362 47.76 28.48 -32.36
N THR B 363 46.98 28.93 -31.39
CA THR B 363 47.44 29.07 -30.01
C THR B 363 47.05 27.84 -29.18
N ALA B 364 47.61 26.70 -29.59
CA ALA B 364 47.49 25.44 -28.87
C ALA B 364 48.38 24.42 -29.55
N ASP B 365 48.73 23.37 -28.82
CA ASP B 365 49.55 22.29 -29.35
C ASP B 365 48.79 20.98 -29.43
N PHE B 366 48.22 20.53 -28.32
CA PHE B 366 47.32 19.38 -28.32
C PHE B 366 45.92 19.86 -27.96
N PHE B 367 44.93 18.99 -28.19
CA PHE B 367 43.54 19.30 -27.87
C PHE B 367 43.18 18.62 -26.55
N ALA B 368 42.92 19.41 -25.53
CA ALA B 368 42.44 18.90 -24.26
C ALA B 368 40.92 18.90 -24.24
N LEU B 369 40.33 17.74 -23.95
CA LEU B 369 38.89 17.56 -24.00
C LEU B 369 38.33 17.20 -22.64
N CYS B 370 37.18 17.80 -22.31
CA CYS B 370 36.50 17.60 -21.03
C CYS B 370 35.15 16.94 -21.30
N PHE B 371 34.85 15.88 -20.57
CA PHE B 371 33.64 15.09 -20.85
C PHE B 371 33.09 14.56 -19.53
N GLY B 372 31.80 14.21 -19.54
CA GLY B 372 31.19 13.62 -18.37
C GLY B 372 29.91 14.29 -17.95
N PRO B 373 29.62 14.22 -16.65
CA PRO B 373 28.36 14.74 -16.12
C PRO B 373 28.34 16.25 -15.90
N THR B 374 29.35 16.97 -16.34
CA THR B 374 29.38 18.41 -16.15
C THR B 374 28.35 19.10 -17.03
N LEU B 375 28.25 18.73 -18.29
CA LEU B 375 27.19 19.29 -19.13
C LEU B 375 26.51 18.25 -20.02
N SER B 376 26.54 16.98 -19.64
CA SER B 376 25.74 15.95 -20.29
C SER B 376 24.71 15.46 -19.28
N PHE B 377 23.43 15.56 -19.63
CA PHE B 377 22.32 15.20 -18.76
C PHE B 377 22.33 16.02 -17.46
N GLN B 378 22.93 17.21 -17.51
CA GLN B 378 23.09 18.05 -16.34
C GLN B 378 23.11 19.50 -16.82
N LEU B 379 23.64 20.41 -16.00
CA LEU B 379 23.64 21.84 -16.28
C LEU B 379 24.11 22.11 -17.70
N LEU B 380 23.20 22.62 -18.53
CA LEU B 380 23.46 22.87 -19.95
C LEU B 380 22.32 23.70 -20.51
N ASP B 381 22.64 24.76 -21.26
CA ASP B 381 21.64 25.67 -21.82
C ASP B 381 20.67 24.90 -22.70
N PRO B 382 19.41 24.76 -22.30
CA PRO B 382 18.45 24.00 -23.12
C PRO B 382 18.26 24.56 -24.51
N HIS B 383 18.61 25.82 -24.76
CA HIS B 383 18.48 26.38 -26.09
C HIS B 383 19.62 25.96 -27.02
N MET B 384 20.69 25.36 -26.49
CA MET B 384 21.84 25.02 -27.31
C MET B 384 21.75 23.64 -27.95
N LYS B 385 20.98 22.72 -27.37
CA LYS B 385 20.79 21.40 -27.97
C LYS B 385 19.97 21.46 -29.25
N PHE B 386 19.34 22.60 -29.55
CA PHE B 386 18.52 22.79 -30.74
C PHE B 386 17.60 21.60 -31.02
N ARG B 387 17.03 21.03 -29.97
CA ARG B 387 16.14 19.87 -30.05
C ARG B 387 16.85 18.67 -30.70
N GLN B 388 17.92 18.22 -30.03
CA GLN B 388 18.61 16.99 -30.39
C GLN B 388 18.88 16.18 -29.13
N LEU B 389 19.15 14.90 -29.33
CA LEU B 389 19.27 13.96 -28.22
C LEU B 389 20.70 13.98 -27.69
N GLU B 390 20.85 14.28 -26.40
CA GLU B 390 22.14 14.18 -25.73
C GLU B 390 22.45 12.74 -25.38
N SER B 391 23.67 12.29 -25.70
CA SER B 391 24.06 10.91 -25.46
C SER B 391 25.54 10.85 -25.14
N PRO B 392 25.94 10.07 -24.14
CA PRO B 392 27.35 9.99 -23.70
C PRO B 392 28.22 8.99 -24.47
N ASN B 393 28.71 9.40 -25.63
CA ASN B 393 29.70 8.62 -26.36
C ASN B 393 30.93 9.48 -26.59
N LEU B 394 32.11 8.86 -26.43
CA LEU B 394 33.38 9.56 -26.56
C LEU B 394 34.20 9.12 -27.76
N ARG B 395 33.89 7.98 -28.37
CA ARG B 395 34.68 7.51 -29.51
C ARG B 395 34.40 8.35 -30.75
N GLN B 396 33.14 8.41 -31.17
CA GLN B 396 32.78 9.26 -32.30
C GLN B 396 33.09 10.72 -32.02
N LEU B 397 33.00 11.14 -30.75
CA LEU B 397 33.34 12.51 -30.39
C LEU B 397 34.82 12.76 -30.63
N LEU B 398 35.68 11.82 -30.23
CA LEU B 398 37.11 11.97 -30.45
C LEU B 398 37.41 11.96 -31.94
N SER B 399 36.72 11.11 -32.70
CA SER B 399 36.90 11.09 -34.15
C SER B 399 36.54 12.43 -34.76
N TRP B 400 35.44 13.04 -34.32
CA TRP B 400 35.04 14.34 -34.84
C TRP B 400 36.10 15.39 -34.51
N ILE B 401 36.62 15.39 -33.27
CA ILE B 401 37.63 16.37 -32.90
C ILE B 401 38.90 16.17 -33.70
N ASP B 402 39.21 14.93 -34.06
CA ASP B 402 40.43 14.69 -34.83
C ASP B 402 40.24 15.06 -36.29
N LEU B 403 39.05 14.84 -36.84
CA LEU B 403 38.81 15.14 -38.25
C LEU B 403 38.70 16.64 -38.49
N GLU B 404 38.02 17.37 -37.58
CA GLU B 404 37.74 18.77 -37.81
C GLU B 404 38.90 19.72 -37.49
N PHE B 405 40.11 19.22 -37.20
CA PHE B 405 41.15 20.13 -36.76
C PHE B 405 42.52 19.76 -37.30
N ASN B 406 42.58 19.19 -38.51
CA ASN B 406 43.85 18.88 -39.17
C ASN B 406 44.75 18.02 -38.30
N HIS B 407 44.14 17.10 -37.56
CA HIS B 407 44.81 16.01 -36.84
C HIS B 407 45.81 16.53 -35.82
N PRO B 408 45.36 17.11 -34.72
CA PRO B 408 46.22 17.24 -33.53
C PRO B 408 46.08 16.03 -32.63
N GLN B 409 46.96 15.98 -31.63
CA GLN B 409 46.88 14.91 -30.64
C GLN B 409 45.91 15.32 -29.54
N ILE B 410 45.26 14.32 -28.95
CA ILE B 410 44.17 14.57 -28.01
C ILE B 410 44.58 14.12 -26.62
N PHE B 411 44.09 14.84 -25.62
CA PHE B 411 44.30 14.49 -24.21
C PHE B 411 42.99 14.75 -23.49
N ILE B 412 42.43 13.70 -22.87
CA ILE B 412 41.17 13.81 -22.16
C ILE B 412 41.47 14.15 -20.71
N VAL B 413 41.14 15.39 -20.30
CA VAL B 413 41.59 15.91 -19.01
C VAL B 413 40.51 15.86 -17.94
N GLU B 414 39.33 15.31 -18.25
CA GLU B 414 38.30 15.13 -17.24
C GLU B 414 37.26 14.15 -17.77
N ASN B 415 37.03 13.07 -17.04
CA ASN B 415 36.09 12.04 -17.49
C ASN B 415 35.73 11.17 -16.30
N GLY B 416 34.49 10.70 -16.30
CA GLY B 416 33.98 9.88 -15.21
C GLY B 416 32.54 10.25 -14.91
N TRP B 417 31.83 9.31 -14.29
CA TRP B 417 30.44 9.52 -13.90
C TRP B 417 30.35 9.75 -12.40
N PHE B 418 29.12 9.74 -11.87
CA PHE B 418 28.88 10.07 -10.48
C PHE B 418 28.00 9.00 -9.84
N VAL B 419 28.19 8.82 -8.53
CA VAL B 419 27.33 7.98 -7.71
C VAL B 419 26.75 8.84 -6.61
N SER B 420 25.56 8.46 -6.14
CA SER B 420 24.78 9.34 -5.28
C SER B 420 25.46 9.50 -3.92
N GLY B 421 24.86 10.32 -3.07
CA GLY B 421 25.44 10.68 -1.78
C GLY B 421 25.34 9.62 -0.72
N THR B 422 24.52 8.59 -0.92
CA THR B 422 24.29 7.58 0.09
C THR B 422 25.30 6.45 0.03
N THR B 423 25.91 6.20 -1.13
CA THR B 423 26.85 5.10 -1.27
C THR B 423 28.23 5.54 -0.81
N LYS B 424 28.91 4.67 -0.06
CA LYS B 424 30.17 5.00 0.59
C LYS B 424 31.37 4.29 -0.03
N ARG B 425 31.32 2.96 -0.13
CA ARG B 425 32.50 2.18 -0.49
C ARG B 425 32.36 1.41 -1.79
N ASP B 426 31.20 0.83 -2.07
CA ASP B 426 30.98 0.05 -3.29
C ASP B 426 30.16 0.87 -4.28
N ASP B 427 30.83 1.40 -5.31
CA ASP B 427 30.20 2.22 -6.35
C ASP B 427 30.56 1.63 -7.72
N ALA B 428 29.76 0.65 -8.17
CA ALA B 428 30.06 -0.01 -9.44
C ALA B 428 29.69 0.86 -10.64
N LYS B 429 28.75 1.79 -10.47
CA LYS B 429 28.43 2.76 -11.50
C LYS B 429 29.71 3.40 -12.05
N TYR B 430 30.56 3.89 -11.15
CA TYR B 430 31.75 4.63 -11.58
C TYR B 430 32.76 3.69 -12.23
N MET B 431 32.91 2.47 -11.70
CA MET B 431 33.82 1.51 -12.32
C MET B 431 33.41 1.25 -13.76
N TYR B 432 32.13 0.97 -13.98
CA TYR B 432 31.71 0.57 -15.32
C TYR B 432 31.67 1.75 -16.28
N TYR B 433 31.34 2.95 -15.79
CA TYR B 433 31.45 4.13 -16.65
C TYR B 433 32.90 4.39 -17.04
N LEU B 434 33.83 4.23 -16.09
CA LEU B 434 35.23 4.44 -16.40
C LEU B 434 35.72 3.39 -17.39
N LYS B 435 35.29 2.14 -17.21
CA LYS B 435 35.69 1.08 -18.13
C LYS B 435 35.17 1.37 -19.54
N LYS B 436 33.92 1.83 -19.65
CA LYS B 436 33.38 2.19 -20.95
C LYS B 436 34.16 3.34 -21.57
N PHE B 437 34.54 4.32 -20.77
CA PHE B 437 35.26 5.47 -21.29
C PHE B 437 36.63 5.06 -21.82
N ILE B 438 37.36 4.24 -21.06
CA ILE B 438 38.66 3.77 -21.51
C ILE B 438 38.51 2.87 -22.74
N MET B 439 37.44 2.06 -22.78
CA MET B 439 37.17 1.27 -23.98
C MET B 439 36.99 2.17 -25.20
N GLU B 440 36.23 3.25 -25.06
CA GLU B 440 36.02 4.16 -26.18
C GLU B 440 37.31 4.84 -26.59
N THR B 441 38.13 5.22 -25.61
CA THR B 441 39.42 5.84 -25.94
C THR B 441 40.31 4.87 -26.71
N LEU B 442 40.35 3.60 -26.28
CA LEU B 442 41.14 2.61 -27.01
C LEU B 442 40.59 2.39 -28.42
N LYS B 443 39.26 2.29 -28.54
CA LYS B 443 38.66 2.10 -29.86
C LYS B 443 38.93 3.28 -30.78
N ALA B 444 39.03 4.48 -30.23
CA ALA B 444 39.41 5.64 -31.02
C ALA B 444 40.88 5.58 -31.42
N ILE B 445 41.74 5.09 -30.53
CA ILE B 445 43.15 4.94 -30.86
C ILE B 445 43.33 3.91 -31.99
N LYS B 446 42.58 2.81 -31.93
CA LYS B 446 42.85 1.69 -32.83
C LYS B 446 42.02 1.72 -34.10
N LEU B 447 40.74 2.06 -33.99
CA LEU B 447 39.82 1.95 -35.12
C LEU B 447 39.48 3.27 -35.78
N ASP B 448 39.87 4.40 -35.19
CA ASP B 448 39.51 5.71 -35.72
C ASP B 448 40.71 6.58 -36.05
N GLY B 449 41.93 6.13 -35.74
CA GLY B 449 43.11 6.93 -36.01
C GLY B 449 43.16 8.22 -35.20
N VAL B 450 42.52 8.24 -34.03
CA VAL B 450 42.59 9.38 -33.12
C VAL B 450 43.79 9.17 -32.21
N ASP B 451 44.90 9.82 -32.53
CA ASP B 451 46.14 9.64 -31.77
C ASP B 451 45.99 10.30 -30.41
N VAL B 452 45.61 9.51 -29.41
CA VAL B 452 45.49 9.99 -28.05
C VAL B 452 46.86 9.96 -27.40
N ILE B 453 47.11 10.93 -26.50
CA ILE B 453 48.36 10.98 -25.77
C ILE B 453 48.21 10.51 -24.32
N GLY B 454 46.99 10.45 -23.80
CA GLY B 454 46.79 10.00 -22.44
C GLY B 454 45.34 10.12 -22.03
N TYR B 455 45.05 9.58 -20.85
CA TYR B 455 43.70 9.59 -20.29
C TYR B 455 43.77 10.00 -18.83
N THR B 456 42.68 10.58 -18.35
CA THR B 456 42.56 11.03 -16.97
C THR B 456 41.22 10.65 -16.40
N ALA B 457 41.20 10.18 -15.15
CA ALA B 457 39.97 9.87 -14.45
C ALA B 457 39.71 10.95 -13.41
N TRP B 458 38.44 11.37 -13.30
CA TRP B 458 38.13 12.56 -12.52
C TRP B 458 37.84 12.21 -11.06
N SER B 459 38.03 13.22 -10.20
CA SER B 459 37.64 13.17 -8.79
C SER B 459 38.36 12.03 -8.06
N LEU B 460 39.67 12.22 -7.93
CA LEU B 460 40.46 11.42 -7.01
C LEU B 460 39.91 11.46 -5.58
N MET B 461 39.33 12.59 -5.19
CA MET B 461 38.82 12.81 -3.83
C MET B 461 37.42 13.39 -3.89
N ASP B 462 36.52 12.86 -3.06
CA ASP B 462 35.13 13.25 -3.09
C ASP B 462 34.98 14.73 -2.71
N GLY B 463 33.82 15.35 -2.94
CA GLY B 463 33.77 16.76 -2.46
C GLY B 463 32.63 17.66 -2.90
N PHE B 464 32.73 18.96 -2.59
CA PHE B 464 31.64 19.94 -2.88
C PHE B 464 31.53 20.22 -4.37
N GLU B 465 30.41 19.83 -4.95
CA GLU B 465 30.22 20.06 -6.41
C GLU B 465 29.65 21.45 -6.64
N TRP B 466 30.36 22.27 -7.39
CA TRP B 466 29.80 23.58 -7.79
C TRP B 466 28.39 23.35 -8.30
N HIS B 467 27.45 24.23 -7.94
CA HIS B 467 26.04 24.12 -8.41
C HIS B 467 25.37 22.91 -7.76
N ARG B 468 25.91 21.71 -8.00
CA ARG B 468 25.24 20.49 -7.47
C ARG B 468 25.41 20.46 -5.94
N GLY B 469 26.63 20.21 -5.47
CA GLY B 469 26.88 20.18 -4.01
C GLY B 469 27.32 18.80 -3.53
N TYR B 470 27.64 18.67 -2.25
CA TYR B 470 28.09 17.37 -1.67
C TYR B 470 27.13 16.27 -2.12
N SER B 471 25.92 16.66 -2.52
CA SER B 471 24.88 15.69 -2.94
C SER B 471 25.50 14.52 -3.70
N ILE B 472 26.51 14.79 -4.53
CA ILE B 472 27.05 13.70 -5.38
C ILE B 472 28.43 13.25 -4.90
N ARG B 473 28.63 11.94 -4.69
CA ARG B 473 29.96 11.46 -4.34
C ARG B 473 30.64 10.93 -5.59
N ARG B 474 31.79 11.50 -5.93
CA ARG B 474 32.49 11.13 -7.15
C ARG B 474 33.91 10.60 -6.91
N GLY B 475 34.41 10.67 -5.68
CA GLY B 475 35.79 10.35 -5.43
C GLY B 475 36.14 8.90 -5.74
N LEU B 476 37.40 8.69 -6.09
CA LEU B 476 37.96 7.35 -6.10
C LEU B 476 38.21 6.83 -4.69
N PHE B 477 38.28 7.72 -3.70
CA PHE B 477 38.57 7.36 -2.32
C PHE B 477 37.52 8.00 -1.42
N TYR B 478 36.82 7.17 -0.66
CA TYR B 478 35.72 7.66 0.18
C TYR B 478 36.26 8.40 1.39
N VAL B 479 35.71 9.59 1.62
CA VAL B 479 35.98 10.37 2.82
C VAL B 479 34.63 10.68 3.49
N ASP B 480 34.54 10.34 4.77
CA ASP B 480 33.29 10.55 5.51
C ASP B 480 33.25 11.95 6.09
N PHE B 481 32.05 12.52 6.13
CA PHE B 481 31.85 13.87 6.67
C PHE B 481 31.55 13.85 8.16
N LEU B 482 32.01 12.84 8.88
CA LEU B 482 31.96 12.81 10.34
C LEU B 482 33.33 12.74 10.99
N SER B 483 34.40 12.55 10.22
CA SER B 483 35.75 12.40 10.74
C SER B 483 36.47 13.75 10.69
N GLN B 484 37.23 14.03 11.75
CA GLN B 484 37.98 15.28 11.80
C GLN B 484 39.30 15.20 11.04
N ASP B 485 39.80 13.99 10.79
CA ASP B 485 41.01 13.83 9.98
C ASP B 485 40.70 13.82 8.48
N LYS B 486 39.43 13.67 8.11
CA LYS B 486 39.01 13.47 6.72
C LYS B 486 39.75 12.28 6.09
N MET B 487 39.78 11.17 6.83
CA MET B 487 40.62 10.05 6.45
C MET B 487 40.08 9.37 5.19
N LEU B 488 40.94 9.18 4.20
CA LEU B 488 40.56 8.55 2.95
C LEU B 488 40.59 7.03 3.07
N LEU B 489 39.70 6.37 2.34
CA LEU B 489 39.70 4.92 2.24
C LEU B 489 39.54 4.49 0.79
N PRO B 490 40.24 3.44 0.37
CA PRO B 490 40.14 2.99 -1.02
C PRO B 490 38.73 2.54 -1.37
N LYS B 491 38.42 2.61 -2.65
CA LYS B 491 37.12 2.18 -3.16
C LYS B 491 37.33 1.08 -4.21
N SER B 492 36.23 0.71 -4.86
CA SER B 492 36.30 -0.25 -5.96
C SER B 492 36.98 0.37 -7.18
N SER B 493 36.58 1.61 -7.53
CA SER B 493 37.17 2.28 -8.68
C SER B 493 38.69 2.36 -8.59
N ALA B 494 39.22 2.64 -7.40
CA ALA B 494 40.67 2.74 -7.24
C ALA B 494 41.34 1.42 -7.57
N LEU B 495 40.79 0.31 -7.06
CA LEU B 495 41.37 -1.00 -7.33
C LEU B 495 41.29 -1.33 -8.81
N PHE B 496 40.15 -1.04 -9.45
CA PHE B 496 40.00 -1.34 -10.87
C PHE B 496 40.99 -0.53 -11.71
N TYR B 497 41.10 0.76 -11.43
CA TYR B 497 42.07 1.60 -12.14
C TYR B 497 43.49 1.07 -11.93
N GLN B 498 43.77 0.64 -10.71
CA GLN B 498 45.12 0.10 -10.43
C GLN B 498 45.34 -1.10 -11.35
N LYS B 499 44.40 -2.05 -11.41
CA LYS B 499 44.66 -3.26 -12.19
C LYS B 499 44.51 -3.02 -13.68
N LEU B 500 44.03 -1.85 -14.08
CA LEU B 500 44.00 -1.51 -15.50
C LEU B 500 45.27 -0.80 -15.94
N ILE B 501 45.88 0.00 -15.05
CA ILE B 501 47.12 0.69 -15.42
C ILE B 501 48.23 -0.32 -15.64
N GLU B 502 48.53 -1.13 -14.62
CA GLU B 502 49.74 -1.95 -14.62
C GLU B 502 49.75 -2.96 -15.75
N LYS B 503 48.58 -3.33 -16.28
CA LYS B 503 48.48 -4.25 -17.39
C LYS B 503 48.37 -3.54 -18.73
N ASN B 504 48.53 -2.22 -18.75
CA ASN B 504 48.56 -1.42 -19.98
C ASN B 504 47.30 -1.65 -20.81
N GLY B 505 46.16 -1.37 -20.20
CA GLY B 505 44.88 -1.41 -20.90
C GLY B 505 44.16 -2.73 -20.64
N PHE B 506 43.77 -3.41 -21.72
CA PHE B 506 43.10 -4.71 -21.64
C PHE B 506 43.93 -5.74 -22.42
N PRO B 507 45.01 -6.24 -21.82
CA PRO B 507 45.85 -7.19 -22.54
C PRO B 507 45.19 -8.55 -22.59
N PRO B 508 45.47 -9.36 -23.61
CA PRO B 508 44.84 -10.68 -23.72
C PRO B 508 45.21 -11.56 -22.53
N LEU B 509 44.22 -12.23 -21.99
CA LEU B 509 44.35 -13.08 -20.81
C LEU B 509 44.08 -14.53 -21.20
N PRO B 510 44.57 -15.50 -20.41
CA PRO B 510 44.27 -16.91 -20.71
C PRO B 510 42.78 -17.19 -20.87
N GLU B 511 41.94 -16.56 -20.05
CA GLU B 511 40.50 -16.70 -20.23
C GLU B 511 40.00 -15.90 -21.42
N ASN B 512 40.62 -14.74 -21.69
CA ASN B 512 40.22 -13.86 -22.78
C ASN B 512 40.96 -14.16 -24.08
N GLN B 513 41.47 -15.39 -24.25
CA GLN B 513 42.19 -15.78 -25.45
C GLN B 513 41.73 -17.20 -25.81
N PRO B 514 41.28 -17.42 -27.04
CA PRO B 514 40.71 -18.73 -27.40
C PRO B 514 41.77 -19.82 -27.38
N LEU B 515 41.46 -20.91 -26.67
CA LEU B 515 42.35 -22.06 -26.57
C LEU B 515 41.72 -23.24 -27.30
N GLU B 516 42.41 -23.74 -28.32
CA GLU B 516 41.89 -24.77 -29.19
C GLU B 516 41.59 -26.06 -28.41
N GLY B 517 40.72 -26.89 -28.97
CA GLY B 517 40.40 -28.17 -28.38
C GLY B 517 39.18 -28.84 -28.96
N THR B 518 39.13 -30.17 -28.87
CA THR B 518 38.01 -30.94 -29.41
C THR B 518 37.06 -31.35 -28.29
N PHE B 519 35.79 -31.57 -28.67
CA PHE B 519 34.77 -31.98 -27.72
C PHE B 519 34.79 -33.48 -27.51
N PRO B 520 34.47 -33.94 -26.30
CA PRO B 520 34.38 -35.39 -26.07
C PRO B 520 33.21 -35.98 -26.83
N CYS B 521 33.44 -37.17 -27.41
CA CYS B 521 32.44 -37.82 -28.23
C CYS B 521 31.13 -38.02 -27.45
N ASP B 522 30.06 -38.31 -28.20
CA ASP B 522 28.70 -38.44 -27.68
C ASP B 522 28.22 -37.16 -27.00
N PHE B 523 28.93 -36.05 -27.17
CA PHE B 523 28.44 -34.75 -26.74
C PHE B 523 27.07 -34.44 -27.33
N ALA B 524 26.20 -33.85 -26.52
CA ALA B 524 24.83 -33.62 -26.91
C ALA B 524 24.70 -32.33 -27.69
N TRP B 525 23.79 -32.32 -28.66
CA TRP B 525 23.51 -31.12 -29.45
C TRP B 525 22.02 -30.96 -29.58
N GLY B 526 21.60 -29.73 -29.85
CA GLY B 526 20.19 -29.44 -30.03
C GLY B 526 19.91 -27.97 -29.83
N VAL B 527 18.66 -27.61 -30.12
CA VAL B 527 18.16 -26.25 -29.93
C VAL B 527 16.75 -26.32 -29.35
N VAL B 528 16.20 -25.14 -29.04
CA VAL B 528 15.07 -24.99 -28.12
C VAL B 528 13.92 -24.33 -28.86
N ASP B 529 12.70 -24.87 -28.67
CA ASP B 529 11.48 -24.11 -28.95
C ASP B 529 10.43 -24.57 -27.93
N ASN B 530 10.39 -23.85 -26.80
CA ASN B 530 9.47 -24.16 -25.71
C ASN B 530 8.03 -23.75 -25.99
N TYR B 531 7.70 -23.31 -27.20
CA TYR B 531 6.34 -22.89 -27.53
C TYR B 531 5.82 -23.51 -28.83
N ILE B 532 6.34 -24.68 -29.21
CA ILE B 532 5.96 -25.28 -30.49
C ILE B 532 4.44 -25.37 -30.60
N GLN B 533 3.92 -24.93 -31.73
CA GLN B 533 2.50 -25.10 -32.05
C GLN B 533 2.25 -26.54 -32.46
N VAL B 534 1.21 -27.14 -31.88
CA VAL B 534 0.89 -28.54 -32.13
C VAL B 534 0.27 -28.74 -33.51
N ALA B 576 1.46 -32.45 -42.72
CA ALA B 576 1.21 -31.70 -41.49
C ALA B 576 2.31 -30.68 -41.24
N ALA B 577 2.41 -30.22 -40.00
CA ALA B 577 3.42 -29.24 -39.61
C ALA B 577 4.74 -29.88 -39.19
N ILE B 578 4.82 -31.21 -39.14
CA ILE B 578 5.99 -31.87 -38.59
C ILE B 578 7.15 -31.89 -39.59
N GLN B 579 6.84 -32.02 -40.89
CA GLN B 579 7.91 -32.20 -41.87
C GLN B 579 8.82 -30.99 -41.98
N PRO B 580 8.33 -29.75 -42.09
CA PRO B 580 9.27 -28.62 -42.08
C PRO B 580 10.05 -28.51 -40.79
N GLN B 581 9.45 -28.88 -39.66
CA GLN B 581 10.17 -28.91 -38.39
C GLN B 581 11.38 -29.83 -38.48
N ILE B 582 11.14 -31.11 -38.78
CA ILE B 582 12.25 -32.06 -38.80
C ILE B 582 13.25 -31.70 -39.90
N ALA B 583 12.78 -31.11 -41.00
CA ALA B 583 13.70 -30.70 -42.06
C ALA B 583 14.62 -29.59 -41.58
N LEU B 584 14.09 -28.68 -40.76
CA LEU B 584 14.91 -27.58 -40.25
C LEU B 584 15.82 -28.04 -39.12
N LEU B 585 15.42 -29.07 -38.37
CA LEU B 585 16.29 -29.58 -37.31
C LEU B 585 17.43 -30.39 -37.92
N GLN B 586 17.10 -31.41 -38.71
CA GLN B 586 18.13 -32.21 -39.37
C GLN B 586 19.04 -31.32 -40.21
N GLU B 587 18.47 -30.30 -40.86
CA GLU B 587 19.30 -29.35 -41.60
C GLU B 587 20.27 -28.62 -40.68
N MET B 588 19.90 -28.41 -39.42
CA MET B 588 20.74 -27.68 -38.48
C MET B 588 21.76 -28.58 -37.78
N HIS B 589 21.76 -29.89 -38.05
CA HIS B 589 22.55 -30.86 -37.32
C HIS B 589 22.20 -30.85 -35.83
N VAL B 590 20.95 -31.20 -35.54
CA VAL B 590 20.42 -31.22 -34.19
C VAL B 590 20.14 -32.66 -33.80
N THR B 591 20.69 -33.10 -32.66
CA THR B 591 20.41 -34.43 -32.15
C THR B 591 19.43 -34.45 -30.98
N HIS B 592 19.38 -33.39 -30.18
CA HIS B 592 18.40 -33.38 -29.07
C HIS B 592 17.57 -32.10 -29.09
N PHE B 593 16.61 -32.01 -30.02
CA PHE B 593 15.74 -30.84 -30.11
C PHE B 593 14.95 -30.67 -28.82
N ARG B 594 15.11 -29.52 -28.17
CA ARG B 594 14.44 -29.22 -26.91
C ARG B 594 13.06 -28.59 -27.16
N PHE B 595 12.05 -29.10 -26.48
CA PHE B 595 10.71 -28.52 -26.56
C PHE B 595 9.96 -28.90 -25.28
N SER B 596 8.67 -28.57 -25.24
CA SER B 596 7.82 -28.84 -24.10
C SER B 596 6.44 -29.23 -24.63
N LEU B 597 5.44 -29.24 -23.74
CA LEU B 597 4.10 -29.68 -24.11
C LEU B 597 3.01 -28.66 -23.79
N ASP B 598 3.24 -27.69 -22.92
CA ASP B 598 2.20 -26.78 -22.44
C ASP B 598 1.05 -27.59 -21.80
N TRP B 599 1.40 -28.22 -20.67
CA TRP B 599 0.53 -29.18 -19.97
C TRP B 599 -0.93 -28.72 -19.97
N ALA B 600 -1.17 -27.44 -19.72
CA ALA B 600 -2.54 -26.90 -19.71
C ALA B 600 -3.32 -27.33 -20.95
N LEU B 601 -2.66 -27.49 -22.10
CA LEU B 601 -3.32 -27.99 -23.29
C LEU B 601 -3.44 -29.51 -23.33
N ILE B 602 -2.63 -30.24 -22.55
CA ILE B 602 -2.74 -31.69 -22.52
C ILE B 602 -4.08 -32.10 -21.90
N LEU B 603 -4.41 -31.53 -20.75
CA LEU B 603 -5.64 -31.84 -20.04
C LEU B 603 -6.51 -30.58 -20.01
N PRO B 604 -7.72 -30.62 -20.57
CA PRO B 604 -8.58 -29.43 -20.49
C PRO B 604 -9.02 -29.10 -19.08
N LEU B 605 -9.37 -30.11 -18.29
CA LEU B 605 -9.87 -29.89 -16.94
C LEU B 605 -8.86 -30.25 -15.86
N GLY B 606 -7.71 -30.80 -16.23
CA GLY B 606 -6.73 -31.25 -15.26
C GLY B 606 -6.97 -32.63 -14.70
N ASN B 607 -7.98 -33.31 -15.28
CA ASN B 607 -8.29 -34.70 -14.87
C ASN B 607 -7.96 -35.62 -16.06
N GLN B 608 -7.59 -36.86 -15.79
CA GLN B 608 -7.26 -37.81 -16.84
C GLN B 608 -8.42 -38.75 -17.16
N SER B 609 -9.63 -38.42 -16.70
CA SER B 609 -10.84 -39.03 -17.22
C SER B 609 -11.23 -38.45 -18.58
N GLN B 610 -10.51 -37.43 -19.05
CA GLN B 610 -10.73 -36.82 -20.35
C GLN B 610 -9.40 -36.24 -20.82
N VAL B 611 -9.12 -36.41 -22.11
CA VAL B 611 -7.89 -35.85 -22.69
C VAL B 611 -8.14 -35.66 -24.18
N ASN B 612 -7.57 -34.58 -24.72
CA ASN B 612 -7.61 -34.34 -26.17
C ASN B 612 -6.39 -35.01 -26.76
N HIS B 613 -6.55 -36.28 -27.14
CA HIS B 613 -5.44 -37.12 -27.60
C HIS B 613 -4.85 -36.67 -28.93
N THR B 614 -5.36 -35.59 -29.54
CA THR B 614 -4.80 -35.12 -30.81
C THR B 614 -3.36 -34.66 -30.62
N ILE B 615 -3.14 -33.69 -29.74
CA ILE B 615 -1.79 -33.18 -29.52
C ILE B 615 -0.90 -34.27 -28.92
N LEU B 616 -1.50 -35.22 -28.19
CA LEU B 616 -0.71 -36.31 -27.62
C LEU B 616 -0.17 -37.23 -28.71
N GLN B 617 -1.03 -37.67 -29.62
CA GLN B 617 -0.54 -38.50 -30.72
C GLN B 617 0.37 -37.69 -31.64
N TYR B 618 0.17 -36.36 -31.72
CA TYR B 618 1.07 -35.53 -32.50
C TYR B 618 2.47 -35.54 -31.90
N TYR B 619 2.57 -35.43 -30.58
CA TYR B 619 3.87 -35.52 -29.92
C TYR B 619 4.47 -36.90 -30.10
N ARG B 620 3.64 -37.94 -30.02
CA ARG B 620 4.11 -39.31 -30.23
C ARG B 620 4.77 -39.46 -31.61
N CYS B 621 4.02 -39.13 -32.67
CA CYS B 621 4.58 -39.14 -34.02
C CYS B 621 5.83 -38.27 -34.11
N MET B 622 5.82 -37.12 -33.44
CA MET B 622 6.93 -36.19 -33.54
C MET B 622 8.21 -36.81 -33.01
N ALA B 623 8.17 -37.27 -31.75
CA ALA B 623 9.32 -37.95 -31.16
C ALA B 623 9.74 -39.16 -31.98
N SER B 624 8.78 -39.98 -32.41
CA SER B 624 9.14 -41.20 -33.14
C SER B 624 9.89 -40.86 -34.42
N GLU B 625 9.29 -40.01 -35.27
CA GLU B 625 9.96 -39.60 -36.50
C GLU B 625 11.32 -38.98 -36.21
N LEU B 626 11.40 -38.12 -35.19
CA LEU B 626 12.68 -37.52 -34.82
C LEU B 626 13.73 -38.58 -34.54
N VAL B 627 13.33 -39.70 -33.93
CA VAL B 627 14.25 -40.81 -33.73
C VAL B 627 14.59 -41.49 -35.06
N ARG B 628 13.60 -41.65 -35.94
CA ARG B 628 13.91 -42.17 -37.28
C ARG B 628 14.90 -41.28 -38.02
N VAL B 629 14.77 -39.96 -37.88
CA VAL B 629 15.77 -39.03 -38.39
C VAL B 629 16.90 -38.86 -37.37
N ASN B 630 16.92 -39.71 -36.35
CA ASN B 630 17.97 -39.75 -35.34
C ASN B 630 18.04 -38.41 -34.57
N ILE B 631 16.96 -38.15 -33.84
CA ILE B 631 16.89 -37.06 -32.87
C ILE B 631 16.27 -37.62 -31.60
N THR B 632 16.98 -37.51 -30.49
CA THR B 632 16.45 -37.91 -29.19
C THR B 632 16.00 -36.65 -28.46
N PRO B 633 14.70 -36.49 -28.19
CA PRO B 633 14.19 -35.17 -27.78
C PRO B 633 14.39 -34.91 -26.30
N VAL B 634 15.08 -33.81 -26.00
CA VAL B 634 15.04 -33.19 -24.68
C VAL B 634 13.62 -32.62 -24.47
N VAL B 635 12.87 -33.21 -23.56
CA VAL B 635 11.46 -32.90 -23.37
C VAL B 635 11.28 -32.17 -22.05
N ALA B 636 10.37 -31.21 -22.03
CA ALA B 636 9.98 -30.47 -20.84
C ALA B 636 8.52 -30.77 -20.51
N LEU B 637 8.11 -30.46 -19.28
CA LEU B 637 6.75 -30.76 -18.84
C LEU B 637 5.96 -29.57 -18.36
N TRP B 638 6.59 -28.54 -17.77
CA TRP B 638 5.86 -27.40 -17.25
C TRP B 638 6.62 -26.12 -17.57
N GLN B 639 5.86 -25.11 -18.03
CA GLN B 639 6.46 -23.82 -18.46
C GLN B 639 6.09 -22.71 -17.48
N PRO B 640 6.97 -21.70 -17.26
CA PRO B 640 6.70 -20.64 -16.28
C PRO B 640 5.92 -19.46 -16.83
N MET B 641 5.88 -19.31 -18.15
CA MET B 641 5.29 -18.12 -18.76
C MET B 641 3.83 -18.40 -19.11
N ALA B 642 2.93 -17.86 -18.30
CA ALA B 642 1.49 -17.97 -18.47
C ALA B 642 0.79 -17.06 -17.46
N PRO B 643 -0.40 -16.53 -17.77
CA PRO B 643 -1.13 -15.74 -16.77
C PRO B 643 -1.70 -16.59 -15.64
N ASN B 644 -1.77 -17.91 -15.81
CA ASN B 644 -2.21 -18.82 -14.76
C ASN B 644 -1.11 -19.80 -14.35
N GLN B 645 0.15 -19.47 -14.62
CA GLN B 645 1.31 -20.32 -14.35
C GLN B 645 1.28 -21.62 -15.15
N GLY B 646 0.38 -21.72 -16.12
CA GLY B 646 0.39 -22.80 -17.10
C GLY B 646 -0.41 -24.02 -16.72
N LEU B 647 -1.33 -23.89 -15.78
CA LEU B 647 -2.20 -24.99 -15.39
C LEU B 647 -3.54 -24.89 -16.11
N PRO B 648 -4.26 -26.00 -16.25
CA PRO B 648 -5.64 -25.92 -16.76
C PRO B 648 -6.51 -25.08 -15.84
N ARG B 649 -7.60 -24.55 -16.40
CA ARG B 649 -8.42 -23.58 -15.68
C ARG B 649 -8.86 -24.12 -14.33
N LEU B 650 -9.37 -25.35 -14.32
CA LEU B 650 -9.82 -25.96 -13.08
C LEU B 650 -8.65 -26.18 -12.12
N LEU B 651 -7.50 -26.62 -12.64
CA LEU B 651 -6.35 -26.83 -11.77
C LEU B 651 -5.68 -25.53 -11.37
N ALA B 652 -6.05 -24.42 -12.01
CA ALA B 652 -5.51 -23.10 -11.67
C ALA B 652 -6.40 -22.35 -10.70
N ARG B 653 -7.71 -22.63 -10.73
CA ARG B 653 -8.64 -21.84 -9.95
C ARG B 653 -8.56 -22.18 -8.47
N GLN B 654 -7.93 -23.31 -8.13
CA GLN B 654 -7.93 -23.87 -6.78
C GLN B 654 -6.55 -23.79 -6.12
N GLY B 655 -5.84 -22.69 -6.30
CA GLY B 655 -4.49 -22.58 -5.79
C GLY B 655 -3.45 -23.32 -6.59
N ALA B 656 -3.18 -22.85 -7.81
CA ALA B 656 -2.48 -23.65 -8.82
C ALA B 656 -1.41 -24.53 -8.18
N TRP B 657 -0.47 -23.93 -7.44
CA TRP B 657 0.60 -24.73 -6.85
C TRP B 657 0.62 -24.65 -5.34
N GLU B 658 -0.18 -23.76 -4.72
CA GLU B 658 -0.21 -23.66 -3.26
C GLU B 658 -0.95 -24.83 -2.64
N ASN B 659 -2.00 -25.29 -3.31
CA ASN B 659 -2.73 -26.49 -2.94
C ASN B 659 -1.78 -27.66 -2.73
N PRO B 660 -2.06 -28.55 -1.77
CA PRO B 660 -1.29 -29.80 -1.67
C PRO B 660 -1.57 -30.76 -2.83
N TYR B 661 -2.86 -30.96 -3.13
CA TYR B 661 -3.25 -32.02 -4.07
C TYR B 661 -2.67 -31.81 -5.46
N THR B 662 -2.41 -30.56 -5.85
CA THR B 662 -1.86 -30.30 -7.17
C THR B 662 -0.55 -31.04 -7.39
N ALA B 663 0.19 -31.32 -6.32
CA ALA B 663 1.42 -32.11 -6.45
C ALA B 663 1.12 -33.48 -7.06
N LEU B 664 0.16 -34.20 -6.48
CA LEU B 664 -0.32 -35.45 -7.09
C LEU B 664 -0.92 -35.23 -8.48
N ALA B 665 -1.64 -34.12 -8.67
CA ALA B 665 -2.13 -33.77 -10.00
C ALA B 665 -1.00 -33.69 -11.02
N PHE B 666 0.16 -33.19 -10.61
CA PHE B 666 1.36 -33.29 -11.43
C PHE B 666 1.82 -34.73 -11.55
N ALA B 667 1.92 -35.44 -10.41
CA ALA B 667 2.48 -36.78 -10.36
C ALA B 667 1.83 -37.69 -11.39
N GLU B 668 0.51 -37.89 -11.27
CA GLU B 668 -0.20 -38.76 -12.20
C GLU B 668 -0.04 -38.31 -13.65
N TYR B 669 -0.08 -36.99 -13.90
CA TYR B 669 0.10 -36.51 -15.27
C TYR B 669 1.47 -36.91 -15.80
N ALA B 670 2.49 -36.82 -14.94
CA ALA B 670 3.82 -37.33 -15.29
C ALA B 670 3.75 -38.80 -15.64
N ARG B 671 3.10 -39.61 -14.79
CA ARG B 671 2.92 -41.02 -15.10
C ARG B 671 2.35 -41.21 -16.50
N LEU B 672 1.30 -40.45 -16.81
CA LEU B 672 0.73 -40.42 -18.17
C LEU B 672 1.83 -40.25 -19.21
N CYS B 673 2.53 -39.11 -19.12
CA CYS B 673 3.55 -38.78 -20.12
C CYS B 673 4.61 -39.87 -20.20
N PHE B 674 4.82 -40.62 -19.12
CA PHE B 674 5.89 -41.59 -19.11
C PHE B 674 5.39 -42.95 -19.58
N GLN B 675 4.07 -43.14 -19.58
CA GLN B 675 3.52 -44.47 -19.94
C GLN B 675 3.17 -44.49 -21.43
N GLU B 676 2.85 -43.34 -22.03
CA GLU B 676 2.60 -43.32 -23.47
C GLU B 676 3.89 -43.04 -24.24
N LEU B 677 4.49 -41.87 -24.03
CA LEU B 677 5.71 -41.51 -24.76
C LEU B 677 6.94 -42.25 -24.26
N GLY B 678 6.83 -43.02 -23.18
CA GLY B 678 7.97 -43.49 -22.42
C GLY B 678 9.06 -44.22 -23.16
N HIS B 679 8.85 -44.56 -24.44
CA HIS B 679 9.88 -45.26 -25.18
C HIS B 679 10.86 -44.31 -25.84
N HIS B 680 10.37 -43.21 -26.42
CA HIS B 680 11.15 -42.41 -27.34
C HIS B 680 11.92 -41.29 -26.64
N VAL B 681 12.05 -41.34 -25.32
CA VAL B 681 12.71 -40.30 -24.55
C VAL B 681 13.96 -40.88 -23.88
N LYS B 682 15.02 -40.07 -23.83
CA LYS B 682 16.22 -40.38 -23.07
C LYS B 682 16.63 -39.25 -22.14
N LEU B 683 15.86 -38.16 -22.09
CA LEU B 683 16.13 -37.06 -21.17
C LEU B 683 14.82 -36.32 -20.92
N TRP B 684 14.52 -36.07 -19.65
CA TRP B 684 13.28 -35.39 -19.28
C TRP B 684 13.58 -34.14 -18.46
N ILE B 685 12.61 -33.23 -18.45
CA ILE B 685 12.65 -32.03 -17.61
C ILE B 685 11.23 -31.80 -17.08
N THR B 686 11.07 -31.85 -15.77
CA THR B 686 9.74 -31.73 -15.18
C THR B 686 9.32 -30.27 -15.00
N MET B 687 10.05 -29.53 -14.19
CA MET B 687 9.76 -28.11 -13.92
C MET B 687 10.74 -27.24 -14.71
N ASN B 688 10.38 -26.97 -15.97
CA ASN B 688 11.30 -26.30 -16.89
C ASN B 688 11.45 -24.83 -16.53
N GLU B 689 12.43 -24.53 -15.67
CA GLU B 689 12.90 -23.18 -15.40
C GLU B 689 11.80 -22.28 -14.84
N PRO B 690 11.37 -22.51 -13.60
CA PRO B 690 10.46 -21.56 -12.96
C PRO B 690 11.17 -20.29 -12.54
N TYR B 691 10.51 -19.16 -12.74
CA TYR B 691 11.05 -17.88 -12.28
C TYR B 691 11.14 -17.87 -10.76
N THR B 692 12.09 -17.08 -10.24
CA THR B 692 12.52 -17.24 -8.87
C THR B 692 12.58 -15.91 -8.12
N ARG B 693 11.75 -14.94 -8.51
CA ARG B 693 11.61 -13.74 -7.69
C ARG B 693 10.18 -13.25 -7.65
N ASN B 694 9.23 -14.07 -8.10
CA ASN B 694 7.81 -13.73 -8.07
C ASN B 694 6.96 -14.91 -7.62
N MET B 695 7.52 -16.11 -7.61
CA MET B 695 6.83 -17.34 -7.25
C MET B 695 6.89 -17.55 -5.74
N THR B 696 5.75 -17.88 -5.14
CA THR B 696 5.66 -17.89 -3.69
C THR B 696 6.34 -19.12 -3.10
N TYR B 697 6.94 -18.93 -1.92
CA TYR B 697 7.69 -19.98 -1.26
C TYR B 697 6.83 -21.22 -1.01
N SER B 698 5.66 -21.02 -0.39
CA SER B 698 4.78 -22.15 -0.04
C SER B 698 4.47 -22.98 -1.27
N ALA B 699 4.28 -22.33 -2.42
CA ALA B 699 4.12 -23.08 -3.66
C ALA B 699 5.41 -23.78 -4.05
N GLY B 700 6.56 -23.21 -3.69
CA GLY B 700 7.83 -23.85 -4.00
C GLY B 700 7.98 -25.18 -3.26
N HIS B 701 7.48 -25.22 -2.03
CA HIS B 701 7.44 -26.48 -1.29
C HIS B 701 6.71 -27.54 -2.09
N ASN B 702 5.52 -27.20 -2.61
CA ASN B 702 4.74 -28.16 -3.37
C ASN B 702 5.41 -28.50 -4.70
N LEU B 703 6.14 -27.55 -5.30
CA LEU B 703 6.87 -27.86 -6.52
C LEU B 703 7.93 -28.92 -6.26
N LEU B 704 8.70 -28.74 -5.19
CA LEU B 704 9.72 -29.73 -4.84
C LEU B 704 9.09 -31.06 -4.51
N LYS B 705 7.94 -31.04 -3.82
CA LYS B 705 7.24 -32.29 -3.55
C LYS B 705 6.78 -32.97 -4.84
N ALA B 706 6.30 -32.18 -5.80
CA ALA B 706 5.87 -32.72 -7.08
C ALA B 706 7.03 -33.39 -7.80
N HIS B 707 8.18 -32.70 -7.84
CA HIS B 707 9.37 -33.29 -8.43
C HIS B 707 9.74 -34.60 -7.74
N ALA B 708 9.62 -34.63 -6.41
CA ALA B 708 10.00 -35.83 -5.67
C ALA B 708 9.08 -37.00 -6.02
N LEU B 709 7.77 -36.76 -5.99
CA LEU B 709 6.81 -37.80 -6.35
C LEU B 709 7.02 -38.28 -7.77
N ALA B 710 7.22 -37.35 -8.72
CA ALA B 710 7.40 -37.75 -10.12
C ALA B 710 8.65 -38.60 -10.27
N TRP B 711 9.73 -38.22 -9.60
CA TRP B 711 10.98 -38.97 -9.73
C TRP B 711 10.84 -40.35 -9.12
N HIS B 712 10.25 -40.43 -7.93
CA HIS B 712 10.07 -41.74 -7.30
C HIS B 712 9.16 -42.63 -8.14
N VAL B 713 8.15 -42.03 -8.80
CA VAL B 713 7.27 -42.80 -9.67
C VAL B 713 8.05 -43.38 -10.85
N TYR B 714 8.64 -42.49 -11.66
CA TYR B 714 9.35 -42.97 -12.84
C TYR B 714 10.54 -43.84 -12.49
N ASN B 715 10.99 -43.82 -11.24
CA ASN B 715 12.09 -44.69 -10.85
C ASN B 715 11.56 -46.06 -10.46
N GLU B 716 10.55 -46.11 -9.59
CA GLU B 716 10.10 -47.38 -9.04
C GLU B 716 9.12 -48.10 -9.96
N LYS B 717 8.78 -47.55 -11.13
CA LYS B 717 7.84 -48.28 -11.98
C LYS B 717 8.20 -48.32 -13.47
N PHE B 718 9.12 -47.49 -13.96
CA PHE B 718 9.37 -47.42 -15.39
C PHE B 718 10.84 -47.46 -15.78
N ARG B 719 11.77 -47.15 -14.86
CA ARG B 719 13.17 -47.03 -15.26
C ARG B 719 13.74 -48.37 -15.69
N HIS B 720 13.32 -49.46 -15.03
CA HIS B 720 13.86 -50.78 -15.36
C HIS B 720 13.43 -51.25 -16.73
N ALA B 721 12.14 -51.09 -17.06
CA ALA B 721 11.66 -51.49 -18.39
C ALA B 721 11.87 -50.42 -19.45
N GLN B 722 12.06 -49.17 -19.05
CA GLN B 722 12.34 -48.07 -19.98
C GLN B 722 13.53 -47.29 -19.44
N ASN B 723 14.67 -47.41 -20.12
CA ASN B 723 15.85 -46.68 -19.70
C ASN B 723 15.60 -45.18 -19.81
N GLY B 724 16.44 -44.40 -19.14
CA GLY B 724 16.39 -42.96 -19.26
C GLY B 724 16.85 -42.30 -17.98
N LYS B 725 17.02 -40.98 -18.08
CA LYS B 725 17.32 -40.14 -16.93
C LYS B 725 16.27 -39.04 -16.83
N ILE B 726 15.97 -38.62 -15.59
CA ILE B 726 15.01 -37.57 -15.34
C ILE B 726 15.55 -36.66 -14.24
N SER B 727 15.67 -35.37 -14.54
CA SER B 727 16.20 -34.41 -13.59
C SER B 727 15.52 -33.06 -13.84
N ILE B 728 16.10 -31.99 -13.29
CA ILE B 728 15.49 -30.67 -13.36
C ILE B 728 16.34 -29.75 -14.24
N ALA B 729 15.69 -28.71 -14.76
CA ALA B 729 16.35 -27.63 -15.48
C ALA B 729 16.09 -26.34 -14.72
N LEU B 730 17.11 -25.87 -14.00
CA LEU B 730 16.94 -24.79 -13.04
C LEU B 730 17.60 -23.52 -13.54
N GLN B 731 16.98 -22.37 -13.24
CA GLN B 731 17.46 -21.09 -13.73
C GLN B 731 18.72 -20.70 -12.97
N ALA B 732 19.83 -20.57 -13.69
CA ALA B 732 21.12 -20.30 -13.07
C ALA B 732 21.85 -19.17 -13.81
N ASP B 733 21.13 -18.08 -14.07
CA ASP B 733 21.76 -16.85 -14.55
C ASP B 733 22.81 -16.39 -13.55
N TRP B 734 24.06 -16.31 -13.99
CA TRP B 734 25.16 -16.02 -13.07
C TRP B 734 25.00 -14.64 -12.43
N ILE B 735 25.27 -14.58 -11.13
CA ILE B 735 25.34 -13.35 -10.37
C ILE B 735 26.81 -13.09 -10.03
N GLU B 736 27.39 -12.05 -10.64
CA GLU B 736 28.77 -11.73 -10.33
C GLU B 736 28.84 -10.59 -9.31
N PRO B 737 29.79 -10.65 -8.38
CA PRO B 737 30.03 -9.49 -7.51
C PRO B 737 30.53 -8.30 -8.31
N ALA B 738 29.91 -7.14 -8.05
CA ALA B 738 30.34 -5.90 -8.70
C ALA B 738 31.80 -5.59 -8.40
N CYS B 739 32.19 -5.71 -7.13
CA CYS B 739 33.58 -5.52 -6.74
C CYS B 739 34.21 -6.89 -6.55
N PRO B 740 35.02 -7.38 -7.50
CA PRO B 740 35.60 -8.73 -7.38
C PRO B 740 36.51 -8.92 -6.18
N PHE B 741 36.76 -7.87 -5.39
CA PHE B 741 37.59 -7.99 -4.19
C PHE B 741 36.87 -7.51 -2.94
N SER B 742 35.54 -7.41 -2.96
CA SER B 742 34.77 -6.99 -1.81
C SER B 742 33.93 -8.17 -1.30
N GLN B 743 33.86 -8.31 0.02
CA GLN B 743 33.27 -9.51 0.59
C GLN B 743 31.74 -9.43 0.61
N LYS B 744 31.19 -8.25 0.93
CA LYS B 744 29.74 -8.13 1.03
C LYS B 744 29.08 -8.41 -0.31
N ASP B 745 29.74 -8.05 -1.42
CA ASP B 745 29.26 -8.45 -2.74
C ASP B 745 29.22 -9.97 -2.86
N LYS B 746 30.25 -10.65 -2.36
CA LYS B 746 30.25 -12.10 -2.40
C LYS B 746 29.06 -12.67 -1.63
N GLU B 747 28.82 -12.16 -0.42
CA GLU B 747 27.71 -12.65 0.39
C GLU B 747 26.35 -12.40 -0.27
N VAL B 748 26.14 -11.20 -0.81
CA VAL B 748 24.85 -10.94 -1.45
C VAL B 748 24.70 -11.77 -2.72
N ALA B 749 25.80 -12.04 -3.42
CA ALA B 749 25.75 -12.94 -4.57
C ALA B 749 25.33 -14.33 -4.14
N GLU B 750 25.95 -14.86 -3.08
CA GLU B 750 25.52 -16.14 -2.54
C GLU B 750 24.03 -16.14 -2.21
N ARG B 751 23.53 -15.06 -1.59
CA ARG B 751 22.14 -15.06 -1.15
C ARG B 751 21.20 -15.05 -2.34
N VAL B 752 21.47 -14.18 -3.33
CA VAL B 752 20.59 -14.08 -4.49
C VAL B 752 20.66 -15.37 -5.31
N LEU B 753 21.81 -16.05 -5.29
CA LEU B 753 21.87 -17.37 -5.91
C LEU B 753 21.01 -18.37 -5.15
N GLU B 754 21.16 -18.43 -3.83
CA GLU B 754 20.42 -19.43 -3.06
C GLU B 754 18.92 -19.21 -3.17
N PHE B 755 18.50 -17.99 -3.46
CA PHE B 755 17.08 -17.76 -3.68
C PHE B 755 16.68 -18.02 -5.14
N ASP B 756 17.59 -17.78 -6.09
CA ASP B 756 17.30 -18.11 -7.49
C ASP B 756 17.59 -19.58 -7.78
N ILE B 757 18.84 -20.00 -7.62
CA ILE B 757 19.25 -21.36 -7.96
C ILE B 757 19.13 -22.29 -6.75
N GLY B 758 19.67 -21.89 -5.59
CA GLY B 758 19.71 -22.78 -4.45
C GLY B 758 18.35 -23.12 -3.86
N TRP B 759 17.38 -22.20 -3.97
CA TRP B 759 16.07 -22.42 -3.39
C TRP B 759 15.43 -23.72 -3.89
N LEU B 760 15.47 -23.96 -5.19
CA LEU B 760 14.97 -25.21 -5.76
C LEU B 760 16.09 -26.21 -6.07
N ALA B 761 17.26 -26.05 -5.47
CA ALA B 761 18.35 -26.98 -5.73
C ALA B 761 18.89 -27.67 -4.49
N GLU B 762 18.94 -26.97 -3.35
CA GLU B 762 19.53 -27.57 -2.16
C GLU B 762 18.76 -28.80 -1.66
N PRO B 763 17.42 -28.82 -1.64
CA PRO B 763 16.74 -30.07 -1.26
C PRO B 763 16.85 -31.15 -2.31
N ILE B 764 17.03 -30.79 -3.58
CA ILE B 764 17.15 -31.81 -4.63
C ILE B 764 18.59 -32.31 -4.73
N PHE B 765 19.57 -31.41 -4.70
CA PHE B 765 20.96 -31.76 -4.98
C PHE B 765 21.75 -32.08 -3.72
N GLY B 766 21.66 -31.24 -2.70
CA GLY B 766 22.60 -31.31 -1.60
C GLY B 766 22.06 -31.92 -0.32
N SER B 767 22.18 -31.19 0.79
CA SER B 767 21.85 -31.75 2.10
C SER B 767 20.41 -32.26 2.16
N GLY B 768 19.49 -31.60 1.48
CA GLY B 768 18.08 -31.97 1.49
C GLY B 768 17.18 -30.96 2.15
N ASP B 769 17.69 -29.83 2.61
CA ASP B 769 16.90 -28.74 3.16
C ASP B 769 17.37 -27.43 2.54
N TYR B 770 16.72 -26.34 2.93
CA TYR B 770 17.02 -25.04 2.32
C TYR B 770 18.47 -24.65 2.60
N PRO B 771 19.03 -23.76 1.78
CA PRO B 771 20.37 -23.25 2.07
C PRO B 771 20.44 -22.55 3.42
N TRP B 772 21.66 -22.42 3.93
CA TRP B 772 21.85 -21.84 5.26
C TRP B 772 21.58 -20.33 5.23
N VAL B 773 22.15 -19.63 4.25
CA VAL B 773 22.14 -18.18 4.30
C VAL B 773 20.73 -17.63 4.04
N MET B 774 19.92 -18.35 3.26
CA MET B 774 18.57 -17.87 3.00
C MET B 774 17.71 -17.89 4.26
N ARG B 775 17.78 -18.99 5.01
CA ARG B 775 17.04 -19.04 6.27
C ARG B 775 17.63 -18.10 7.31
N ASP B 776 18.95 -17.92 7.32
CA ASP B 776 19.55 -16.95 8.23
C ASP B 776 19.04 -15.54 7.93
N TRP B 777 18.86 -15.22 6.66
CA TRP B 777 18.37 -13.90 6.28
C TRP B 777 16.87 -13.76 6.49
N LEU B 778 16.12 -14.85 6.33
CA LEU B 778 14.70 -14.83 6.67
C LEU B 778 14.49 -14.60 8.16
N ASN B 779 15.34 -15.18 8.99
CA ASN B 779 15.13 -15.10 10.43
C ASN B 779 15.67 -13.80 11.00
N GLN B 780 16.84 -13.36 10.54
CA GLN B 780 17.42 -12.13 11.08
C GLN B 780 16.61 -10.90 10.70
N ARG B 781 15.98 -10.89 9.52
CA ARG B 781 15.17 -9.78 9.05
C ARG B 781 13.72 -9.83 9.53
N ASN B 782 13.37 -10.75 10.43
CA ASN B 782 12.01 -10.87 10.96
C ASN B 782 10.94 -10.84 9.87
N ASN B 783 11.27 -11.33 8.67
CA ASN B 783 10.32 -11.51 7.58
C ASN B 783 10.49 -12.94 7.08
N PHE B 784 9.40 -13.71 7.14
CA PHE B 784 9.44 -15.15 6.88
C PHE B 784 8.07 -15.74 6.61
N LEU B 785 7.92 -16.42 5.48
CA LEU B 785 6.77 -17.29 5.28
C LEU B 785 7.14 -18.71 4.89
N LEU B 786 8.44 -19.01 4.70
CA LEU B 786 8.90 -20.32 4.27
C LEU B 786 8.44 -21.48 5.14
N PRO B 787 8.18 -22.64 4.54
CA PRO B 787 7.99 -23.87 5.31
C PRO B 787 9.32 -24.53 5.65
N TYR B 788 9.30 -25.40 6.64
CA TYR B 788 10.45 -26.26 6.94
C TYR B 788 10.16 -27.69 6.50
N PHE B 789 11.21 -28.51 6.52
CA PHE B 789 11.11 -29.89 6.06
C PHE B 789 10.96 -30.87 7.21
N THR B 790 9.98 -31.76 7.08
CA THR B 790 9.79 -32.88 8.00
C THR B 790 10.56 -34.09 7.47
N GLU B 791 10.99 -34.96 8.40
CA GLU B 791 11.93 -36.02 8.05
C GLU B 791 11.45 -36.86 6.87
N ASP B 792 10.16 -37.19 6.84
CA ASP B 792 9.60 -37.90 5.69
C ASP B 792 9.75 -37.06 4.42
N GLU B 793 9.42 -35.77 4.50
CA GLU B 793 9.60 -34.90 3.34
C GLU B 793 11.06 -34.84 2.93
N LYS B 794 11.96 -34.76 3.91
CA LYS B 794 13.39 -34.67 3.60
C LYS B 794 13.87 -35.91 2.87
N LYS B 795 13.50 -37.10 3.35
CA LYS B 795 13.85 -38.31 2.62
C LYS B 795 13.14 -38.41 1.27
N LEU B 796 12.00 -37.72 1.11
CA LEU B 796 11.33 -37.73 -0.18
C LEU B 796 12.09 -36.90 -1.21
N ILE B 797 12.49 -35.69 -0.84
CA ILE B 797 13.02 -34.76 -1.83
C ILE B 797 14.43 -35.16 -2.24
N GLN B 798 15.27 -35.51 -1.26
CA GLN B 798 16.71 -35.54 -1.49
C GLN B 798 17.10 -36.69 -2.40
N GLY B 799 18.09 -36.46 -3.25
CA GLY B 799 18.79 -37.52 -3.95
C GLY B 799 18.21 -37.88 -5.29
N THR B 800 17.24 -37.11 -5.79
CA THR B 800 16.67 -37.34 -7.12
C THR B 800 17.24 -36.28 -8.08
N PHE B 801 18.45 -36.53 -8.56
CA PHE B 801 18.97 -35.77 -9.68
C PHE B 801 19.99 -36.60 -10.46
N ASP B 802 19.70 -36.84 -11.74
CA ASP B 802 20.56 -37.70 -12.54
C ASP B 802 21.43 -36.90 -13.49
N PHE B 803 21.03 -35.67 -13.82
CA PHE B 803 21.84 -34.72 -14.55
C PHE B 803 21.50 -33.33 -14.01
N LEU B 804 22.10 -32.31 -14.61
CA LEU B 804 21.91 -30.94 -14.14
C LEU B 804 21.90 -30.04 -15.36
N ALA B 805 20.73 -29.50 -15.69
CA ALA B 805 20.54 -28.65 -16.86
C ALA B 805 20.66 -27.20 -16.40
N LEU B 806 21.90 -26.71 -16.36
CA LEU B 806 22.13 -25.31 -16.09
C LEU B 806 21.57 -24.44 -17.22
N SER B 807 20.75 -23.46 -16.85
CA SER B 807 20.12 -22.54 -17.80
C SER B 807 20.76 -21.17 -17.61
N HIS B 808 21.51 -20.71 -18.61
CA HIS B 808 22.27 -19.46 -18.50
C HIS B 808 22.03 -18.61 -19.74
N TYR B 809 21.27 -17.53 -19.60
CA TYR B 809 21.00 -16.64 -20.71
C TYR B 809 22.00 -15.50 -20.76
N THR B 810 22.18 -14.79 -19.65
CA THR B 810 23.05 -13.63 -19.57
C THR B 810 23.78 -13.68 -18.23
N THR B 811 24.36 -12.54 -17.83
CA THR B 811 24.95 -12.40 -16.50
C THR B 811 24.53 -11.06 -15.93
N ILE B 812 24.02 -11.07 -14.70
CA ILE B 812 23.61 -9.85 -14.01
C ILE B 812 24.61 -9.55 -12.90
N LEU B 813 24.63 -8.29 -12.48
CA LEU B 813 25.51 -7.83 -11.41
C LEU B 813 24.69 -7.39 -10.21
N VAL B 814 25.21 -7.66 -9.02
CA VAL B 814 24.59 -7.24 -7.76
C VAL B 814 25.44 -6.17 -7.10
N ASP B 815 24.77 -5.29 -6.35
CA ASP B 815 25.45 -4.32 -5.50
C ASP B 815 24.70 -4.23 -4.18
N SER B 816 25.44 -3.99 -3.10
CA SER B 816 24.92 -4.17 -1.76
C SER B 816 24.36 -2.89 -1.15
N GLU B 817 24.81 -1.71 -1.61
CA GLU B 817 24.40 -0.44 -1.03
C GLU B 817 23.31 0.17 -1.89
N LYS B 818 22.31 0.77 -1.23
CA LYS B 818 21.28 1.49 -1.96
C LYS B 818 21.86 2.64 -2.76
N GLU B 819 21.42 2.76 -4.01
CA GLU B 819 21.80 3.87 -4.88
C GLU B 819 20.62 4.47 -5.61
N ASP B 820 19.51 3.73 -5.75
CA ASP B 820 18.30 4.15 -6.43
C ASP B 820 17.10 3.77 -5.55
N PRO B 821 16.09 4.63 -5.48
CA PRO B 821 14.94 4.30 -4.63
C PRO B 821 14.04 3.21 -5.22
N ILE B 822 13.92 3.16 -6.55
CA ILE B 822 12.94 2.28 -7.16
C ILE B 822 13.52 0.91 -7.51
N LYS B 823 14.83 0.82 -7.76
CA LYS B 823 15.43 -0.39 -8.30
C LYS B 823 16.47 -1.01 -7.36
N TYR B 824 16.37 -0.75 -6.06
CA TYR B 824 17.20 -1.42 -5.06
C TYR B 824 16.29 -2.30 -4.21
N ASN B 825 16.25 -3.59 -4.53
CA ASN B 825 15.29 -4.50 -3.93
C ASN B 825 15.60 -4.63 -2.45
N ASP B 826 14.77 -4.03 -1.60
CA ASP B 826 15.05 -3.98 -0.17
C ASP B 826 15.02 -5.36 0.45
N TYR B 827 14.02 -6.18 0.09
CA TYR B 827 13.82 -7.48 0.75
C TYR B 827 15.10 -8.31 0.77
N LEU B 828 15.78 -8.41 -0.37
CA LEU B 828 17.09 -9.05 -0.42
C LEU B 828 18.25 -8.07 -0.23
N GLU B 829 17.96 -6.80 0.03
CA GLU B 829 18.97 -5.73 0.04
C GLU B 829 19.91 -5.85 -1.15
N VAL B 830 19.32 -6.00 -2.34
CA VAL B 830 20.05 -6.24 -3.56
C VAL B 830 19.77 -5.12 -4.56
N GLN B 831 20.84 -4.64 -5.20
CA GLN B 831 20.75 -3.66 -6.28
C GLN B 831 21.18 -4.35 -7.56
N GLU B 832 20.24 -4.52 -8.49
CA GLU B 832 20.54 -5.19 -9.74
C GLU B 832 21.17 -4.21 -10.72
N MET B 833 22.20 -4.67 -11.43
CA MET B 833 22.95 -3.83 -12.34
C MET B 833 23.38 -4.67 -13.54
N THR B 834 23.55 -4.01 -14.68
CA THR B 834 24.09 -4.62 -15.88
C THR B 834 25.25 -3.76 -16.36
N ASP B 835 26.40 -4.39 -16.61
CA ASP B 835 27.56 -3.65 -17.07
C ASP B 835 27.28 -3.00 -18.42
N ILE B 836 27.93 -1.87 -18.65
CA ILE B 836 27.61 -1.02 -19.79
C ILE B 836 28.56 -1.24 -20.96
N THR B 837 29.73 -1.82 -20.72
CA THR B 837 30.74 -1.94 -21.78
C THR B 837 30.53 -3.18 -22.64
N TRP B 838 29.81 -4.18 -22.13
CA TRP B 838 29.54 -5.38 -22.88
C TRP B 838 28.73 -5.05 -24.13
N LEU B 839 28.80 -5.95 -25.11
CA LEU B 839 27.85 -5.87 -26.22
C LEU B 839 26.44 -6.13 -25.68
N ASN B 840 25.54 -5.22 -25.97
CA ASN B 840 24.22 -5.55 -25.43
C ASN B 840 23.31 -5.94 -26.57
N SER B 841 22.04 -6.05 -26.25
CA SER B 841 21.00 -6.41 -27.20
C SER B 841 20.04 -5.24 -27.42
N PRO B 842 19.39 -5.18 -28.59
CA PRO B 842 18.28 -4.23 -28.77
C PRO B 842 17.15 -4.40 -27.76
N SER B 843 17.13 -5.50 -27.00
CA SER B 843 16.24 -5.64 -25.85
C SER B 843 16.99 -5.60 -24.53
N GLN B 844 18.27 -5.20 -24.55
CA GLN B 844 19.06 -4.98 -23.34
C GLN B 844 19.17 -6.26 -22.51
N VAL B 845 19.86 -7.24 -23.10
CA VAL B 845 20.27 -8.45 -22.40
C VAL B 845 21.70 -8.77 -22.78
N ALA B 846 22.57 -8.82 -21.78
CA ALA B 846 24.02 -8.80 -22.00
C ALA B 846 24.53 -10.13 -22.53
N VAL B 847 25.63 -10.08 -23.27
CA VAL B 847 26.37 -11.27 -23.68
C VAL B 847 27.71 -11.26 -22.96
N VAL B 848 28.00 -12.35 -22.24
CA VAL B 848 29.26 -12.47 -21.49
C VAL B 848 29.80 -13.88 -21.67
N PRO B 849 30.89 -14.07 -22.44
CA PRO B 849 31.38 -15.43 -22.69
C PRO B 849 31.81 -16.17 -21.44
N TRP B 850 32.55 -15.50 -20.54
CA TRP B 850 33.13 -16.17 -19.38
C TRP B 850 32.11 -16.52 -18.30
N GLY B 851 30.86 -16.10 -18.44
CA GLY B 851 29.85 -16.31 -17.43
C GLY B 851 29.67 -17.79 -17.16
N LEU B 852 29.37 -18.53 -18.24
CA LEU B 852 29.01 -19.93 -18.10
C LEU B 852 30.08 -20.68 -17.32
N ARG B 853 31.36 -20.41 -17.62
CA ARG B 853 32.43 -21.19 -17.00
C ARG B 853 32.42 -20.98 -15.49
N LYS B 854 32.03 -19.79 -15.05
CA LYS B 854 31.89 -19.50 -13.63
C LYS B 854 30.73 -20.28 -13.04
N VAL B 855 29.55 -20.15 -13.63
CA VAL B 855 28.39 -20.78 -13.00
C VAL B 855 28.52 -22.30 -13.07
N LEU B 856 29.32 -22.81 -14.01
CA LEU B 856 29.71 -24.22 -14.06
C LEU B 856 30.58 -24.58 -12.86
N ASN B 857 31.71 -23.88 -12.71
CA ASN B 857 32.60 -24.19 -11.59
C ASN B 857 31.85 -24.11 -10.27
N TRP B 858 31.08 -23.03 -10.06
CA TRP B 858 30.25 -22.92 -8.86
C TRP B 858 29.36 -24.15 -8.67
N LEU B 859 28.65 -24.56 -9.73
CA LEU B 859 27.71 -25.65 -9.54
C LEU B 859 28.39 -26.99 -9.42
N LYS B 860 29.71 -27.04 -9.61
CA LYS B 860 30.44 -28.25 -9.22
C LYS B 860 30.97 -28.11 -7.80
N PHE B 861 31.39 -26.89 -7.42
CA PHE B 861 31.90 -26.63 -6.09
C PHE B 861 30.83 -26.86 -5.02
N LYS B 862 29.56 -26.79 -5.41
CA LYS B 862 28.45 -26.85 -4.46
C LYS B 862 27.80 -28.22 -4.41
N TYR B 863 27.63 -28.90 -5.56
CA TYR B 863 26.84 -30.12 -5.63
C TYR B 863 27.66 -31.30 -6.14
N GLY B 864 28.98 -31.22 -6.05
CA GLY B 864 29.83 -32.33 -6.44
C GLY B 864 29.88 -32.58 -7.92
N ASP B 865 30.91 -33.29 -8.38
CA ASP B 865 31.06 -33.55 -9.80
C ASP B 865 29.93 -34.45 -10.30
N LEU B 866 29.37 -34.08 -11.45
CA LEU B 866 28.19 -34.75 -12.00
C LEU B 866 27.98 -34.32 -13.45
N PRO B 867 27.36 -35.16 -14.27
CA PRO B 867 27.12 -34.80 -15.68
C PRO B 867 26.26 -33.54 -15.81
N MET B 868 26.82 -32.51 -16.41
CA MET B 868 26.19 -31.19 -16.49
C MET B 868 25.82 -30.87 -17.94
N TYR B 869 24.57 -30.50 -18.17
CA TYR B 869 24.14 -29.93 -19.44
C TYR B 869 23.98 -28.42 -19.32
N ILE B 870 24.20 -27.72 -20.44
CA ILE B 870 23.81 -26.32 -20.57
C ILE B 870 22.57 -26.31 -21.47
N ILE B 871 21.40 -26.15 -20.86
CA ILE B 871 20.17 -26.47 -21.57
C ILE B 871 19.57 -25.27 -22.32
N SER B 872 19.77 -24.04 -21.83
CA SER B 872 19.19 -22.86 -22.47
C SER B 872 20.18 -21.70 -22.47
N ASN B 873 20.57 -21.30 -23.68
CA ASN B 873 21.57 -20.22 -23.83
C ASN B 873 21.42 -19.57 -25.21
N GLY B 874 21.00 -18.31 -25.28
CA GLY B 874 20.93 -17.63 -26.55
C GLY B 874 20.60 -16.17 -26.37
N ILE B 875 20.87 -15.39 -27.42
CA ILE B 875 20.54 -13.97 -27.43
C ILE B 875 19.61 -13.70 -28.61
N ASP B 876 19.04 -12.50 -28.63
CA ASP B 876 18.11 -12.10 -29.69
C ASP B 876 18.88 -11.46 -30.84
N ASP B 877 18.16 -10.80 -31.74
CA ASP B 877 18.79 -10.09 -32.85
C ASP B 877 19.70 -8.98 -32.32
N GLY B 878 20.49 -8.40 -33.22
CA GLY B 878 21.38 -7.32 -32.83
C GLY B 878 21.98 -6.58 -34.01
N LEU B 879 22.24 -5.28 -33.84
CA LEU B 879 22.95 -4.48 -34.83
C LEU B 879 22.24 -4.51 -36.19
N HIS B 880 21.09 -3.83 -36.22
CA HIS B 880 20.17 -3.99 -37.35
C HIS B 880 20.75 -3.43 -38.64
N ALA B 881 21.85 -4.04 -39.09
CA ALA B 881 22.35 -3.92 -40.45
C ALA B 881 22.63 -5.33 -40.94
N GLU B 882 22.91 -6.21 -39.99
CA GLU B 882 23.00 -7.65 -40.22
C GLU B 882 22.72 -8.33 -38.89
N ASP B 883 21.56 -8.97 -38.77
CA ASP B 883 21.04 -9.44 -37.49
C ASP B 883 21.83 -10.60 -36.90
N ASP B 884 22.87 -11.08 -37.57
CA ASP B 884 23.63 -12.24 -37.11
C ASP B 884 24.99 -11.87 -36.51
N GLN B 885 25.47 -10.65 -36.72
CA GLN B 885 26.82 -10.30 -36.31
C GLN B 885 27.05 -10.45 -34.81
N LEU B 886 25.98 -10.49 -34.02
CA LEU B 886 26.10 -10.65 -32.57
C LEU B 886 25.90 -12.08 -32.11
N ARG B 887 24.98 -12.83 -32.74
CA ARG B 887 24.82 -14.23 -32.39
C ARG B 887 26.00 -15.09 -32.81
N VAL B 888 26.73 -14.69 -33.87
CA VAL B 888 27.94 -15.41 -34.23
C VAL B 888 28.99 -15.25 -33.14
N TYR B 889 29.20 -14.03 -32.66
CA TYR B 889 30.04 -13.81 -31.49
C TYR B 889 29.52 -14.60 -30.30
N TYR B 890 28.21 -14.55 -30.07
CA TYR B 890 27.58 -15.20 -28.92
C TYR B 890 27.96 -16.68 -28.87
N MET B 891 27.57 -17.42 -29.91
CA MET B 891 27.90 -18.85 -29.95
C MET B 891 29.40 -19.08 -29.95
N GLN B 892 30.12 -18.44 -30.90
CA GLN B 892 31.55 -18.63 -31.05
C GLN B 892 32.31 -18.50 -29.74
N ASN B 893 31.84 -17.64 -28.82
CA ASN B 893 32.56 -17.44 -27.58
C ASN B 893 31.97 -18.23 -26.42
N TYR B 894 30.64 -18.42 -26.38
CA TYR B 894 30.06 -19.18 -25.28
C TYR B 894 30.49 -20.63 -25.36
N ILE B 895 30.44 -21.23 -26.55
CA ILE B 895 30.82 -22.63 -26.66
C ILE B 895 32.31 -22.78 -26.42
N ASN B 896 33.06 -21.75 -26.77
CA ASN B 896 34.53 -21.81 -26.52
C ASN B 896 34.73 -21.85 -25.00
N GLU B 897 34.14 -20.90 -24.29
CA GLU B 897 34.31 -20.86 -22.84
C GLU B 897 33.83 -22.16 -22.19
N ALA B 898 32.81 -22.80 -22.77
CA ALA B 898 32.39 -24.09 -22.25
C ALA B 898 33.48 -25.15 -22.46
N LEU B 899 34.03 -25.21 -23.68
CA LEU B 899 35.23 -26.03 -23.91
C LEU B 899 36.33 -25.71 -22.91
N LYS B 900 36.52 -24.43 -22.61
CA LYS B 900 37.55 -24.01 -21.66
C LYS B 900 37.31 -24.62 -20.29
N ALA B 901 36.06 -24.58 -19.83
CA ALA B 901 35.70 -25.27 -18.59
C ALA B 901 36.01 -26.77 -18.71
N HIS B 902 35.72 -27.35 -19.87
CA HIS B 902 35.90 -28.79 -20.03
C HIS B 902 37.37 -29.18 -20.07
N ILE B 903 38.27 -28.24 -20.34
CA ILE B 903 39.70 -28.53 -20.49
C ILE B 903 40.49 -28.17 -19.25
N LEU B 904 40.30 -26.96 -18.72
CA LEU B 904 41.18 -26.43 -17.69
C LEU B 904 40.67 -26.69 -16.27
N ASP B 905 39.40 -27.07 -16.10
CA ASP B 905 38.82 -27.18 -14.77
C ASP B 905 38.24 -28.55 -14.48
N GLY B 906 37.92 -29.35 -15.50
CA GLY B 906 37.39 -30.68 -15.29
C GLY B 906 35.90 -30.74 -15.15
N ILE B 907 35.17 -29.68 -15.50
CA ILE B 907 33.72 -29.66 -15.46
C ILE B 907 33.16 -30.52 -16.58
N ASN B 908 32.77 -31.75 -16.26
CA ASN B 908 32.38 -32.74 -17.26
C ASN B 908 31.07 -32.30 -17.89
N LEU B 909 31.14 -31.71 -19.07
CA LEU B 909 29.95 -31.35 -19.82
C LEU B 909 29.32 -32.58 -20.46
N CYS B 910 28.11 -32.41 -20.98
CA CYS B 910 27.46 -33.47 -21.76
C CYS B 910 26.91 -32.92 -23.07
N GLY B 911 26.38 -31.71 -23.04
CA GLY B 911 25.74 -31.25 -24.29
C GLY B 911 25.25 -29.83 -24.17
N TYR B 912 25.51 -29.04 -25.21
CA TYR B 912 25.08 -27.64 -25.20
C TYR B 912 23.81 -27.50 -26.05
N PHE B 913 23.14 -26.37 -25.93
CA PHE B 913 21.91 -26.06 -26.64
C PHE B 913 21.78 -24.56 -26.77
N ALA B 914 21.44 -24.09 -27.97
CA ALA B 914 21.08 -22.69 -28.14
C ALA B 914 19.56 -22.52 -28.16
N TYR B 915 19.12 -21.31 -27.86
CA TYR B 915 17.71 -21.02 -27.65
C TYR B 915 17.07 -20.51 -28.94
N SER B 916 15.78 -20.82 -29.11
CA SER B 916 14.93 -20.18 -30.13
C SER B 916 15.45 -20.46 -31.54
N PHE B 917 15.27 -21.70 -31.98
CA PHE B 917 15.64 -22.07 -33.34
C PHE B 917 14.81 -21.35 -34.41
N ASN B 918 13.81 -20.57 -33.96
CA ASN B 918 12.93 -19.81 -34.88
C ASN B 918 12.36 -18.59 -34.15
N ASP B 919 11.90 -17.58 -34.89
CA ASP B 919 11.34 -16.35 -34.32
C ASP B 919 9.83 -16.41 -34.11
N ARG B 920 9.11 -17.17 -34.96
CA ARG B 920 7.65 -17.17 -34.91
C ARG B 920 7.12 -17.45 -33.51
N THR B 921 7.82 -18.26 -32.73
CA THR B 921 7.46 -18.52 -31.34
C THR B 921 8.44 -17.88 -30.36
N ALA B 922 9.27 -16.96 -30.83
CA ALA B 922 10.27 -16.30 -29.99
C ALA B 922 10.67 -14.99 -30.62
N PRO B 923 9.95 -13.90 -30.33
CA PRO B 923 10.24 -12.61 -30.99
C PRO B 923 11.70 -12.19 -30.82
N ARG B 924 12.35 -11.92 -31.95
CA ARG B 924 13.68 -11.35 -32.11
C ARG B 924 14.79 -12.35 -31.79
N PHE B 925 14.47 -13.53 -31.26
CA PHE B 925 15.47 -14.41 -30.68
C PHE B 925 15.94 -15.51 -31.62
N GLY B 926 15.34 -15.64 -32.80
CA GLY B 926 15.49 -16.84 -33.61
C GLY B 926 16.90 -17.03 -34.15
N LEU B 927 17.07 -18.16 -34.84
CA LEU B 927 18.16 -18.35 -35.78
C LEU B 927 17.66 -18.30 -37.22
N TYR B 928 16.69 -19.14 -37.57
CA TYR B 928 15.92 -18.96 -38.79
C TYR B 928 14.90 -17.87 -38.58
N ARG B 929 14.88 -16.89 -39.47
CA ARG B 929 13.88 -15.84 -39.37
C ARG B 929 12.57 -16.30 -39.99
N TYR B 930 11.49 -15.66 -39.60
CA TYR B 930 10.16 -15.89 -40.19
C TYR B 930 9.77 -14.64 -40.96
N ALA B 931 9.81 -14.72 -42.29
CA ALA B 931 9.48 -13.59 -43.15
C ALA B 931 8.62 -14.09 -44.30
N ALA B 932 7.42 -13.50 -44.41
CA ALA B 932 6.48 -13.82 -45.49
C ALA B 932 6.11 -15.30 -45.49
N ASP B 933 5.77 -15.81 -44.30
CA ASP B 933 5.36 -17.20 -44.11
C ASP B 933 6.44 -18.16 -44.63
N GLN B 934 7.66 -17.99 -44.12
CA GLN B 934 8.78 -18.79 -44.58
C GLN B 934 9.91 -18.73 -43.57
N PHE B 935 10.58 -19.86 -43.38
CA PHE B 935 11.75 -19.96 -42.51
C PHE B 935 13.01 -19.90 -43.37
N GLU B 936 13.92 -18.99 -43.02
CA GLU B 936 15.07 -18.69 -43.86
C GLU B 936 16.33 -18.69 -43.01
N PRO B 937 17.41 -19.34 -43.47
CA PRO B 937 18.62 -19.46 -42.64
C PRO B 937 19.38 -18.13 -42.58
N LYS B 938 19.59 -17.65 -41.37
CA LYS B 938 20.48 -16.53 -41.12
C LYS B 938 21.90 -17.02 -40.81
N ALA B 939 22.87 -16.12 -41.02
CA ALA B 939 24.27 -16.54 -41.12
C ALA B 939 24.76 -17.20 -39.83
N SER B 940 24.29 -16.70 -38.67
CA SER B 940 24.74 -17.27 -37.40
C SER B 940 24.33 -18.74 -37.29
N MET B 941 23.23 -19.11 -37.94
CA MET B 941 22.85 -20.52 -38.01
C MET B 941 23.89 -21.31 -38.77
N LYS B 942 24.40 -20.75 -39.88
CA LYS B 942 25.48 -21.40 -40.62
C LYS B 942 26.74 -21.53 -39.78
N HIS B 943 27.05 -20.51 -38.97
CA HIS B 943 28.19 -20.60 -38.05
C HIS B 943 27.98 -21.74 -37.06
N TYR B 944 26.78 -21.81 -36.47
CA TYR B 944 26.41 -22.96 -35.64
C TYR B 944 26.66 -24.27 -36.36
N ARG B 945 26.25 -24.36 -37.64
CA ARG B 945 26.44 -25.59 -38.40
C ARG B 945 27.91 -25.94 -38.53
N LYS B 946 28.74 -24.94 -38.83
CA LYS B 946 30.17 -25.17 -38.93
C LYS B 946 30.74 -25.71 -37.62
N ILE B 947 30.33 -25.14 -36.49
CA ILE B 947 30.84 -25.63 -35.22
C ILE B 947 30.33 -27.04 -34.94
N ILE B 948 29.07 -27.33 -35.27
CA ILE B 948 28.51 -28.63 -34.96
C ILE B 948 29.16 -29.73 -35.79
N ASP B 949 29.31 -29.50 -37.11
CA ASP B 949 29.99 -30.49 -37.94
C ASP B 949 31.46 -30.62 -37.58
N SER B 950 32.11 -29.50 -37.22
CA SER B 950 33.46 -29.60 -36.67
C SER B 950 33.48 -30.28 -35.31
N ASN B 951 32.33 -30.41 -34.65
CA ASN B 951 32.23 -30.98 -33.31
C ASN B 951 33.29 -30.38 -32.38
N GLY B 952 33.18 -29.07 -32.19
CA GLY B 952 34.18 -28.32 -31.46
C GLY B 952 35.27 -27.79 -32.37
N PHE B 953 36.07 -26.90 -31.81
CA PHE B 953 37.15 -26.28 -32.57
C PHE B 953 38.16 -27.33 -33.00
N PRO B 954 38.41 -27.50 -34.31
CA PRO B 954 39.37 -28.52 -34.77
C PRO B 954 40.75 -28.34 -34.16
N GLY B 955 41.17 -29.30 -33.33
CA GLY B 955 42.41 -29.19 -32.63
C GLY B 955 43.60 -29.27 -33.55
N PRO B 956 44.81 -29.14 -32.98
CA PRO B 956 46.07 -29.17 -33.72
C PRO B 956 46.29 -30.50 -34.44
#